data_3ZUH
#
_entry.id   3ZUH
#
_cell.length_a   1.000
_cell.length_b   1.000
_cell.length_c   1.000
_cell.angle_alpha   90.00
_cell.angle_beta   90.00
_cell.angle_gamma   90.00
#
_symmetry.space_group_name_H-M   'P 1'
#
loop_
_entity.id
_entity.type
_entity.pdbx_description
1 polymer 'PROTEIN CBBX'
2 non-polymer RIBULOSE-1,5-DIPHOSPHATE
3 non-polymer "ADENOSINE-5'-DIPHOSPHATE"
#
_entity_poly.entity_id   1
_entity_poly.type   'polypeptide(L)'
_entity_poly.pdbx_seq_one_letter_code
;PTSIDLRAEYEGSGAKEVLEELDRELIGLKPVKDRIRETAALLLVERARQKLGLAHETPTLHMSFTGNPGTGKTTVALKM
AGLLHRLGYVRKGHLVSVTRDDLVGQYIGHTAPKTKEVLKRAMGGVLFIDEAYYLYRPDNERDYGQEAIEILLQVMENNR
DDLVVILAGYADRMENFFQSNPGFRSRIAHHIEFPDYSDEELFEIAGHMLDDQNYQMTPEAETALRAYIGLRRNQPHFAN
ARSIRNALDRARLRQANRLFTASSGPLDARALSTIAEEDIRASRVFKGG
;
_entity_poly.pdbx_strand_id   A,B,C,D,E,F
#
# COMPACT_ATOMS: atom_id res chain seq x y z
N PRO A 1 15.86 15.46 -60.91
CA PRO A 1 16.46 16.15 -59.77
C PRO A 1 17.78 15.53 -59.31
N THR A 2 18.76 16.39 -59.02
CA THR A 2 20.13 15.99 -58.64
C THR A 2 20.66 16.81 -57.46
N SER A 3 20.55 18.14 -57.59
CA SER A 3 20.73 19.07 -56.48
C SER A 3 19.33 19.50 -56.03
N ILE A 4 19.25 20.33 -54.99
CA ILE A 4 17.97 20.88 -54.52
C ILE A 4 18.12 22.34 -54.09
N ASP A 5 17.26 23.19 -54.65
CA ASP A 5 17.18 24.59 -54.23
C ASP A 5 16.36 24.66 -52.94
N LEU A 6 17.03 25.07 -51.86
CA LEU A 6 16.38 25.14 -50.55
C LEU A 6 15.35 26.27 -50.51
N ARG A 7 15.72 27.45 -50.99
CA ARG A 7 14.82 28.60 -51.06
C ARG A 7 13.54 28.30 -51.86
N ALA A 8 13.65 27.40 -52.82
CA ALA A 8 12.49 26.97 -53.62
C ALA A 8 11.46 26.28 -52.74
N GLU A 9 11.94 25.40 -51.86
CA GLU A 9 11.07 24.68 -50.92
C GLU A 9 10.57 25.64 -49.85
N TYR A 10 11.47 26.47 -49.34
CA TYR A 10 11.14 27.43 -48.30
C TYR A 10 10.04 28.38 -48.77
N GLU A 11 10.12 28.81 -50.02
CA GLU A 11 9.12 29.70 -50.60
C GLU A 11 7.91 28.96 -51.15
N GLY A 12 8.10 27.71 -51.55
CA GLY A 12 7.02 26.88 -52.08
C GLY A 12 6.14 26.26 -51.01
N SER A 13 6.71 26.03 -49.83
CA SER A 13 6.02 25.36 -48.74
C SER A 13 5.01 26.27 -48.06
N GLY A 14 5.30 27.57 -48.05
CA GLY A 14 4.55 28.53 -47.22
C GLY A 14 5.07 28.49 -45.80
N ALA A 15 6.22 27.84 -45.61
CA ALA A 15 6.88 27.76 -44.33
C ALA A 15 7.27 29.15 -43.84
N LYS A 16 7.68 30.02 -44.77
CA LYS A 16 7.99 31.41 -44.43
C LYS A 16 6.73 32.12 -43.92
N GLU A 17 5.59 31.82 -44.54
CA GLU A 17 4.30 32.42 -44.17
C GLU A 17 3.84 32.02 -42.76
N VAL A 18 4.31 30.88 -42.28
CA VAL A 18 4.02 30.45 -40.92
C VAL A 18 5.03 31.07 -39.93
N LEU A 19 6.26 31.29 -40.39
CA LEU A 19 7.28 31.92 -39.56
C LEU A 19 7.00 33.40 -39.35
N GLU A 20 6.46 34.05 -40.40
CA GLU A 20 5.95 35.41 -40.30
C GLU A 20 4.78 35.44 -39.33
N GLU A 21 3.85 34.51 -39.51
CA GLU A 21 2.71 34.36 -38.62
C GLU A 21 3.14 34.26 -37.15
N LEU A 22 4.31 33.69 -36.91
CA LEU A 22 4.85 33.53 -35.56
C LEU A 22 5.37 34.84 -34.96
N ASP A 23 6.10 35.62 -35.77
CA ASP A 23 6.58 36.94 -35.34
C ASP A 23 5.41 37.86 -35.01
N ARG A 24 4.40 37.86 -35.87
CA ARG A 24 3.22 38.71 -35.69
C ARG A 24 2.36 38.27 -34.51
N GLU A 25 2.32 36.97 -34.23
CA GLU A 25 1.42 36.43 -33.22
C GLU A 25 2.08 36.02 -31.90
N LEU A 26 3.27 36.55 -31.63
CA LEU A 26 3.96 36.30 -30.37
C LEU A 26 4.70 37.57 -30.00
N ILE A 27 4.25 38.27 -28.94
CA ILE A 27 4.93 39.49 -28.51
C ILE A 27 6.39 39.17 -28.31
N GLY A 28 7.23 39.91 -29.03
CA GLY A 28 8.67 39.66 -29.17
C GLY A 28 9.32 38.77 -28.13
N LEU A 29 9.66 37.55 -28.54
CA LEU A 29 10.58 36.72 -27.79
C LEU A 29 11.59 36.18 -28.81
N LYS A 30 12.34 37.12 -29.39
CA LYS A 30 13.29 36.86 -30.47
C LYS A 30 14.19 35.65 -30.21
N PRO A 31 14.78 35.54 -28.99
CA PRO A 31 15.45 34.31 -28.59
C PRO A 31 14.76 33.03 -29.10
N VAL A 32 13.53 32.78 -28.66
CA VAL A 32 12.79 31.59 -29.07
C VAL A 32 12.55 31.58 -30.57
N LYS A 33 12.01 32.67 -31.10
CA LYS A 33 11.69 32.78 -32.53
C LYS A 33 12.85 32.44 -33.46
N ASP A 34 14.07 32.79 -33.06
CA ASP A 34 15.26 32.44 -33.81
C ASP A 34 15.51 30.94 -33.76
N ARG A 35 15.29 30.34 -32.58
CA ARG A 35 15.44 28.90 -32.38
C ARG A 35 14.45 28.12 -33.25
N ILE A 36 13.26 28.69 -33.44
CA ILE A 36 12.25 28.09 -34.30
C ILE A 36 12.57 28.34 -35.77
N ARG A 37 13.16 29.51 -36.06
CA ARG A 37 13.66 29.82 -37.39
C ARG A 37 14.71 28.75 -37.75
N GLU A 38 15.60 28.48 -36.81
CA GLU A 38 16.70 27.53 -37.03
C GLU A 38 16.20 26.10 -37.22
N THR A 39 15.28 25.67 -36.36
CA THR A 39 14.69 24.34 -36.50
C THR A 39 13.98 24.20 -37.83
N ALA A 40 13.38 25.29 -38.31
CA ALA A 40 12.70 25.30 -39.60
C ALA A 40 13.70 24.95 -40.68
N ALA A 41 14.88 25.58 -40.60
CA ALA A 41 15.97 25.34 -41.56
C ALA A 41 16.37 23.88 -41.62
N LEU A 42 16.61 23.28 -40.44
CA LEU A 42 16.95 21.86 -40.34
C LEU A 42 15.82 20.98 -40.85
N LEU A 43 14.60 21.28 -40.44
CA LEU A 43 13.43 20.56 -40.93
C LEU A 43 13.32 20.63 -42.46
N LEU A 44 13.71 21.78 -43.01
CA LEU A 44 13.75 21.97 -44.44
C LEU A 44 14.78 21.03 -45.05
N VAL A 45 16.03 21.15 -44.58
CA VAL A 45 17.16 20.37 -45.09
C VAL A 45 16.91 18.86 -44.99
N GLU A 46 16.62 18.38 -43.80
CA GLU A 46 16.24 16.98 -43.60
C GLU A 46 15.22 16.50 -44.65
N ARG A 47 14.23 17.33 -44.97
CA ARG A 47 13.20 17.01 -45.97
C ARG A 47 13.81 16.89 -47.37
N ALA A 48 14.64 17.88 -47.73
CA ALA A 48 15.36 17.86 -49.00
C ALA A 48 16.27 16.63 -49.11
N ARG A 49 16.78 16.17 -47.97
CA ARG A 49 17.60 14.98 -47.91
C ARG A 49 16.76 13.72 -48.08
N GLN A 50 15.57 13.71 -47.47
CA GLN A 50 14.63 12.59 -47.63
C GLN A 50 14.12 12.51 -49.08
N LYS A 51 14.10 13.66 -49.77
CA LYS A 51 13.67 13.71 -51.17
C LYS A 51 14.78 13.29 -52.15
N LEU A 52 15.94 12.91 -51.64
CA LEU A 52 17.02 12.41 -52.48
C LEU A 52 17.47 11.02 -52.02
N GLY A 53 16.61 10.36 -51.24
CA GLY A 53 16.86 8.99 -50.79
C GLY A 53 18.06 8.91 -49.88
N LEU A 54 17.94 9.51 -48.69
CA LEU A 54 18.93 9.41 -47.61
C LEU A 54 18.21 9.35 -46.27
N THR A 58 11.44 7.65 -43.49
CA THR A 58 11.08 7.99 -42.12
C THR A 58 12.10 8.96 -41.47
N PRO A 59 11.61 10.13 -41.01
CA PRO A 59 12.42 11.08 -40.24
C PRO A 59 12.45 10.73 -38.74
N THR A 60 12.50 11.74 -37.88
CA THR A 60 12.44 11.57 -36.42
C THR A 60 12.11 12.93 -35.77
N LEU A 61 10.88 13.06 -35.31
CA LEU A 61 10.29 14.40 -35.21
C LEU A 61 9.95 14.94 -33.82
N HIS A 62 9.74 14.07 -32.85
CA HIS A 62 9.18 14.49 -31.57
C HIS A 62 10.04 15.50 -30.86
N MET A 63 9.39 16.36 -30.09
CA MET A 63 10.09 17.45 -29.45
C MET A 63 9.62 17.74 -28.04
N SER A 64 10.45 18.46 -27.29
CA SER A 64 10.12 18.86 -25.95
C SER A 64 10.23 20.38 -25.81
N PHE A 65 9.23 20.99 -25.19
CA PHE A 65 9.22 22.43 -25.01
C PHE A 65 9.30 22.69 -23.51
N THR A 66 10.41 23.27 -23.06
CA THR A 66 10.59 23.52 -21.62
C THR A 66 10.75 25.00 -21.30
N GLY A 67 10.13 25.39 -20.19
CA GLY A 67 10.17 26.76 -19.73
C GLY A 67 9.04 27.03 -18.77
N ASN A 68 8.87 28.31 -18.45
CA ASN A 68 7.82 28.73 -17.54
C ASN A 68 6.49 29.00 -18.23
N PRO A 69 5.41 29.10 -17.45
CA PRO A 69 4.17 29.61 -18.02
C PRO A 69 4.39 30.99 -18.65
N GLY A 70 3.89 31.16 -19.88
CA GLY A 70 3.84 32.47 -20.50
C GLY A 70 5.08 32.78 -21.31
N THR A 71 5.62 31.78 -21.99
CA THR A 71 6.83 31.95 -22.78
C THR A 71 6.60 31.58 -24.24
N GLY A 72 5.38 31.22 -24.57
CA GLY A 72 5.00 30.94 -25.96
C GLY A 72 4.98 29.48 -26.37
N LYS A 73 5.02 28.57 -25.39
CA LYS A 73 5.03 27.13 -25.68
C LYS A 73 3.88 26.71 -26.56
N THR A 74 2.66 27.05 -26.16
CA THR A 74 1.45 26.65 -26.89
C THR A 74 1.39 27.33 -28.25
N THR A 75 1.52 28.65 -28.28
CA THR A 75 1.42 29.39 -29.52
C THR A 75 2.55 29.08 -30.53
N VAL A 76 3.70 28.60 -30.05
CA VAL A 76 4.75 28.11 -30.95
C VAL A 76 4.41 26.70 -31.43
N ALA A 77 3.83 25.90 -30.54
CA ALA A 77 3.48 24.51 -30.87
C ALA A 77 2.46 24.49 -32.00
N LEU A 78 1.54 25.44 -31.96
CA LEU A 78 0.52 25.58 -32.98
C LEU A 78 1.15 25.85 -34.32
N LYS A 79 2.13 26.76 -34.33
CA LYS A 79 2.84 27.13 -35.53
C LYS A 79 3.70 26.00 -36.02
N MET A 80 4.21 25.18 -35.10
CA MET A 80 4.98 24.00 -35.46
C MET A 80 4.15 23.07 -36.30
N ALA A 81 2.97 22.72 -35.79
CA ALA A 81 2.00 21.88 -36.50
C ALA A 81 1.76 22.42 -37.90
N GLY A 82 1.69 23.74 -38.00
CA GLY A 82 1.61 24.42 -39.28
C GLY A 82 2.84 24.07 -40.11
N LEU A 83 3.99 24.55 -39.64
CA LEU A 83 5.27 24.32 -40.32
C LEU A 83 5.44 22.87 -40.74
N LEU A 84 5.20 21.94 -39.81
CA LEU A 84 5.31 20.51 -40.10
C LEU A 84 4.37 20.04 -41.22
N HIS A 85 3.18 20.62 -41.28
CA HIS A 85 2.22 20.29 -42.34
C HIS A 85 2.68 20.88 -43.65
N ARG A 86 3.30 22.06 -43.59
CA ARG A 86 3.84 22.70 -44.80
C ARG A 86 5.10 22.04 -45.37
N LEU A 87 5.81 21.26 -44.56
CA LEU A 87 7.01 20.61 -45.04
C LEU A 87 6.76 19.12 -45.29
N GLY A 88 5.49 18.77 -45.41
CA GLY A 88 5.09 17.40 -45.71
C GLY A 88 5.48 16.34 -44.71
N TYR A 89 5.69 16.74 -43.46
CA TYR A 89 6.01 15.79 -42.41
C TYR A 89 4.73 15.25 -41.80
N VAL A 90 3.71 16.10 -41.82
CA VAL A 90 2.42 15.80 -41.22
C VAL A 90 1.29 15.97 -42.28
N ARG A 91 0.29 15.09 -42.23
CA ARG A 91 -0.77 15.08 -43.26
C ARG A 91 -1.83 16.18 -43.03
N LYS A 92 -2.48 16.17 -41.87
CA LYS A 92 -3.44 17.22 -41.48
C LYS A 92 -2.80 18.08 -40.40
N GLY A 93 -2.26 19.24 -40.78
CA GLY A 93 -1.48 20.04 -39.82
C GLY A 93 -2.27 20.67 -38.68
N HIS A 94 -2.68 19.85 -37.72
CA HIS A 94 -3.56 20.28 -36.64
C HIS A 94 -3.05 19.85 -35.28
N LEU A 95 -3.25 20.71 -34.29
CA LEU A 95 -2.66 20.51 -32.98
C LEU A 95 -3.71 20.07 -31.98
N VAL A 96 -3.49 18.90 -31.39
CA VAL A 96 -4.35 18.36 -30.33
C VAL A 96 -3.63 18.58 -29.02
N SER A 97 -4.15 19.51 -28.21
CA SER A 97 -3.55 19.89 -26.93
C SER A 97 -4.29 19.22 -25.78
N VAL A 98 -3.54 18.54 -24.92
CA VAL A 98 -4.08 17.65 -23.92
C VAL A 98 -3.25 17.76 -22.65
N THR A 99 -3.90 17.57 -21.49
CA THR A 99 -3.18 17.42 -20.21
C THR A 99 -3.19 15.94 -19.81
N ARG A 100 -2.68 15.64 -18.62
CA ARG A 100 -2.64 14.25 -18.16
C ARG A 100 -4.06 13.74 -17.87
N ASP A 101 -4.96 14.66 -17.54
CA ASP A 101 -6.35 14.31 -17.23
C ASP A 101 -7.20 14.00 -18.47
N ASP A 102 -6.58 14.00 -19.65
CA ASP A 102 -7.26 13.60 -20.88
C ASP A 102 -6.81 12.22 -21.35
N LEU A 103 -5.78 11.69 -20.70
CA LEU A 103 -5.16 10.43 -21.11
C LEU A 103 -5.34 9.32 -20.09
N VAL A 104 -5.42 9.70 -18.82
CA VAL A 104 -5.53 8.74 -17.73
C VAL A 104 -6.93 8.80 -17.11
N GLY A 105 -7.58 7.64 -17.03
CA GLY A 105 -8.90 7.54 -16.42
C GLY A 105 -8.80 6.98 -15.03
N GLN A 106 -9.77 7.33 -14.18
CA GLN A 106 -9.79 6.87 -12.80
C GLN A 106 -9.94 5.34 -12.71
N TYR A 107 -10.93 4.79 -13.41
CA TYR A 107 -11.22 3.36 -13.39
C TYR A 107 -10.07 2.47 -13.90
N ILE A 108 -10.00 1.25 -13.35
CA ILE A 108 -8.91 0.32 -13.65
C ILE A 108 -9.06 -0.35 -15.03
N GLY A 109 -8.54 0.31 -16.06
CA GLY A 109 -8.58 -0.22 -17.42
C GLY A 109 -9.23 0.75 -18.38
N HIS A 110 -9.77 1.84 -17.85
CA HIS A 110 -10.38 2.90 -18.65
C HIS A 110 -9.37 4.01 -18.96
N THR A 111 -8.13 3.61 -19.24
CA THR A 111 -7.05 4.55 -19.56
C THR A 111 -6.54 4.26 -20.96
N ALA A 112 -6.30 2.98 -21.24
CA ALA A 112 -5.84 2.50 -22.55
C ALA A 112 -6.77 2.82 -23.73
N PRO A 113 -8.11 2.70 -23.55
CA PRO A 113 -8.95 3.19 -24.64
C PRO A 113 -8.92 4.71 -24.76
N LYS A 114 -8.73 5.40 -23.64
CA LYS A 114 -8.78 6.86 -23.59
C LYS A 114 -7.56 7.52 -24.24
N THR A 115 -6.37 7.03 -23.88
CA THR A 115 -5.13 7.43 -24.54
C THR A 115 -5.24 7.16 -26.04
N LYS A 116 -5.60 5.92 -26.38
CA LYS A 116 -5.73 5.46 -27.77
C LYS A 116 -6.66 6.29 -28.64
N GLU A 117 -7.81 6.68 -28.08
CA GLU A 117 -8.77 7.48 -28.81
C GLU A 117 -8.29 8.92 -28.98
N VAL A 118 -7.69 9.48 -27.94
CA VAL A 118 -7.04 10.79 -28.03
C VAL A 118 -6.02 10.75 -29.16
N LEU A 119 -5.23 9.69 -29.18
CA LEU A 119 -4.22 9.45 -30.23
C LEU A 119 -4.84 9.37 -31.62
N LYS A 120 -6.01 8.74 -31.72
CA LYS A 120 -6.74 8.67 -32.99
C LYS A 120 -7.05 10.10 -33.47
N ARG A 121 -7.50 10.95 -32.55
CA ARG A 121 -7.79 12.34 -32.87
C ARG A 121 -6.51 13.11 -33.24
N ALA A 122 -5.39 12.65 -32.71
CA ALA A 122 -4.10 13.30 -32.95
C ALA A 122 -3.50 12.97 -34.31
N MET A 123 -3.86 11.81 -34.85
CA MET A 123 -3.24 11.26 -36.07
C MET A 123 -3.27 12.20 -37.28
N GLY A 124 -2.15 12.26 -37.98
CA GLY A 124 -1.98 13.19 -39.09
C GLY A 124 -1.57 14.59 -38.67
N GLY A 125 -1.44 14.80 -37.36
CA GLY A 125 -1.06 16.10 -36.79
C GLY A 125 -0.15 15.99 -35.58
N VAL A 126 -0.25 16.97 -34.67
CA VAL A 126 0.59 17.00 -33.48
C VAL A 126 -0.21 16.85 -32.18
N LEU A 127 0.20 15.90 -31.35
CA LEU A 127 -0.29 15.78 -29.99
C LEU A 127 0.59 16.60 -29.07
N PHE A 128 -0.02 17.37 -28.18
CA PHE A 128 0.70 18.30 -27.32
C PHE A 128 0.39 18.05 -25.86
N ILE A 129 1.28 17.35 -25.18
CA ILE A 129 1.07 16.99 -23.79
C ILE A 129 1.69 18.03 -22.86
N ASP A 130 0.84 18.92 -22.34
CA ASP A 130 1.23 19.94 -21.39
C ASP A 130 1.58 19.30 -20.04
N GLU A 131 2.66 19.76 -19.41
CA GLU A 131 3.15 19.21 -18.14
C GLU A 131 3.15 17.68 -18.10
N ALA A 132 3.62 17.08 -19.18
CA ALA A 132 3.57 15.63 -19.41
C ALA A 132 4.01 14.80 -18.20
N TYR A 133 4.99 15.29 -17.46
CA TYR A 133 5.54 14.59 -16.30
C TYR A 133 4.49 14.20 -15.25
N TYR A 134 3.28 14.72 -15.39
CA TYR A 134 2.20 14.37 -14.46
C TYR A 134 1.57 13.03 -14.78
N LEU A 135 1.94 12.45 -15.92
CA LEU A 135 1.53 11.09 -16.25
C LEU A 135 2.22 10.07 -15.34
N TYR A 136 3.42 10.40 -14.87
CA TYR A 136 4.15 9.55 -13.94
C TYR A 136 3.87 9.97 -12.50
N ARG A 137 2.82 9.40 -11.91
CA ARG A 137 2.54 9.65 -10.49
C ARG A 137 2.58 8.36 -9.63
N PRO A 138 3.80 7.86 -9.31
CA PRO A 138 3.91 6.74 -8.37
C PRO A 138 3.77 7.24 -6.94
N ASP A 139 3.61 8.56 -6.80
CA ASP A 139 3.24 9.18 -5.55
C ASP A 139 1.84 8.70 -5.17
N ASN A 140 0.96 8.66 -6.16
CA ASN A 140 -0.42 8.23 -5.99
C ASN A 140 -0.63 6.75 -6.30
N GLU A 141 -1.45 6.10 -5.48
CA GLU A 141 -2.00 4.79 -5.81
C GLU A 141 -3.34 5.01 -6.50
N ARG A 142 -3.74 4.04 -7.33
CA ARG A 142 -4.99 4.11 -8.10
C ARG A 142 -5.01 5.16 -9.23
N ASP A 143 -3.88 5.85 -9.44
CA ASP A 143 -3.66 6.63 -10.66
C ASP A 143 -3.01 5.67 -11.67
N TYR A 144 -3.60 5.53 -12.85
CA TYR A 144 -3.14 4.54 -13.82
C TYR A 144 -2.35 5.14 -14.99
N GLY A 145 -1.56 6.16 -14.67
CA GLY A 145 -0.80 6.91 -15.65
C GLY A 145 0.35 6.20 -16.34
N GLN A 146 0.85 5.12 -15.75
CA GLN A 146 1.96 4.36 -16.33
C GLN A 146 1.58 3.65 -17.63
N GLU A 147 0.31 3.28 -17.76
CA GLU A 147 -0.22 2.67 -18.98
C GLU A 147 -0.22 3.66 -20.14
N ALA A 148 -0.58 4.92 -19.84
CA ALA A 148 -0.56 6.01 -20.80
C ALA A 148 0.86 6.29 -21.28
N ILE A 149 1.81 6.20 -20.36
CA ILE A 149 3.22 6.29 -20.72
C ILE A 149 3.58 5.16 -21.68
N GLU A 150 3.26 3.93 -21.29
CA GLU A 150 3.56 2.77 -22.14
C GLU A 150 3.02 2.93 -23.56
N ILE A 151 1.73 3.27 -23.67
CA ILE A 151 1.11 3.46 -24.97
C ILE A 151 1.74 4.63 -25.74
N LEU A 152 2.03 5.71 -25.02
CA LEU A 152 2.70 6.87 -25.62
C LEU A 152 4.07 6.49 -26.17
N LEU A 153 4.87 5.87 -25.32
CA LEU A 153 6.24 5.49 -25.64
C LEU A 153 6.29 4.56 -26.84
N GLN A 154 5.38 3.58 -26.86
CA GLN A 154 5.27 2.61 -27.95
C GLN A 154 4.97 3.32 -29.27
N VAL A 155 4.09 4.32 -29.22
CA VAL A 155 3.69 5.09 -30.40
C VAL A 155 4.85 5.91 -30.98
N MET A 156 5.64 6.52 -30.10
CA MET A 156 6.76 7.39 -30.49
C MET A 156 7.91 6.66 -31.20
N GLU A 157 7.98 5.33 -31.03
CA GLU A 157 8.95 4.50 -31.73
C GLU A 157 8.32 3.84 -32.96
N ASN A 158 7.25 3.08 -32.74
CA ASN A 158 6.62 2.28 -33.81
C ASN A 158 5.83 3.09 -34.86
N ASN A 159 4.60 3.49 -34.52
CA ASN A 159 3.69 4.17 -35.45
C ASN A 159 4.09 5.63 -35.77
N ARG A 160 5.22 5.78 -36.46
CA ARG A 160 5.90 7.08 -36.58
C ARG A 160 5.28 8.07 -37.58
N ASP A 161 5.31 7.70 -38.86
CA ASP A 161 5.04 8.64 -39.98
C ASP A 161 3.66 9.31 -39.98
N ASP A 162 2.84 9.05 -38.96
CA ASP A 162 1.52 9.64 -38.87
C ASP A 162 1.23 10.32 -37.51
N LEU A 163 2.29 10.83 -36.86
CA LEU A 163 2.14 11.56 -35.59
C LEU A 163 3.42 12.19 -35.03
N VAL A 164 3.29 13.41 -34.52
CA VAL A 164 4.35 14.10 -33.80
C VAL A 164 3.86 14.44 -32.39
N VAL A 165 4.73 14.23 -31.40
CA VAL A 165 4.41 14.48 -29.99
C VAL A 165 5.26 15.61 -29.45
N ILE A 166 4.63 16.54 -28.73
CA ILE A 166 5.35 17.58 -28.03
C ILE A 166 5.02 17.57 -26.53
N LEU A 167 6.01 17.18 -25.74
CA LEU A 167 5.91 17.26 -24.28
C LEU A 167 6.32 18.65 -23.91
N ALA A 168 5.62 19.25 -22.95
CA ALA A 168 5.94 20.62 -22.56
C ALA A 168 5.77 20.87 -21.07
N GLY A 169 6.38 21.94 -20.59
CA GLY A 169 6.26 22.32 -19.19
C GLY A 169 7.58 22.75 -18.58
N TYR A 170 7.60 22.85 -17.26
CA TYR A 170 8.80 23.22 -16.52
C TYR A 170 9.94 22.25 -16.81
N ALA A 171 11.15 22.78 -16.94
CA ALA A 171 12.33 21.98 -17.26
C ALA A 171 12.81 21.09 -16.11
N ASP A 172 12.89 21.64 -14.90
CA ASP A 172 13.30 20.83 -13.78
C ASP A 172 12.46 19.55 -13.71
N ARG A 173 11.15 19.69 -13.88
CA ARG A 173 10.22 18.57 -13.80
C ARG A 173 10.30 17.63 -15.00
N MET A 174 10.64 18.17 -16.17
CA MET A 174 10.77 17.36 -17.37
C MET A 174 12.01 16.48 -17.33
N GLU A 175 13.13 17.05 -16.90
CA GLU A 175 14.39 16.31 -16.86
C GLU A 175 14.35 15.16 -15.87
N ASN A 176 13.66 15.39 -14.75
CA ASN A 176 13.35 14.36 -13.76
C ASN A 176 12.50 13.24 -14.34
N PHE A 177 11.57 13.60 -15.22
CA PHE A 177 10.63 12.68 -15.83
C PHE A 177 11.35 11.72 -16.79
N PHE A 178 12.39 12.24 -17.45
CA PHE A 178 13.25 11.45 -18.31
C PHE A 178 14.17 10.50 -17.52
N GLN A 179 14.61 10.93 -16.34
CA GLN A 179 15.40 10.06 -15.46
C GLN A 179 14.61 8.79 -15.20
N SER A 180 13.37 8.99 -14.74
CA SER A 180 12.49 7.94 -14.31
C SER A 180 11.92 7.15 -15.48
N ASN A 181 11.66 7.84 -16.58
CA ASN A 181 11.17 7.21 -17.79
C ASN A 181 12.13 7.45 -18.94
N PRO A 182 13.22 6.65 -19.01
CA PRO A 182 14.14 6.85 -20.13
C PRO A 182 13.54 6.27 -21.41
N GLY A 183 14.17 6.55 -22.55
CA GLY A 183 13.64 6.11 -23.82
C GLY A 183 12.85 7.24 -24.46
N PHE A 184 12.59 8.28 -23.67
CA PHE A 184 12.02 9.52 -24.19
C PHE A 184 13.11 10.42 -24.75
N ARG A 185 14.24 10.51 -24.05
CA ARG A 185 15.37 11.33 -24.47
C ARG A 185 15.81 11.00 -25.90
N SER A 186 15.82 9.71 -26.21
CA SER A 186 16.22 9.24 -27.53
C SER A 186 15.13 9.48 -28.57
N ARG A 187 13.90 9.69 -28.09
CA ARG A 187 12.75 9.85 -28.98
C ARG A 187 12.43 11.30 -29.26
N ILE A 188 12.93 12.19 -28.41
CA ILE A 188 12.82 13.62 -28.67
C ILE A 188 14.06 14.06 -29.42
N ALA A 189 13.85 14.57 -30.63
CA ALA A 189 14.92 15.01 -31.49
C ALA A 189 15.12 16.51 -31.33
N HIS A 190 14.11 17.18 -30.78
CA HIS A 190 14.14 18.63 -30.64
C HIS A 190 13.84 19.09 -29.21
N HIS A 191 14.89 19.47 -28.48
CA HIS A 191 14.72 20.10 -27.18
C HIS A 191 14.76 21.61 -27.38
N ILE A 192 13.62 22.25 -27.14
CA ILE A 192 13.54 23.70 -27.27
C ILE A 192 13.31 24.29 -25.90
N GLU A 193 14.22 25.18 -25.49
CA GLU A 193 14.09 25.91 -24.23
C GLU A 193 13.35 27.20 -24.49
N PHE A 194 12.36 27.49 -23.65
CA PHE A 194 11.62 28.72 -23.74
C PHE A 194 12.01 29.58 -22.54
N PRO A 195 12.84 30.61 -22.76
CA PRO A 195 13.25 31.44 -21.64
C PRO A 195 12.19 32.50 -21.36
N ASP A 196 12.27 33.14 -20.20
CA ASP A 196 11.34 34.23 -19.86
C ASP A 196 11.56 35.45 -20.73
N TYR A 197 14.21 35.77 -11.59
CA TYR A 197 14.27 36.46 -12.88
C TYR A 197 14.89 37.84 -12.68
N SER A 198 15.64 38.30 -13.69
CA SER A 198 16.19 39.64 -13.64
C SER A 198 15.04 40.64 -13.72
N ASP A 199 15.24 41.83 -13.16
CA ASP A 199 14.24 42.90 -13.21
C ASP A 199 13.61 43.08 -14.59
N GLU A 200 14.46 43.23 -15.62
CA GLU A 200 13.97 43.41 -16.98
C GLU A 200 13.01 42.28 -17.38
N GLU A 201 13.35 41.05 -17.03
CA GLU A 201 12.50 39.89 -17.33
C GLU A 201 11.15 39.92 -16.61
N LEU A 202 11.19 40.19 -15.30
CA LEU A 202 9.98 40.39 -14.50
C LEU A 202 9.08 41.46 -15.10
N PHE A 203 9.69 42.51 -15.64
CA PHE A 203 8.98 43.62 -16.26
C PHE A 203 8.38 43.21 -17.59
N GLU A 204 9.13 42.38 -18.33
CA GLU A 204 8.62 41.86 -19.58
C GLU A 204 7.38 41.01 -19.31
N ILE A 205 7.50 40.13 -18.33
CA ILE A 205 6.39 39.30 -17.86
C ILE A 205 5.18 40.15 -17.51
N ALA A 206 5.37 41.10 -16.61
CA ALA A 206 4.32 42.05 -16.27
C ALA A 206 3.66 42.61 -17.52
N GLY A 207 4.47 42.90 -18.53
CA GLY A 207 4.00 43.51 -19.76
C GLY A 207 3.15 42.55 -20.56
N HIS A 208 3.62 41.31 -20.68
CA HIS A 208 2.88 40.30 -21.42
C HIS A 208 1.55 40.00 -20.73
N MET A 209 1.59 39.79 -19.43
CA MET A 209 0.37 39.59 -18.64
C MET A 209 -0.65 40.66 -18.94
N LEU A 210 -0.23 41.92 -18.96
CA LEU A 210 -1.15 43.00 -19.22
C LEU A 210 -1.63 43.07 -20.67
N ASP A 211 -0.84 42.55 -21.60
CA ASP A 211 -1.27 42.51 -22.99
C ASP A 211 -2.37 41.49 -23.12
N ASP A 212 -2.13 40.32 -22.52
CA ASP A 212 -3.09 39.23 -22.54
C ASP A 212 -4.46 39.61 -21.94
N GLN A 213 -4.47 40.60 -21.05
CA GLN A 213 -5.69 41.08 -20.41
C GLN A 213 -6.23 42.37 -21.03
N ASN A 214 -5.57 42.88 -22.07
CA ASN A 214 -5.87 44.21 -22.61
C ASN A 214 -5.88 45.30 -21.56
N TYR A 215 -4.72 45.50 -20.94
CA TYR A 215 -4.45 46.66 -20.11
C TYR A 215 -3.11 47.22 -20.54
N GLN A 216 -3.01 48.55 -20.54
CA GLN A 216 -1.75 49.24 -20.79
C GLN A 216 -1.36 50.03 -19.55
N MET A 217 -0.06 50.28 -19.37
CA MET A 217 0.40 51.18 -18.32
C MET A 217 0.74 52.55 -18.90
N THR A 218 0.67 53.60 -18.07
CA THR A 218 1.19 54.90 -18.50
C THR A 218 2.66 54.84 -18.19
N PRO A 219 3.50 55.48 -19.05
CA PRO A 219 4.94 55.52 -18.79
C PRO A 219 5.30 55.70 -17.28
N GLU A 220 4.63 56.63 -16.61
CA GLU A 220 4.82 56.87 -15.18
C GLU A 220 4.59 55.61 -14.36
N ALA A 221 3.59 54.83 -14.75
CA ALA A 221 3.27 53.60 -14.05
C ALA A 221 4.30 52.50 -14.33
N GLU A 222 4.89 52.51 -15.53
CA GLU A 222 5.93 51.56 -15.86
C GLU A 222 7.10 51.73 -14.92
N THR A 223 7.56 52.97 -14.76
CA THR A 223 8.67 53.22 -13.86
C THR A 223 8.24 52.89 -12.44
N ALA A 224 6.97 53.12 -12.12
CA ALA A 224 6.42 52.74 -10.81
C ALA A 224 6.52 51.23 -10.55
N LEU A 225 6.39 50.42 -11.59
CA LEU A 225 6.45 48.97 -11.49
C LEU A 225 7.89 48.53 -11.30
N ARG A 226 8.80 49.17 -12.04
CA ARG A 226 10.23 48.87 -11.97
C ARG A 226 10.74 49.10 -10.56
N ALA A 227 10.26 50.19 -9.96
CA ALA A 227 10.50 50.49 -8.55
C ALA A 227 9.93 49.39 -7.70
N TYR A 228 8.66 49.04 -7.97
CA TYR A 228 7.94 48.02 -7.24
C TYR A 228 8.71 46.70 -7.24
N ILE A 229 9.07 46.23 -8.43
CA ILE A 229 9.76 44.96 -8.59
C ILE A 229 11.02 44.89 -7.73
N GLY A 230 11.89 45.89 -7.88
CA GLY A 230 13.15 45.96 -7.14
C GLY A 230 12.95 45.83 -5.64
N LEU A 231 11.91 46.48 -5.14
CA LEU A 231 11.58 46.39 -3.73
C LEU A 231 11.03 45.02 -3.41
N ARG A 232 10.07 44.55 -4.20
CA ARG A 232 9.40 43.28 -3.92
C ARG A 232 10.36 42.10 -3.82
N ARG A 233 11.40 42.09 -4.66
CA ARG A 233 12.32 40.96 -4.68
C ARG A 233 13.20 40.86 -3.43
N ASN A 234 13.21 41.92 -2.62
CA ASN A 234 13.97 41.94 -1.38
C ASN A 234 13.10 41.67 -0.16
N GLN A 235 11.79 41.59 -0.37
CA GLN A 235 10.88 41.17 0.68
C GLN A 235 10.70 39.66 0.65
N PRO A 236 10.38 39.05 1.82
CA PRO A 236 10.26 37.60 1.94
C PRO A 236 9.24 36.96 0.97
N HIS A 237 9.42 35.66 0.71
CA HIS A 237 8.50 34.86 -0.10
C HIS A 237 8.21 35.50 -1.46
N PHE A 238 9.26 35.94 -2.14
CA PHE A 238 9.12 36.45 -3.49
C PHE A 238 8.91 35.26 -4.39
N ALA A 239 7.83 35.31 -5.19
CA ALA A 239 7.43 34.17 -5.99
C ALA A 239 7.50 34.46 -7.48
N ASN A 240 8.38 35.39 -7.85
CA ASN A 240 8.60 35.79 -9.24
C ASN A 240 7.29 36.12 -9.96
N ALA A 241 6.99 35.36 -11.00
CA ALA A 241 5.78 35.54 -11.80
C ALA A 241 4.49 35.64 -11.00
N ARG A 242 4.38 34.85 -9.92
CA ARG A 242 3.17 34.88 -9.09
C ARG A 242 3.05 36.24 -8.43
N SER A 243 4.16 36.72 -7.84
CA SER A 243 4.18 38.02 -7.22
C SER A 243 3.78 39.12 -8.22
N ILE A 244 4.16 38.92 -9.48
CA ILE A 244 3.81 39.84 -10.55
C ILE A 244 2.30 39.80 -10.84
N ARG A 245 1.76 38.61 -11.13
CA ARG A 245 0.28 38.46 -11.28
C ARG A 245 -0.39 39.15 -10.10
N ASN A 246 0.03 38.78 -8.89
CA ASN A 246 -0.56 39.31 -7.66
C ASN A 246 -0.55 40.83 -7.57
N ALA A 247 0.54 41.45 -8.00
CA ALA A 247 0.65 42.91 -7.98
C ALA A 247 -0.30 43.53 -9.01
N LEU A 248 -0.32 42.93 -10.19
CA LEU A 248 -1.18 43.35 -11.28
C LEU A 248 -2.67 43.16 -10.97
N ASP A 249 -3.00 42.04 -10.32
CA ASP A 249 -4.33 41.82 -9.81
C ASP A 249 -4.75 42.95 -8.87
N ARG A 250 -3.88 43.28 -7.92
CA ARG A 250 -4.20 44.31 -6.93
C ARG A 250 -4.21 45.68 -7.56
N ALA A 251 -3.36 45.88 -8.56
CA ALA A 251 -3.34 47.10 -9.35
C ALA A 251 -4.65 47.28 -10.09
N ARG A 252 -5.09 46.21 -10.76
CA ARG A 252 -6.36 46.16 -11.47
C ARG A 252 -7.53 46.49 -10.56
N LEU A 253 -7.51 45.91 -9.35
CA LEU A 253 -8.52 46.18 -8.35
C LEU A 253 -8.51 47.66 -7.94
N ARG A 254 -7.32 48.20 -7.74
CA ARG A 254 -7.15 49.62 -7.41
C ARG A 254 -7.56 50.53 -8.57
N GLN A 255 -7.23 50.11 -9.80
CA GLN A 255 -7.60 50.90 -10.96
C GLN A 255 -9.12 50.97 -11.11
N ALA A 256 -9.77 49.83 -10.86
CA ALA A 256 -11.23 49.75 -10.94
C ALA A 256 -11.88 50.69 -9.93
N ASN A 257 -11.35 50.71 -8.71
CA ASN A 257 -11.86 51.55 -7.64
C ASN A 257 -11.53 53.02 -7.80
N ARG A 258 -10.37 53.30 -8.41
CA ARG A 258 -9.97 54.67 -8.74
C ARG A 258 -10.99 55.24 -9.71
N LEU A 259 -11.28 54.51 -10.78
CA LEU A 259 -12.24 54.92 -11.80
C LEU A 259 -13.68 55.03 -11.29
N PHE A 260 -14.12 54.02 -10.55
CA PHE A 260 -15.48 54.04 -10.02
C PHE A 260 -15.71 55.21 -9.09
N THR A 261 -14.66 55.59 -8.35
CA THR A 261 -14.78 56.66 -7.37
C THR A 261 -14.67 58.04 -8.00
N ALA A 262 -13.83 58.18 -9.02
CA ALA A 262 -13.74 59.45 -9.77
C ALA A 262 -15.09 59.80 -10.41
N SER A 263 -15.46 59.05 -11.45
CA SER A 263 -16.75 59.21 -12.15
C SER A 263 -16.96 60.62 -12.71
N SER A 264 -16.04 61.05 -13.58
CA SER A 264 -16.21 62.31 -14.32
C SER A 264 -17.48 62.28 -15.17
N GLY A 265 -17.77 61.10 -15.71
CA GLY A 265 -18.93 60.86 -16.56
C GLY A 265 -18.72 59.58 -17.34
N PRO A 266 -18.97 59.61 -18.66
CA PRO A 266 -18.59 58.45 -19.46
C PRO A 266 -17.08 58.40 -19.59
N LEU A 267 -16.53 57.20 -19.72
CA LEU A 267 -15.11 57.05 -20.02
C LEU A 267 -14.89 55.94 -21.05
N ASP A 268 -13.80 56.07 -21.80
CA ASP A 268 -13.56 55.25 -22.97
C ASP A 268 -12.55 54.13 -22.71
N ALA A 269 -12.27 53.35 -23.74
CA ALA A 269 -11.38 52.19 -23.65
C ALA A 269 -10.02 52.49 -23.02
N ARG A 270 -9.43 53.64 -23.35
CA ARG A 270 -8.11 53.98 -22.82
C ARG A 270 -8.17 54.15 -21.31
N ALA A 271 -9.16 54.91 -20.83
CA ALA A 271 -9.37 55.11 -19.39
C ALA A 271 -9.56 53.79 -18.64
N LEU A 272 -10.24 52.85 -19.28
CA LEU A 272 -10.58 51.55 -18.69
C LEU A 272 -9.48 50.50 -18.88
N SER A 273 -8.62 50.70 -19.87
CA SER A 273 -7.51 49.80 -20.12
C SER A 273 -6.21 50.24 -19.43
N THR A 274 -6.20 51.45 -18.91
CA THR A 274 -4.96 52.02 -18.40
C THR A 274 -4.79 51.78 -16.92
N ILE A 275 -3.62 51.28 -16.54
CA ILE A 275 -3.19 51.25 -15.15
C ILE A 275 -2.29 52.46 -14.91
N ALA A 276 -2.68 53.29 -13.97
CA ALA A 276 -1.97 54.53 -13.67
C ALA A 276 -1.01 54.37 -12.50
N GLU A 277 -0.11 55.36 -12.37
CA GLU A 277 0.89 55.40 -11.32
C GLU A 277 0.29 55.20 -9.92
N GLU A 278 -0.87 55.81 -9.67
CA GLU A 278 -1.60 55.67 -8.40
C GLU A 278 -1.83 54.21 -8.05
N ASP A 279 -2.24 53.43 -9.04
CA ASP A 279 -2.69 52.06 -8.83
C ASP A 279 -1.58 51.14 -8.34
N ILE A 280 -0.34 51.47 -8.69
CA ILE A 280 0.81 50.68 -8.25
C ILE A 280 1.42 51.26 -7.00
N ARG A 281 1.59 52.58 -6.96
CA ARG A 281 2.27 53.22 -5.84
C ARG A 281 1.51 53.15 -4.51
N ALA A 282 0.21 52.89 -4.59
CA ALA A 282 -0.65 52.74 -3.40
C ALA A 282 -0.33 51.47 -2.59
N SER A 283 0.56 50.64 -3.11
CA SER A 283 0.92 49.38 -2.46
C SER A 283 1.79 49.58 -1.21
N ARG A 284 1.50 48.79 -0.18
CA ARG A 284 2.24 48.79 1.08
C ARG A 284 3.68 48.32 0.86
N VAL A 285 3.93 47.74 -0.31
CA VAL A 285 5.30 47.44 -0.74
C VAL A 285 6.16 48.72 -0.73
N PHE A 286 5.53 49.87 -0.94
CA PHE A 286 6.21 51.16 -0.90
C PHE A 286 6.26 51.75 0.51
N LYS A 287 5.39 51.26 1.39
CA LYS A 287 5.41 51.66 2.80
C LYS A 287 6.52 50.92 3.55
N GLY A 288 6.79 49.69 3.12
CA GLY A 288 7.82 48.84 3.75
C GLY A 288 7.44 47.36 3.81
N GLY A 289 6.16 47.06 3.59
CA GLY A 289 5.66 45.67 3.59
C GLY A 289 4.68 45.38 2.47
N PRO B 1 -22.64 53.28 -28.66
CA PRO B 1 -21.81 53.36 -27.47
C PRO B 1 -20.31 53.52 -27.77
N THR B 2 -19.66 54.41 -27.02
CA THR B 2 -18.24 54.77 -27.22
C THR B 2 -17.49 54.88 -25.89
N SER B 3 -18.07 55.63 -24.95
CA SER B 3 -17.67 55.62 -23.55
C SER B 3 -18.71 54.78 -22.80
N ILE B 4 -18.52 54.61 -21.49
CA ILE B 4 -19.48 53.90 -20.64
C ILE B 4 -19.61 54.56 -19.28
N ASP B 5 -20.86 54.87 -18.90
CA ASP B 5 -21.17 55.36 -17.56
C ASP B 5 -21.19 54.17 -16.60
N LEU B 6 -20.25 54.17 -15.66
CA LEU B 6 -20.15 53.08 -14.70
C LEU B 6 -21.31 53.07 -13.71
N ARG B 7 -21.64 54.25 -13.18
CA ARG B 7 -22.76 54.41 -12.24
C ARG B 7 -24.09 53.95 -12.86
N ALA B 8 -24.20 54.06 -14.18
CA ALA B 8 -25.39 53.60 -14.90
C ALA B 8 -25.55 52.09 -14.76
N GLU B 9 -24.45 51.37 -14.91
CA GLU B 9 -24.44 49.91 -14.77
C GLU B 9 -24.61 49.53 -13.30
N TYR B 10 -23.89 50.23 -12.43
CA TYR B 10 -23.94 49.99 -11.00
C TYR B 10 -25.36 50.14 -10.47
N GLU B 11 -26.07 51.16 -10.97
CA GLU B 11 -27.46 51.41 -10.56
C GLU B 11 -28.47 50.59 -11.35
N GLY B 12 -28.11 50.23 -12.58
CA GLY B 12 -28.98 49.43 -13.44
C GLY B 12 -28.95 47.94 -13.14
N SER B 13 -27.82 47.47 -12.62
CA SER B 13 -27.62 46.05 -12.36
C SER B 13 -28.37 45.58 -11.12
N GLY B 14 -28.55 46.47 -10.16
CA GLY B 14 -29.04 46.10 -8.83
C GLY B 14 -27.91 45.57 -7.99
N ALA B 15 -26.69 45.76 -8.48
CA ALA B 15 -25.47 45.37 -7.78
C ALA B 15 -25.37 46.11 -6.45
N LYS B 16 -25.78 47.37 -6.42
CA LYS B 16 -25.82 48.13 -5.17
C LYS B 16 -26.80 47.51 -4.18
N GLU B 17 -27.94 47.03 -4.70
CA GLU B 17 -28.98 46.40 -3.89
C GLU B 17 -28.51 45.09 -3.24
N VAL B 18 -27.51 44.44 -3.83
CA VAL B 18 -26.92 43.23 -3.26
C VAL B 18 -25.83 43.62 -2.26
N LEU B 19 -25.13 44.73 -2.51
CA LEU B 19 -24.10 45.21 -1.59
C LEU B 19 -24.72 45.76 -0.31
N GLU B 20 -25.88 46.41 -0.43
CA GLU B 20 -26.68 46.82 0.73
C GLU B 20 -27.12 45.59 1.49
N GLU B 21 -27.67 44.62 0.74
CA GLU B 21 -28.09 43.36 1.31
C GLU B 21 -26.98 42.70 2.15
N LEU B 22 -25.72 42.93 1.75
CA LEU B 22 -24.56 42.37 2.45
C LEU B 22 -24.28 43.08 3.77
N ASP B 23 -24.34 44.41 3.77
CA ASP B 23 -24.17 45.19 5.00
C ASP B 23 -25.24 44.83 6.03
N ARG B 24 -26.48 44.74 5.57
CA ARG B 24 -27.60 44.42 6.45
C ARG B 24 -27.57 42.98 6.96
N GLU B 25 -27.03 42.07 6.16
CA GLU B 25 -27.08 40.63 6.49
C GLU B 25 -25.75 40.03 6.96
N LEU B 26 -24.83 40.88 7.41
CA LEU B 26 -23.57 40.42 7.98
C LEU B 26 -23.19 41.35 9.11
N ILE B 27 -23.25 40.87 10.35
CA ILE B 27 -22.89 41.72 11.50
C ILE B 27 -21.51 42.29 11.24
N GLY B 28 -21.44 43.62 11.26
CA GLY B 28 -20.27 44.40 10.84
C GLY B 28 -18.94 43.68 10.77
N LEU B 29 -18.48 43.42 9.55
CA LEU B 29 -17.09 43.06 9.31
C LEU B 29 -16.63 43.93 8.14
N LYS B 30 -16.61 45.24 8.41
CA LYS B 30 -16.32 46.28 7.42
C LYS B 30 -15.07 45.99 6.58
N PRO B 31 -13.95 45.56 7.22
CA PRO B 31 -12.81 45.02 6.48
C PRO B 31 -13.21 44.18 5.25
N VAL B 32 -13.89 43.07 5.47
CA VAL B 32 -14.31 42.20 4.37
C VAL B 32 -15.25 42.93 3.41
N LYS B 33 -16.30 43.53 3.96
CA LYS B 33 -17.32 44.22 3.16
C LYS B 33 -16.74 45.25 2.19
N ASP B 34 -15.67 45.93 2.60
CA ASP B 34 -14.98 46.87 1.72
C ASP B 34 -14.27 46.14 0.59
N ARG B 35 -13.67 45.00 0.92
CA ARG B 35 -12.98 44.15 -0.06
C ARG B 35 -13.95 43.62 -1.11
N ILE B 36 -15.19 43.36 -0.68
CA ILE B 36 -16.24 42.93 -1.60
C ILE B 36 -16.81 44.11 -2.39
N ARG B 37 -16.86 45.28 -1.74
CA ARG B 37 -17.22 46.51 -2.41
C ARG B 37 -16.22 46.74 -3.55
N GLU B 38 -14.94 46.57 -3.25
CA GLU B 38 -13.87 46.81 -4.21
C GLU B 38 -13.90 45.81 -5.38
N THR B 39 -14.06 44.53 -5.05
CA THR B 39 -14.18 43.51 -6.09
C THR B 39 -15.37 43.79 -7.00
N ALA B 40 -16.44 44.32 -6.41
CA ALA B 40 -17.64 44.67 -7.17
C ALA B 40 -17.27 45.68 -8.23
N ALA B 41 -16.49 46.69 -7.82
CA ALA B 41 -16.02 47.76 -8.71
C ALA B 41 -15.25 47.20 -9.90
N LEU B 42 -14.28 46.32 -9.62
CA LEU B 42 -13.50 45.65 -10.67
C LEU B 42 -14.37 44.79 -11.57
N LEU B 43 -15.24 44.00 -10.95
CA LEU B 43 -16.20 43.19 -11.69
C LEU B 43 -17.07 44.06 -12.61
N LEU B 44 -17.41 45.24 -12.14
CA LEU B 44 -18.16 46.21 -12.92
C LEU B 44 -17.33 46.63 -14.13
N VAL B 45 -16.13 47.16 -13.86
CA VAL B 45 -15.23 47.69 -14.89
C VAL B 45 -14.90 46.64 -15.94
N GLU B 46 -14.38 45.49 -15.51
CA GLU B 46 -14.13 44.36 -16.40
C GLU B 46 -15.31 44.10 -17.35
N ARG B 47 -16.54 44.17 -16.83
CA ARG B 47 -17.76 43.96 -17.62
C ARG B 47 -17.94 45.06 -18.66
N ALA B 48 -17.78 46.31 -18.23
CA ALA B 48 -17.83 47.45 -19.13
C ALA B 48 -16.77 47.36 -20.22
N ARG B 49 -15.63 46.76 -19.88
CA ARG B 49 -14.55 46.52 -20.84
C ARG B 49 -14.91 45.41 -21.82
N GLN B 50 -15.55 44.35 -21.31
CA GLN B 50 -16.03 43.27 -22.17
C GLN B 50 -17.15 43.75 -23.12
N LYS B 51 -17.87 44.78 -22.69
CA LYS B 51 -18.93 45.38 -23.51
C LYS B 51 -18.41 46.35 -24.57
N LEU B 52 -17.09 46.53 -24.64
CA LEU B 52 -16.48 47.37 -25.66
C LEU B 52 -15.44 46.58 -26.48
N GLY B 53 -15.53 45.26 -26.38
CA GLY B 53 -14.67 44.36 -27.16
C GLY B 53 -13.22 44.49 -26.75
N LEU B 54 -12.92 44.07 -25.52
CA LEU B 54 -11.55 43.99 -25.00
C LEU B 54 -11.43 42.75 -24.10
N THR B 58 -14.92 36.19 -22.95
CA THR B 58 -14.62 35.38 -21.77
C THR B 58 -13.80 36.16 -20.73
N PRO B 59 -14.34 36.27 -19.49
CA PRO B 59 -13.59 36.84 -18.35
C PRO B 59 -12.71 35.78 -17.65
N THR B 60 -12.57 35.90 -16.34
CA THR B 60 -11.83 34.91 -15.52
C THR B 60 -12.20 35.11 -14.05
N LEU B 61 -13.00 34.20 -13.52
CA LEU B 61 -13.85 34.56 -12.38
C LEU B 61 -13.61 33.86 -11.04
N HIS B 62 -13.00 32.68 -11.06
CA HIS B 62 -12.94 31.85 -9.87
C HIS B 62 -12.23 32.52 -8.73
N MET B 63 -12.64 32.17 -7.51
CA MET B 63 -12.10 32.83 -6.34
C MET B 63 -11.88 31.90 -5.17
N SER B 64 -11.07 32.37 -4.23
CA SER B 64 -10.78 31.64 -3.02
C SER B 64 -11.11 32.47 -1.79
N PHE B 65 -11.81 31.87 -0.83
CA PHE B 65 -12.18 32.57 0.38
C PHE B 65 -11.46 31.90 1.53
N THR B 66 -10.52 32.62 2.16
CA THR B 66 -9.74 32.04 3.24
C THR B 66 -9.91 32.78 4.56
N GLY B 67 -9.99 32.00 5.64
CA GLY B 67 -10.16 32.54 6.98
C GLY B 67 -10.67 31.48 7.90
N ASN B 68 -11.07 31.90 9.10
CA ASN B 68 -11.59 31.00 10.11
C ASN B 68 -13.08 30.77 10.00
N PRO B 69 -13.59 29.72 10.67
CA PRO B 69 -15.04 29.63 10.83
C PRO B 69 -15.62 30.90 11.44
N GLY B 70 -16.70 31.40 10.84
CA GLY B 70 -17.47 32.49 11.42
C GLY B 70 -16.98 33.85 11.03
N THR B 71 -16.56 33.99 9.77
CA THR B 71 -16.05 35.27 9.28
C THR B 71 -16.85 35.76 8.08
N GLY B 72 -17.88 35.03 7.70
CA GLY B 72 -18.78 35.46 6.65
C GLY B 72 -18.53 34.85 5.27
N LYS B 73 -17.73 33.80 5.20
CA LYS B 73 -17.39 33.15 3.93
C LYS B 73 -18.63 32.75 3.15
N THR B 74 -19.51 31.99 3.79
CA THR B 74 -20.72 31.48 3.13
C THR B 74 -21.67 32.62 2.78
N THR B 75 -22.00 33.45 3.76
CA THR B 75 -22.95 34.53 3.52
C THR B 75 -22.44 35.60 2.52
N VAL B 76 -21.14 35.72 2.37
CA VAL B 76 -20.58 36.58 1.31
C VAL B 76 -20.65 35.86 -0.04
N ALA B 77 -20.40 34.55 -0.02
CA ALA B 77 -20.40 33.76 -1.25
C ALA B 77 -21.78 33.80 -1.89
N LEU B 78 -22.80 33.77 -1.05
CA LEU B 78 -24.19 33.82 -1.51
C LEU B 78 -24.43 35.14 -2.22
N LYS B 79 -23.95 36.22 -1.63
CA LYS B 79 -24.10 37.56 -2.20
C LYS B 79 -23.29 37.71 -3.47
N MET B 80 -22.16 37.01 -3.53
CA MET B 80 -21.34 37.01 -4.73
C MET B 80 -22.13 36.47 -5.91
N ALA B 81 -22.70 35.29 -5.72
CA ALA B 81 -23.57 34.65 -6.73
C ALA B 81 -24.64 35.63 -7.20
N GLY B 82 -25.18 36.38 -6.25
CA GLY B 82 -26.09 37.46 -6.55
C GLY B 82 -25.42 38.46 -7.46
N LEU B 83 -24.40 39.14 -6.92
CA LEU B 83 -23.65 40.15 -7.66
C LEU B 83 -23.26 39.68 -9.04
N LEU B 84 -22.69 38.49 -9.12
CA LEU B 84 -22.28 37.91 -10.40
C LEU B 84 -23.45 37.74 -11.39
N HIS B 85 -24.63 37.39 -10.87
CA HIS B 85 -25.81 37.25 -11.72
C HIS B 85 -26.28 38.62 -12.16
N ARG B 86 -26.14 39.61 -11.29
CA ARG B 86 -26.53 40.99 -11.63
C ARG B 86 -25.58 41.69 -12.62
N LEU B 87 -24.35 41.19 -12.75
CA LEU B 87 -23.43 41.82 -13.68
C LEU B 87 -23.26 40.97 -14.94
N GLY B 88 -24.23 40.09 -15.16
CA GLY B 88 -24.28 39.26 -16.36
C GLY B 88 -23.11 38.31 -16.55
N TYR B 89 -22.45 37.93 -15.47
CA TYR B 89 -21.35 36.97 -15.54
C TYR B 89 -21.91 35.57 -15.44
N VAL B 90 -23.01 35.46 -14.70
CA VAL B 90 -23.65 34.19 -14.42
C VAL B 90 -25.13 34.23 -14.86
N ARG B 91 -25.63 33.12 -15.40
CA ARG B 91 -27.00 33.08 -15.96
C ARG B 91 -28.08 32.95 -14.88
N LYS B 92 -28.02 31.88 -14.07
CA LYS B 92 -28.94 31.69 -12.93
C LYS B 92 -28.16 31.93 -11.66
N GLY B 93 -28.28 33.12 -11.06
CA GLY B 93 -27.44 33.48 -9.92
C GLY B 93 -27.70 32.72 -8.63
N HIS B 94 -27.28 31.45 -8.59
CA HIS B 94 -27.58 30.55 -7.49
C HIS B 94 -26.35 29.83 -6.98
N LEU B 95 -26.29 29.62 -5.68
CA LEU B 95 -25.10 29.10 -5.05
C LEU B 95 -25.29 27.65 -4.63
N VAL B 96 -24.44 26.78 -5.16
CA VAL B 96 -24.43 25.37 -4.81
C VAL B 96 -23.26 25.15 -3.87
N SER B 97 -23.58 24.90 -2.59
CA SER B 97 -22.58 24.73 -1.54
C SER B 97 -22.38 23.25 -1.23
N VAL B 98 -21.12 22.82 -1.28
CA VAL B 98 -20.77 21.41 -1.25
C VAL B 98 -19.50 21.22 -0.42
N THR B 99 -19.37 20.07 0.24
CA THR B 99 -18.11 19.67 0.88
C THR B 99 -17.44 18.60 0.02
N ARG B 100 -16.34 18.03 0.50
CA ARG B 100 -15.62 17.00 -0.26
C ARG B 100 -16.45 15.71 -0.32
N ASP B 101 -17.30 15.52 0.68
CA ASP B 101 -18.16 14.33 0.74
C ASP B 101 -19.36 14.37 -0.20
N ASP B 102 -19.46 15.41 -1.03
CA ASP B 102 -20.49 15.49 -2.06
C ASP B 102 -19.92 15.25 -3.45
N LEU B 103 -18.60 15.18 -3.54
CA LEU B 103 -17.90 15.07 -4.82
C LEU B 103 -17.16 13.75 -4.99
N VAL B 104 -16.72 13.17 -3.86
CA VAL B 104 -15.96 11.95 -3.89
C VAL B 104 -16.79 10.80 -3.30
N GLY B 105 -16.89 9.71 -4.07
CA GLY B 105 -17.62 8.53 -3.63
C GLY B 105 -16.65 7.46 -3.16
N GLN B 106 -17.12 6.60 -2.26
CA GLN B 106 -16.30 5.53 -1.71
C GLN B 106 -15.87 4.52 -2.80
N TYR B 107 -16.84 4.04 -3.58
CA TYR B 107 -16.60 3.04 -4.63
C TYR B 107 -15.65 3.51 -5.74
N ILE B 108 -14.93 2.55 -6.32
CA ILE B 108 -13.90 2.83 -7.32
C ILE B 108 -14.48 3.16 -8.70
N GLY B 109 -14.80 4.44 -8.91
CA GLY B 109 -15.36 4.90 -10.19
C GLY B 109 -16.67 5.62 -10.01
N HIS B 110 -17.19 5.61 -8.78
CA HIS B 110 -18.43 6.32 -8.44
C HIS B 110 -18.13 7.72 -7.89
N THR B 111 -17.14 8.38 -8.49
CA THR B 111 -16.73 9.73 -8.10
C THR B 111 -16.94 10.69 -9.27
N ALA B 112 -16.47 10.25 -10.44
CA ALA B 112 -16.61 11.02 -11.69
C ALA B 112 -18.05 11.33 -12.12
N PRO B 113 -19.00 10.37 -11.97
CA PRO B 113 -20.38 10.78 -12.21
C PRO B 113 -20.90 11.73 -11.14
N LYS B 114 -20.40 11.58 -9.91
CA LYS B 114 -20.90 12.35 -8.76
C LYS B 114 -20.45 13.82 -8.79
N THR B 115 -19.16 14.03 -9.06
CA THR B 115 -18.63 15.37 -9.29
C THR B 115 -19.38 16.02 -10.46
N LYS B 116 -19.44 15.30 -11.59
CA LYS B 116 -20.09 15.77 -12.82
C LYS B 116 -21.55 16.19 -12.64
N GLU B 117 -22.30 15.42 -11.88
CA GLU B 117 -23.72 15.72 -11.65
C GLU B 117 -23.88 16.93 -10.72
N VAL B 118 -23.05 16.99 -9.67
CA VAL B 118 -23.00 18.16 -8.81
C VAL B 118 -22.73 19.40 -9.66
N LEU B 119 -21.76 19.27 -10.57
CA LEU B 119 -21.41 20.34 -11.52
C LEU B 119 -22.58 20.74 -12.40
N LYS B 120 -23.36 19.74 -12.84
CA LYS B 120 -24.56 20.01 -13.64
C LYS B 120 -25.51 20.91 -12.84
N ARG B 121 -25.69 20.60 -11.55
CA ARG B 121 -26.53 21.40 -10.68
C ARG B 121 -25.94 22.79 -10.46
N ALA B 122 -24.62 22.90 -10.57
CA ALA B 122 -23.91 24.15 -10.36
C ALA B 122 -24.02 25.11 -11.54
N MET B 123 -24.19 24.55 -12.74
CA MET B 123 -24.13 25.32 -13.99
C MET B 123 -25.07 26.52 -14.06
N GLY B 124 -24.54 27.63 -14.57
CA GLY B 124 -25.27 28.89 -14.61
C GLY B 124 -25.17 29.67 -13.31
N GLY B 125 -24.48 29.12 -12.31
CA GLY B 125 -24.31 29.75 -11.01
C GLY B 125 -22.94 29.53 -10.39
N VAL B 126 -22.88 29.49 -9.06
CA VAL B 126 -21.60 29.31 -8.35
C VAL B 126 -21.55 28.01 -7.54
N LEU B 127 -20.50 27.23 -7.78
CA LEU B 127 -20.17 26.09 -6.94
C LEU B 127 -19.26 26.55 -5.81
N PHE B 128 -19.57 26.11 -4.60
CA PHE B 128 -18.85 26.55 -3.41
C PHE B 128 -18.29 25.39 -2.63
N ILE B 129 -17.00 25.12 -2.81
CA ILE B 129 -16.35 24.00 -2.17
C ILE B 129 -15.72 24.41 -0.84
N ASP B 130 -16.44 24.12 0.25
CA ASP B 130 -15.97 24.37 1.61
C ASP B 130 -14.81 23.44 1.95
N GLU B 131 -13.78 23.96 2.60
CA GLU B 131 -12.57 23.21 2.95
C GLU B 131 -12.05 22.31 1.82
N ALA B 132 -12.02 22.88 0.62
CA ALA B 132 -11.70 22.16 -0.62
C ALA B 132 -10.49 21.26 -0.52
N TYR B 133 -9.49 21.69 0.23
CA TYR B 133 -8.24 20.94 0.39
C TYR B 133 -8.42 19.50 0.87
N TYR B 134 -9.63 19.15 1.30
CA TYR B 134 -9.92 17.79 1.74
C TYR B 134 -10.15 16.83 0.57
N LEU B 135 -10.24 17.39 -0.64
CA LEU B 135 -10.30 16.57 -1.84
C LEU B 135 -8.96 15.88 -2.10
N TYR B 136 -7.87 16.50 -1.66
CA TYR B 136 -6.54 15.92 -1.78
C TYR B 136 -6.18 15.15 -0.50
N ARG B 137 -6.53 13.86 -0.45
CA ARG B 137 -6.13 13.03 0.68
C ARG B 137 -5.26 11.83 0.24
N PRO B 138 -3.96 12.08 -0.04
CA PRO B 138 -3.03 10.96 -0.31
C PRO B 138 -2.59 10.34 1.01
N ASP B 139 -3.07 10.91 2.12
CA ASP B 139 -2.94 10.32 3.43
C ASP B 139 -3.71 9.01 3.45
N ASN B 140 -4.91 9.04 2.86
CA ASN B 140 -5.80 7.88 2.78
C ASN B 140 -5.63 7.10 1.48
N GLU B 141 -5.68 5.78 1.60
CA GLU B 141 -5.85 4.90 0.44
C GLU B 141 -7.35 4.63 0.30
N ARG B 142 -7.78 4.34 -0.93
CA ARG B 142 -9.19 4.07 -1.25
C ARG B 142 -10.10 5.32 -1.19
N ASP B 143 -9.53 6.49 -0.90
CA ASP B 143 -10.21 7.76 -1.12
C ASP B 143 -9.90 8.19 -2.56
N TYR B 144 -10.92 8.44 -3.37
CA TYR B 144 -10.72 8.71 -4.79
C TYR B 144 -10.86 10.19 -5.17
N GLY B 145 -10.39 11.06 -4.26
CA GLY B 145 -10.51 12.50 -4.39
C GLY B 145 -9.71 13.17 -5.49
N GLN B 146 -8.66 12.51 -5.98
CA GLN B 146 -7.82 13.07 -7.05
C GLN B 146 -8.55 13.20 -8.38
N GLU B 147 -9.52 12.31 -8.62
CA GLU B 147 -10.36 12.36 -9.81
C GLU B 147 -11.26 13.59 -9.80
N ALA B 148 -11.80 13.91 -8.63
CA ALA B 148 -12.63 15.10 -8.42
C ALA B 148 -11.82 16.37 -8.65
N ILE B 149 -10.56 16.35 -8.23
CA ILE B 149 -9.64 17.44 -8.53
C ILE B 149 -9.47 17.56 -10.04
N GLU B 150 -9.13 16.45 -10.69
CA GLU B 150 -8.95 16.46 -12.14
C GLU B 150 -10.15 17.05 -12.89
N ILE B 151 -11.35 16.56 -12.57
CA ILE B 151 -12.56 17.05 -13.21
C ILE B 151 -12.81 18.52 -12.88
N LEU B 152 -12.57 18.90 -11.62
CA LEU B 152 -12.70 20.29 -11.18
C LEU B 152 -11.76 21.19 -11.96
N LEU B 153 -10.48 20.82 -11.96
CA LEU B 153 -9.43 21.60 -12.59
C LEU B 153 -9.70 21.80 -14.08
N GLN B 154 -10.13 20.72 -14.74
CA GLN B 154 -10.44 20.74 -16.17
C GLN B 154 -11.57 21.72 -16.45
N VAL B 155 -12.57 21.74 -15.57
CA VAL B 155 -13.74 22.63 -15.72
C VAL B 155 -13.36 24.11 -15.58
N MET B 156 -12.48 24.41 -14.62
CA MET B 156 -12.06 25.78 -14.33
C MET B 156 -11.25 26.46 -15.45
N GLU B 157 -10.69 25.65 -16.35
CA GLU B 157 -9.99 26.16 -17.53
C GLU B 157 -10.91 26.13 -18.75
N ASN B 158 -11.41 24.94 -19.09
CA ASN B 158 -12.19 24.73 -20.33
C ASN B 158 -13.61 25.33 -20.31
N ASN B 159 -14.55 24.63 -19.67
CA ASN B 159 -15.98 25.02 -19.65
C ASN B 159 -16.28 26.27 -18.79
N ARG B 160 -15.78 27.41 -19.24
CA ARG B 160 -15.71 28.62 -18.39
C ARG B 160 -17.02 29.39 -18.23
N ASP B 161 -17.54 29.94 -19.32
CA ASP B 161 -18.61 30.96 -19.32
C ASP B 161 -19.93 30.53 -18.68
N ASP B 162 -19.98 29.31 -18.13
CA ASP B 162 -21.20 28.81 -17.49
C ASP B 162 -20.97 28.24 -16.08
N LEU B 163 -19.96 28.77 -15.37
CA LEU B 163 -19.67 28.37 -13.98
C LEU B 163 -18.56 29.15 -13.27
N VAL B 164 -18.81 29.48 -12.01
CA VAL B 164 -17.82 30.07 -11.12
C VAL B 164 -17.60 29.16 -9.91
N VAL B 165 -16.35 28.99 -9.51
CA VAL B 165 -15.98 28.12 -8.39
C VAL B 165 -15.39 28.95 -7.26
N ILE B 166 -15.84 28.69 -6.04
CA ILE B 166 -15.25 29.30 -4.86
C ILE B 166 -14.75 28.24 -3.88
N LEU B 167 -13.43 28.14 -3.76
CA LEU B 167 -12.81 27.29 -2.76
C LEU B 167 -12.73 28.10 -1.50
N ALA B 168 -13.00 27.46 -0.36
CA ALA B 168 -13.00 28.20 0.90
C ALA B 168 -12.47 27.38 2.07
N GLY B 169 -12.08 28.06 3.14
CA GLY B 169 -11.59 27.40 4.33
C GLY B 169 -10.37 28.07 4.92
N TYR B 170 -9.73 27.38 5.85
CA TYR B 170 -8.52 27.87 6.49
C TYR B 170 -7.43 28.16 5.45
N ALA B 171 -6.69 29.24 5.66
CA ALA B 171 -5.65 29.68 4.72
C ALA B 171 -4.40 28.79 4.74
N ASP B 172 -3.91 28.45 5.93
CA ASP B 172 -2.75 27.58 5.99
C ASP B 172 -2.98 26.33 5.14
N ARG B 173 -4.17 25.74 5.27
CA ARG B 173 -4.51 24.50 4.57
C ARG B 173 -4.75 24.71 3.07
N MET B 174 -5.24 25.90 2.70
CA MET B 174 -5.47 26.21 1.30
C MET B 174 -4.18 26.41 0.53
N GLU B 175 -3.24 27.14 1.13
CA GLU B 175 -1.97 27.45 0.47
C GLU B 175 -1.14 26.20 0.24
N ASN B 176 -1.20 25.28 1.22
CA ASN B 176 -0.61 23.94 1.08
C ASN B 176 -1.22 23.14 -0.06
N PHE B 177 -2.53 23.31 -0.25
CA PHE B 177 -3.30 22.59 -1.26
C PHE B 177 -2.89 23.02 -2.66
N PHE B 178 -2.55 24.31 -2.79
CA PHE B 178 -2.04 24.87 -4.03
C PHE B 178 -0.61 24.41 -4.34
N GLN B 179 0.21 24.23 -3.30
CA GLN B 179 1.55 23.69 -3.47
C GLN B 179 1.47 22.36 -4.19
N SER B 180 0.64 21.48 -3.62
CA SER B 180 0.48 20.12 -4.06
C SER B 180 -0.30 20.02 -5.35
N ASN B 181 -1.29 20.89 -5.51
CA ASN B 181 -2.08 20.95 -6.72
C ASN B 181 -1.96 22.31 -7.37
N PRO B 182 -0.87 22.54 -8.12
CA PRO B 182 -0.76 23.84 -8.79
C PRO B 182 -1.69 23.90 -10.00
N GLY B 183 -1.86 25.09 -10.56
CA GLY B 183 -2.79 25.26 -11.67
C GLY B 183 -4.09 25.80 -11.15
N PHE B 184 -4.25 25.77 -9.83
CA PHE B 184 -5.37 26.44 -9.17
C PHE B 184 -5.06 27.92 -8.95
N ARG B 185 -3.82 28.23 -8.54
CA ARG B 185 -3.39 29.61 -8.30
C ARG B 185 -3.66 30.50 -9.52
N SER B 186 -3.39 29.96 -10.70
CA SER B 186 -3.58 30.70 -11.94
C SER B 186 -5.06 30.78 -12.32
N ARG B 187 -5.88 29.91 -11.73
CA ARG B 187 -7.29 29.83 -12.08
C ARG B 187 -8.16 30.62 -11.13
N ILE B 188 -7.62 30.92 -9.95
CA ILE B 188 -8.29 31.82 -9.02
C ILE B 188 -7.81 33.25 -9.29
N ALA B 189 -8.75 34.10 -9.65
CA ALA B 189 -8.47 35.48 -9.98
C ALA B 189 -8.71 36.35 -8.76
N HIS B 190 -9.46 35.81 -7.80
CA HIS B 190 -9.84 36.57 -6.60
C HIS B 190 -9.51 35.83 -5.31
N HIS B 191 -8.41 36.23 -4.66
CA HIS B 191 -8.10 35.75 -3.33
C HIS B 191 -8.66 36.73 -2.31
N ILE B 192 -9.67 36.30 -1.57
CA ILE B 192 -10.26 37.14 -0.53
C ILE B 192 -9.94 36.55 0.82
N GLU B 193 -9.31 37.35 1.67
CA GLU B 193 -9.01 36.96 3.04
C GLU B 193 -10.14 37.41 3.94
N PHE B 194 -10.61 36.49 4.78
CA PHE B 194 -11.65 36.81 5.74
C PHE B 194 -11.01 36.83 7.13
N PRO B 195 -10.79 38.03 7.68
CA PRO B 195 -10.16 38.09 8.99
C PRO B 195 -11.21 37.91 10.09
N ASP B 196 -10.77 37.64 11.32
CA ASP B 196 -11.70 37.52 12.45
C ASP B 196 -12.35 38.85 12.79
N TYR B 197 -7.84 36.04 18.36
CA TYR B 197 -8.75 37.14 18.03
C TYR B 197 -8.68 38.19 19.13
N SER B 198 -8.83 39.46 18.75
CA SER B 198 -8.87 40.52 19.75
C SER B 198 -10.14 40.36 20.56
N ASP B 199 -10.13 40.85 21.80
CA ASP B 199 -11.29 40.81 22.68
C ASP B 199 -12.58 41.24 21.98
N GLU B 200 -12.56 42.41 21.35
CA GLU B 200 -13.75 42.92 20.64
C GLU B 200 -14.28 41.89 19.64
N GLU B 201 -13.37 41.25 18.90
CA GLU B 201 -13.76 40.23 17.92
C GLU B 201 -14.40 38.99 18.55
N LEU B 202 -13.75 38.47 19.59
CA LEU B 202 -14.31 37.37 20.38
C LEU B 202 -15.71 37.69 20.91
N PHE B 203 -15.91 38.95 21.28
CA PHE B 203 -17.19 39.41 21.80
C PHE B 203 -18.21 39.51 20.68
N GLU B 204 -17.77 39.94 19.51
CA GLU B 204 -18.64 40.00 18.35
C GLU B 204 -19.12 38.59 18.02
N ILE B 205 -18.17 37.65 17.98
CA ILE B 205 -18.45 36.24 17.76
C ILE B 205 -19.49 35.74 18.76
N ALA B 206 -19.20 35.90 20.05
CA ALA B 206 -20.15 35.55 21.10
C ALA B 206 -21.53 36.10 20.78
N GLY B 207 -21.58 37.32 20.26
CA GLY B 207 -22.83 38.00 19.96
C GLY B 207 -23.55 37.36 18.80
N HIS B 208 -22.81 37.05 17.74
CA HIS B 208 -23.40 36.41 16.59
C HIS B 208 -23.93 35.02 16.93
N MET B 209 -23.11 34.23 17.61
CA MET B 209 -23.52 32.91 18.10
C MET B 209 -24.86 32.99 18.82
N LEU B 210 -25.00 33.97 19.72
CA LEU B 210 -26.24 34.11 20.46
C LEU B 210 -27.42 34.60 19.62
N ASP B 211 -27.12 35.33 18.55
CA ASP B 211 -28.20 35.76 17.67
C ASP B 211 -28.73 34.56 16.92
N ASP B 212 -27.80 33.76 16.41
CA ASP B 212 -28.14 32.55 15.68
C ASP B 212 -28.98 31.56 16.49
N GLN B 213 -28.86 31.62 17.81
CA GLN B 213 -29.61 30.75 18.72
C GLN B 213 -30.84 31.44 19.34
N ASN B 214 -31.08 32.70 18.99
CA ASN B 214 -32.10 33.52 19.67
C ASN B 214 -31.91 33.54 21.18
N TYR B 215 -30.78 34.08 21.61
CA TYR B 215 -30.54 34.45 22.99
C TYR B 215 -29.97 35.85 23.00
N GLN B 216 -30.37 36.63 23.99
CA GLN B 216 -29.81 37.96 24.22
C GLN B 216 -29.12 37.98 25.58
N MET B 217 -28.15 38.87 25.75
CA MET B 217 -27.54 39.09 27.05
C MET B 217 -28.10 40.36 27.69
N THR B 218 -28.09 40.46 29.01
CA THR B 218 -28.39 41.72 29.66
C THR B 218 -27.10 42.49 29.67
N PRO B 219 -27.16 43.83 29.51
CA PRO B 219 -25.95 44.65 29.56
C PRO B 219 -24.92 44.18 30.63
N GLU B 220 -25.40 43.89 31.84
CA GLU B 220 -24.56 43.38 32.93
C GLU B 220 -23.83 42.11 32.53
N ALA B 221 -24.51 41.25 31.80
CA ALA B 221 -23.93 39.99 31.36
C ALA B 221 -22.90 40.21 30.24
N GLU B 222 -23.12 41.23 29.41
CA GLU B 222 -22.17 41.57 28.35
C GLU B 222 -20.83 41.92 28.98
N THR B 223 -20.85 42.80 29.97
CA THR B 223 -19.62 43.18 30.64
C THR B 223 -19.03 41.96 31.35
N ALA B 224 -19.91 41.10 31.86
CA ALA B 224 -19.47 39.84 32.47
C ALA B 224 -18.71 38.93 31.50
N LEU B 225 -19.08 38.98 30.22
CA LEU B 225 -18.44 38.17 29.19
C LEU B 225 -17.10 38.75 28.82
N ARG B 226 -17.05 40.08 28.73
CA ARG B 226 -15.82 40.81 28.40
C ARG B 226 -14.75 40.52 29.44
N ALA B 227 -15.18 40.48 30.70
CA ALA B 227 -14.35 40.05 31.81
C ALA B 227 -13.91 38.61 31.59
N TYR B 228 -14.88 37.76 31.29
CA TYR B 228 -14.65 36.34 31.06
C TYR B 228 -13.60 36.12 29.99
N ILE B 229 -13.81 36.73 28.83
CA ILE B 229 -12.91 36.57 27.69
C ILE B 229 -11.47 36.89 28.06
N GLY B 230 -11.26 38.08 28.64
CA GLY B 230 -9.92 38.54 29.03
C GLY B 230 -9.21 37.55 29.93
N LEU B 231 -9.96 36.95 30.85
CA LEU B 231 -9.40 35.94 31.73
C LEU B 231 -9.14 34.66 30.96
N ARG B 232 -10.14 34.21 30.20
CA ARG B 232 -10.02 32.93 29.49
C ARG B 232 -8.81 32.86 28.56
N ARG B 233 -8.49 33.97 27.91
CA ARG B 233 -7.39 33.97 26.94
C ARG B 233 -6.01 33.80 27.58
N ASN B 234 -5.95 33.97 28.90
CA ASN B 234 -4.70 33.80 29.64
C ASN B 234 -4.59 32.45 30.32
N GLN B 235 -5.67 31.67 30.26
CA GLN B 235 -5.63 30.30 30.72
C GLN B 235 -5.24 29.37 29.57
N PRO B 236 -4.62 28.21 29.91
CA PRO B 236 -4.12 27.26 28.89
C PRO B 236 -5.18 26.78 27.89
N HIS B 237 -4.72 26.32 26.74
CA HIS B 237 -5.56 25.73 25.69
C HIS B 237 -6.76 26.61 25.34
N PHE B 238 -6.49 27.89 25.11
CA PHE B 238 -7.52 28.79 24.64
C PHE B 238 -7.74 28.49 23.18
N ALA B 239 -9.00 28.25 22.82
CA ALA B 239 -9.33 27.79 21.47
C ALA B 239 -10.19 28.80 20.71
N ASN B 240 -10.07 30.06 21.10
CA ASN B 240 -10.81 31.17 20.48
C ASN B 240 -12.31 30.87 20.38
N ALA B 241 -12.82 30.83 19.17
CA ALA B 241 -14.24 30.57 18.91
C ALA B 241 -14.81 29.35 19.64
N ARG B 242 -14.03 28.28 19.76
CA ARG B 242 -14.49 27.08 20.44
C ARG B 242 -14.72 27.38 21.91
N SER B 243 -13.75 28.05 22.53
CA SER B 243 -13.86 28.45 23.92
C SER B 243 -15.10 29.33 24.14
N ILE B 244 -15.42 30.13 23.14
CA ILE B 244 -16.62 30.97 23.18
C ILE B 244 -17.89 30.13 23.11
N ARG B 245 -18.04 29.28 22.08
CA ARG B 245 -19.17 28.32 22.03
C ARG B 245 -19.28 27.63 23.38
N ASN B 246 -18.18 27.07 23.85
CA ASN B 246 -18.15 26.32 25.09
C ASN B 246 -18.64 27.10 26.31
N ALA B 247 -18.28 28.38 26.38
CA ALA B 247 -18.72 29.23 27.48
C ALA B 247 -20.22 29.51 27.39
N LEU B 248 -20.65 29.79 26.17
CA LEU B 248 -22.06 30.05 25.87
C LEU B 248 -22.94 28.81 26.09
N ASP B 249 -22.43 27.65 25.69
CA ASP B 249 -23.08 26.39 26.00
C ASP B 249 -23.30 26.24 27.50
N ARG B 250 -22.23 26.47 28.27
CA ARG B 250 -22.31 26.30 29.72
C ARG B 250 -23.16 27.38 30.36
N ALA B 251 -23.13 28.57 29.77
CA ALA B 251 -24.00 29.67 30.19
C ALA B 251 -25.46 29.32 29.97
N ARG B 252 -25.77 28.81 28.77
CA ARG B 252 -27.10 28.33 28.41
C ARG B 252 -27.60 27.26 29.37
N LEU B 253 -26.72 26.33 29.71
CA LEU B 253 -27.04 25.28 30.68
C LEU B 253 -27.34 25.87 32.05
N ARG B 254 -26.53 26.85 32.46
CA ARG B 254 -26.73 27.55 33.72
C ARG B 254 -28.01 28.39 33.70
N GLN B 255 -28.28 29.03 32.57
CA GLN B 255 -29.48 29.85 32.45
C GLN B 255 -30.73 28.98 32.56
N ALA B 256 -30.68 27.80 31.93
CA ALA B 256 -31.78 26.87 31.97
C ALA B 256 -32.08 26.41 33.40
N ASN B 257 -31.01 26.12 34.14
CA ASN B 257 -31.12 25.67 35.53
C ASN B 257 -31.49 26.78 36.50
N ARG B 258 -31.05 28.01 36.20
CA ARG B 258 -31.43 29.18 36.97
C ARG B 258 -32.94 29.36 36.88
N LEU B 259 -33.47 29.33 35.66
CA LEU B 259 -34.91 29.48 35.42
C LEU B 259 -35.75 28.35 35.97
N PHE B 260 -35.31 27.11 35.75
CA PHE B 260 -36.05 25.96 36.24
C PHE B 260 -36.15 25.96 37.76
N THR B 261 -35.09 26.44 38.42
CA THR B 261 -35.04 26.42 39.87
C THR B 261 -35.80 27.59 40.50
N ALA B 262 -35.78 28.75 39.85
CA ALA B 262 -36.57 29.91 40.31
C ALA B 262 -38.07 29.57 40.30
N SER B 263 -38.65 29.47 39.11
CA SER B 263 -40.05 29.09 38.90
C SER B 263 -41.03 30.02 39.62
N SER B 264 -40.97 31.31 39.29
CA SER B 264 -41.95 32.30 39.78
C SER B 264 -43.38 31.91 39.33
N GLY B 265 -43.46 31.36 38.12
CA GLY B 265 -44.71 30.93 37.52
C GLY B 265 -44.50 30.78 36.02
N PRO B 266 -45.43 31.35 35.22
CA PRO B 266 -45.16 31.38 33.78
C PRO B 266 -44.07 32.40 33.51
N LEU B 267 -43.28 32.17 32.46
CA LEU B 267 -42.32 33.17 32.00
C LEU B 267 -42.32 33.25 30.47
N ASP B 268 -41.94 34.42 29.98
CA ASP B 268 -42.11 34.75 28.57
C ASP B 268 -40.79 34.66 27.79
N ALA B 269 -40.87 34.96 26.50
CA ALA B 269 -39.72 34.85 25.60
C ALA B 269 -38.45 35.57 26.08
N ARG B 270 -38.61 36.75 26.69
CA ARG B 270 -37.45 37.51 27.15
C ARG B 270 -36.73 36.76 28.26
N ALA B 271 -37.49 36.28 29.24
CA ALA B 271 -36.94 35.49 30.35
C ALA B 271 -36.19 34.25 29.86
N LEU B 272 -36.72 33.63 28.80
CA LEU B 272 -36.18 32.38 28.24
C LEU B 272 -35.07 32.63 27.22
N SER B 273 -35.03 33.82 26.64
CA SER B 273 -34.00 34.18 25.68
C SER B 273 -32.80 34.89 26.32
N THR B 274 -32.95 35.29 27.57
CA THR B 274 -31.95 36.12 28.20
C THR B 274 -30.92 35.31 28.96
N ILE B 275 -29.65 35.61 28.71
CA ILE B 275 -28.56 35.12 29.54
C ILE B 275 -28.18 36.24 30.51
N ALA B 276 -28.27 35.93 31.80
CA ALA B 276 -28.02 36.91 32.85
C ALA B 276 -26.60 36.82 33.38
N GLU B 277 -26.21 37.87 34.12
CA GLU B 277 -24.89 37.98 34.73
C GLU B 277 -24.51 36.74 35.55
N GLU B 278 -25.47 36.19 36.29
CA GLU B 278 -25.28 34.97 37.09
C GLU B 278 -24.74 33.83 36.23
N ASP B 279 -25.30 33.67 35.05
CA ASP B 279 -25.02 32.53 34.18
C ASP B 279 -23.58 32.48 33.70
N ILE B 280 -22.96 33.65 33.59
CA ILE B 280 -21.57 33.72 33.16
C ILE B 280 -20.63 33.77 34.35
N ARG B 281 -20.96 34.57 35.35
CA ARG B 281 -20.07 34.77 36.49
C ARG B 281 -19.89 33.53 37.37
N ALA B 282 -20.83 32.59 37.27
CA ALA B 282 -20.77 31.32 38.01
C ALA B 282 -19.63 30.40 37.55
N SER B 283 -18.94 30.81 36.49
CA SER B 283 -17.85 30.01 35.92
C SER B 283 -16.60 30.00 36.79
N ARG B 284 -15.95 28.83 36.89
CA ARG B 284 -14.71 28.65 37.64
C ARG B 284 -13.57 29.44 36.98
N VAL B 285 -13.81 29.91 35.76
CA VAL B 285 -12.90 30.86 35.11
C VAL B 285 -12.71 32.11 36.00
N PHE B 286 -13.73 32.45 36.79
CA PHE B 286 -13.65 33.56 37.72
C PHE B 286 -13.06 33.17 39.08
N LYS B 287 -13.06 31.87 39.37
CA LYS B 287 -12.42 31.36 40.58
C LYS B 287 -10.92 31.27 40.39
N GLY B 288 -10.49 31.00 39.15
CA GLY B 288 -9.06 30.87 38.81
C GLY B 288 -8.77 29.78 37.77
N GLY B 289 -9.75 28.90 37.53
CA GLY B 289 -9.63 27.82 36.54
C GLY B 289 -10.88 27.63 35.70
N PRO C 1 -51.35 30.84 24.35
CA PRO C 1 -50.10 30.78 25.09
C PRO C 1 -49.20 32.01 24.86
N THR C 2 -48.62 32.52 25.95
CA THR C 2 -47.79 33.73 25.95
C THR C 2 -46.52 33.56 26.81
N SER C 3 -46.74 33.11 28.05
CA SER C 3 -45.67 32.61 28.91
C SER C 3 -45.72 31.08 28.86
N ILE C 4 -44.81 30.41 29.57
CA ILE C 4 -44.82 28.95 29.67
C ILE C 4 -44.41 28.49 31.06
N ASP C 5 -45.26 27.66 31.67
CA ASP C 5 -44.94 27.02 32.94
C ASP C 5 -44.01 25.84 32.68
N LEU C 6 -42.79 25.94 33.19
CA LEU C 6 -41.77 24.91 32.97
C LEU C 6 -42.12 23.62 33.73
N ARG C 7 -42.50 23.77 35.00
CA ARG C 7 -42.90 22.63 35.83
C ARG C 7 -44.08 21.85 35.24
N ALA C 8 -44.92 22.55 34.46
CA ALA C 8 -46.04 21.91 33.78
C ALA C 8 -45.54 20.91 32.75
N GLU C 9 -44.52 21.30 31.99
CA GLU C 9 -43.91 20.44 30.98
C GLU C 9 -43.11 19.34 31.66
N TYR C 10 -42.35 19.72 32.68
CA TYR C 10 -41.52 18.79 33.42
C TYR C 10 -42.36 17.68 34.04
N GLU C 11 -43.53 18.04 34.56
CA GLU C 11 -44.44 17.07 35.15
C GLU C 11 -45.34 16.38 34.13
N GLY C 12 -45.61 17.07 33.03
CA GLY C 12 -46.44 16.54 31.95
C GLY C 12 -45.71 15.58 31.02
N SER C 13 -44.40 15.78 30.88
CA SER C 13 -43.59 14.99 29.96
C SER C 13 -43.32 13.59 30.48
N GLY C 14 -43.26 13.45 31.80
CA GLY C 14 -42.77 12.22 32.43
C GLY C 14 -41.25 12.21 32.46
N ALA C 15 -40.67 13.38 32.15
CA ALA C 15 -39.23 13.57 32.19
C ALA C 15 -38.70 13.33 33.59
N LYS C 16 -39.45 13.74 34.61
CA LYS C 16 -39.09 13.47 36.00
C LYS C 16 -39.05 11.96 36.26
N GLU C 17 -40.02 11.25 35.70
CA GLU C 17 -40.13 9.79 35.86
C GLU C 17 -38.95 9.04 35.24
N VAL C 18 -38.29 9.64 34.25
CA VAL C 18 -37.08 9.06 33.66
C VAL C 18 -35.84 9.44 34.47
N LEU C 19 -35.87 10.62 35.08
CA LEU C 19 -34.76 11.06 35.93
C LEU C 19 -34.72 10.29 37.24
N GLU C 20 -35.90 9.96 37.76
CA GLU C 20 -36.03 9.05 38.91
C GLU C 20 -35.51 7.68 38.52
N GLU C 21 -35.96 7.20 37.37
CA GLU C 21 -35.51 5.93 36.83
C GLU C 21 -33.99 5.85 36.75
N LEU C 22 -33.34 7.00 36.53
CA LEU C 22 -31.88 7.07 36.44
C LEU C 22 -31.19 6.94 37.81
N ASP C 23 -31.73 7.63 38.83
CA ASP C 23 -31.22 7.51 40.19
C ASP C 23 -31.33 6.08 40.70
N ARG C 24 -32.48 5.46 40.46
CA ARG C 24 -32.75 4.09 40.90
C ARG C 24 -31.91 3.07 40.14
N GLU C 25 -31.60 3.33 38.87
CA GLU C 25 -30.94 2.35 38.01
C GLU C 25 -29.46 2.62 37.74
N LEU C 26 -28.83 3.45 38.57
CA LEU C 26 -27.40 3.71 38.46
C LEU C 26 -26.84 3.86 39.86
N ILE C 27 -26.03 2.90 40.31
CA ILE C 27 -25.44 2.98 41.65
C ILE C 27 -24.75 4.33 41.76
N GLY C 28 -25.17 5.09 42.77
CA GLY C 28 -24.80 6.49 42.96
C GLY C 28 -23.57 6.99 42.24
N LEU C 29 -23.79 7.80 41.21
CA LEU C 29 -22.74 8.63 40.63
C LEU C 29 -23.34 10.04 40.49
N LYS C 30 -23.67 10.62 41.65
CA LYS C 30 -24.36 11.89 41.76
C LYS C 30 -23.76 12.99 40.87
N PRO C 31 -22.41 13.14 40.85
CA PRO C 31 -21.76 13.98 39.84
C PRO C 31 -22.43 13.92 38.46
N VAL C 32 -22.42 12.74 37.83
CA VAL C 32 -23.02 12.58 36.50
C VAL C 32 -24.52 12.89 36.53
N LYS C 33 -25.24 12.25 37.44
CA LYS C 33 -26.69 12.39 37.56
C LYS C 33 -27.16 13.84 37.64
N ASP C 34 -26.37 14.69 38.31
CA ASP C 34 -26.67 16.13 38.38
C ASP C 34 -26.49 16.79 37.02
N ARG C 35 -25.45 16.37 36.31
CA ARG C 35 -25.14 16.87 34.96
C ARG C 35 -26.26 16.52 33.99
N ILE C 36 -26.87 15.35 34.19
CA ILE C 36 -28.00 14.91 33.38
C ILE C 36 -29.29 15.62 33.83
N ARG C 37 -29.39 15.87 35.13
CA ARG C 37 -30.49 16.67 35.67
C ARG C 37 -30.44 18.05 35.00
N GLU C 38 -29.25 18.63 34.93
CA GLU C 38 -29.05 19.97 34.37
C GLU C 38 -29.34 20.02 32.88
N THR C 39 -28.83 19.05 32.13
CA THR C 39 -29.10 18.96 30.70
C THR C 39 -30.60 18.82 30.45
N ALA C 40 -31.29 18.11 31.34
CA ALA C 40 -32.73 17.94 31.24
C ALA C 40 -33.39 19.30 31.28
N ALA C 41 -32.95 20.12 32.22
CA ALA C 41 -33.46 21.48 32.40
C ALA C 41 -33.33 22.31 31.12
N LEU C 42 -32.13 22.31 30.55
CA LEU C 42 -31.86 23.01 29.29
C LEU C 42 -32.70 22.46 28.15
N LEU C 43 -32.74 21.13 28.04
CA LEU C 43 -33.57 20.47 27.04
C LEU C 43 -35.04 20.86 27.19
N LEU C 44 -35.47 21.03 28.44
CA LEU C 44 -36.81 21.50 28.73
C LEU C 44 -36.99 22.91 28.18
N VAL C 45 -36.14 23.82 28.63
CA VAL C 45 -36.21 25.24 28.28
C VAL C 45 -36.15 25.45 26.75
N GLU C 46 -35.11 24.93 26.12
CA GLU C 46 -35.01 24.95 24.66
C GLU C 46 -36.31 24.54 23.98
N ARG C 47 -36.98 23.51 24.50
CA ARG C 47 -38.26 23.03 23.95
C ARG C 47 -39.37 24.07 24.12
N ALA C 48 -39.46 24.63 25.33
CA ALA C 48 -40.41 25.69 25.62
C ALA C 48 -40.16 26.92 24.73
N ARG C 49 -38.90 27.13 24.37
CA ARG C 49 -38.52 28.21 23.47
C ARG C 49 -38.92 27.90 22.03
N GLN C 50 -38.75 26.64 21.63
CA GLN C 50 -39.18 26.19 20.30
C GLN C 50 -40.71 26.23 20.17
N LYS C 51 -41.41 26.11 21.30
CA LYS C 51 -42.87 26.17 21.33
C LYS C 51 -43.41 27.62 21.33
N LEU C 52 -42.51 28.60 21.27
CA LEU C 52 -42.92 30.00 21.18
C LEU C 52 -42.29 30.68 19.96
N GLY C 53 -41.82 29.85 19.01
CA GLY C 53 -41.27 30.33 17.76
C GLY C 53 -39.99 31.12 17.97
N LEU C 54 -38.95 30.44 18.42
CA LEU C 54 -37.60 30.98 18.54
C LEU C 54 -36.57 29.92 18.17
N THR C 58 -36.20 23.47 14.34
CA THR C 58 -35.03 22.59 14.46
C THR C 58 -34.13 22.99 15.64
N PRO C 59 -33.90 22.05 16.58
CA PRO C 59 -32.92 22.21 17.67
C PRO C 59 -31.49 21.85 17.23
N THR C 60 -30.71 21.31 18.15
CA THR C 60 -29.35 20.82 17.86
C THR C 60 -28.90 19.90 19.00
N LEU C 61 -28.87 18.60 18.74
CA LEU C 61 -29.03 17.63 19.84
C LEU C 61 -27.86 16.70 20.16
N HIS C 62 -26.98 16.46 19.19
CA HIS C 62 -25.98 15.40 19.33
C HIS C 62 -25.07 15.62 20.50
N MET C 63 -24.59 14.53 21.06
CA MET C 63 -23.79 14.62 22.27
C MET C 63 -22.63 13.63 22.30
N SER C 64 -21.69 13.91 23.19
CA SER C 64 -20.54 13.04 23.37
C SER C 64 -20.42 12.63 24.84
N PHE C 65 -20.21 11.34 25.07
CA PHE C 65 -20.09 10.84 26.42
C PHE C 65 -18.67 10.33 26.59
N THR C 66 -17.89 11.00 27.44
CA THR C 66 -16.49 10.60 27.63
C THR C 66 -16.17 10.19 29.06
N GLY C 67 -15.36 9.14 29.17
CA GLY C 67 -14.95 8.62 30.46
C GLY C 67 -14.45 7.21 30.32
N ASN C 68 -14.25 6.55 31.45
CA ASN C 68 -13.76 5.18 31.47
C ASN C 68 -14.87 4.16 31.39
N PRO C 69 -14.51 2.89 31.10
CA PRO C 69 -15.48 1.82 31.26
C PRO C 69 -16.05 1.81 32.68
N GLY C 70 -17.38 1.72 32.78
CA GLY C 70 -18.03 1.49 34.06
C GLY C 70 -18.39 2.77 34.78
N THR C 71 -18.80 3.78 34.04
CA THR C 71 -19.15 5.07 34.63
C THR C 71 -20.57 5.46 34.30
N GLY C 72 -21.29 4.59 33.61
CA GLY C 72 -22.71 4.80 33.34
C GLY C 72 -23.05 5.37 31.98
N LYS C 73 -22.09 5.35 31.05
CA LYS C 73 -22.30 5.90 29.71
C LYS C 73 -23.51 5.29 29.02
N THR C 74 -23.56 3.96 28.96
CA THR C 74 -24.64 3.26 28.28
C THR C 74 -25.97 3.45 29.00
N THR C 75 -25.99 3.16 30.30
CA THR C 75 -27.23 3.27 31.06
C THR C 75 -27.77 4.70 31.17
N VAL C 76 -26.92 5.71 31.02
CA VAL C 76 -27.39 7.10 30.92
C VAL C 76 -27.90 7.38 29.52
N ALA C 77 -27.23 6.81 28.52
CA ALA C 77 -27.63 7.04 27.12
C ALA C 77 -29.02 6.51 26.88
N LEU C 78 -29.33 5.38 27.51
CA LEU C 78 -30.64 4.76 27.40
C LEU C 78 -31.70 5.70 27.95
N LYS C 79 -31.41 6.29 29.10
CA LYS C 79 -32.31 7.22 29.76
C LYS C 79 -32.44 8.50 28.97
N MET C 80 -31.37 8.89 28.28
CA MET C 80 -31.40 10.06 27.42
C MET C 80 -32.44 9.89 26.33
N ALA C 81 -32.36 8.77 25.61
CA ALA C 81 -33.32 8.38 24.58
C ALA C 81 -34.74 8.49 25.12
N GLY C 82 -34.90 8.04 26.36
CA GLY C 82 -36.16 8.20 27.08
C GLY C 82 -36.51 9.67 27.17
N LEU C 83 -35.69 10.40 27.94
CA LEU C 83 -35.89 11.83 28.14
C LEU C 83 -36.17 12.57 26.85
N LEU C 84 -35.35 12.33 25.83
CA LEU C 84 -35.54 12.96 24.52
C LEU C 84 -36.89 12.63 23.88
N HIS C 85 -37.38 11.41 24.07
CA HIS C 85 -38.68 11.01 23.54
C HIS C 85 -39.78 11.69 24.34
N ARG C 86 -39.56 11.86 25.64
CA ARG C 86 -40.54 12.54 26.50
C ARG C 86 -40.62 14.07 26.29
N LEU C 87 -39.58 14.66 25.70
CA LEU C 87 -39.61 16.10 25.48
C LEU C 87 -39.87 16.41 24.00
N GLY C 88 -40.40 15.42 23.29
CA GLY C 88 -40.78 15.57 21.89
C GLY C 88 -39.66 15.92 20.93
N TYR C 89 -38.43 15.56 21.29
CA TYR C 89 -37.30 15.79 20.39
C TYR C 89 -37.15 14.61 19.46
N VAL C 90 -37.55 13.44 19.97
CA VAL C 90 -37.40 12.19 19.26
C VAL C 90 -38.78 11.48 19.15
N ARG C 91 -39.05 10.83 18.01
CA ARG C 91 -40.37 10.23 17.77
C ARG C 91 -40.56 8.88 18.48
N LYS C 92 -39.69 7.91 18.19
CA LYS C 92 -39.68 6.61 18.88
C LYS C 92 -38.48 6.56 19.81
N GLY C 93 -38.69 6.81 21.11
CA GLY C 93 -37.56 6.94 22.03
C GLY C 93 -36.78 5.67 22.32
N HIS C 94 -35.98 5.24 21.34
CA HIS C 94 -35.29 3.96 21.41
C HIS C 94 -33.81 4.10 21.06
N LEU C 95 -32.98 3.32 21.75
CA LEU C 95 -31.54 3.48 21.63
C LEU C 95 -30.94 2.34 20.83
N VAL C 96 -30.27 2.70 19.74
CA VAL C 96 -29.55 1.75 18.90
C VAL C 96 -28.08 1.88 19.22
N SER C 97 -27.53 0.87 19.90
CA SER C 97 -26.14 0.85 20.35
C SER C 97 -25.27 0.01 19.41
N VAL C 98 -24.20 0.61 18.93
CA VAL C 98 -23.41 0.06 17.83
C VAL C 98 -21.93 0.33 18.10
N THR C 99 -21.06 -0.57 17.64
CA THR C 99 -19.61 -0.30 17.62
C THR C 99 -19.18 0.00 16.19
N ARG C 100 -17.88 0.15 15.96
CA ARG C 100 -17.37 0.45 14.62
C ARG C 100 -17.56 -0.75 13.68
N ASP C 101 -17.59 -1.94 14.28
CA ASP C 101 -17.77 -3.18 13.51
C ASP C 101 -19.22 -3.43 13.05
N ASP C 102 -20.11 -2.48 13.32
CA ASP C 102 -21.48 -2.56 12.82
C ASP C 102 -21.72 -1.58 11.68
N LEU C 103 -20.75 -0.71 11.43
CA LEU C 103 -20.88 0.36 10.44
C LEU C 103 -19.93 0.20 9.26
N VAL C 104 -18.78 -0.42 9.51
CA VAL C 104 -17.77 -0.59 8.48
C VAL C 104 -17.66 -2.05 8.08
N GLY C 105 -17.76 -2.31 6.78
CA GLY C 105 -17.64 -3.66 6.24
C GLY C 105 -16.27 -3.86 5.64
N GLN C 106 -15.81 -5.12 5.63
CA GLN C 106 -14.50 -5.47 5.08
C GLN C 106 -14.41 -5.16 3.58
N TYR C 107 -15.39 -5.64 2.81
CA TYR C 107 -15.43 -5.47 1.35
C TYR C 107 -15.48 -4.01 0.89
N ILE C 108 -14.90 -3.75 -0.28
CA ILE C 108 -14.77 -2.40 -0.83
C ILE C 108 -16.10 -1.87 -1.42
N GLY C 109 -16.91 -1.26 -0.55
CA GLY C 109 -18.19 -0.70 -0.97
C GLY C 109 -19.35 -1.24 -0.17
N HIS C 110 -19.06 -2.24 0.66
CA HIS C 110 -20.07 -2.84 1.54
C HIS C 110 -20.05 -2.17 2.92
N THR C 111 -19.88 -0.85 2.94
CA THR C 111 -19.84 -0.06 4.17
C THR C 111 -20.99 0.95 4.16
N ALA C 112 -21.12 1.65 3.01
CA ALA C 112 -22.17 2.65 2.80
C ALA C 112 -23.62 2.10 2.90
N PRO C 113 -23.90 0.89 2.39
CA PRO C 113 -25.23 0.35 2.67
C PRO C 113 -25.38 -0.04 4.14
N LYS C 114 -24.28 -0.46 4.77
CA LYS C 114 -24.31 -0.96 6.15
C LYS C 114 -24.52 0.15 7.19
N THR C 115 -23.77 1.23 7.05
CA THR C 115 -23.98 2.42 7.85
C THR C 115 -25.42 2.92 7.66
N LYS C 116 -25.81 3.09 6.40
CA LYS C 116 -27.16 3.58 6.02
C LYS C 116 -28.31 2.78 6.60
N GLU C 117 -28.19 1.45 6.59
CA GLU C 117 -29.24 0.59 7.12
C GLU C 117 -29.28 0.65 8.65
N VAL C 118 -28.12 0.66 9.28
CA VAL C 118 -28.03 0.86 10.73
C VAL C 118 -28.74 2.17 11.07
N LEU C 119 -28.46 3.21 10.29
CA LEU C 119 -29.10 4.53 10.44
C LEU C 119 -30.61 4.46 10.29
N LYS C 120 -31.08 3.65 9.34
CA LYS C 120 -32.52 3.44 9.16
C LYS C 120 -33.13 2.89 10.45
N ARG C 121 -32.45 1.92 11.07
CA ARG C 121 -32.90 1.36 12.32
C ARG C 121 -32.84 2.37 13.45
N ALA C 122 -31.94 3.35 13.32
CA ALA C 122 -31.75 4.37 14.34
C ALA C 122 -32.82 5.45 14.31
N MET C 123 -33.41 5.67 13.13
CA MET C 123 -34.32 6.80 12.89
C MET C 123 -35.50 6.88 13.85
N GLY C 124 -35.79 8.10 14.30
CA GLY C 124 -36.80 8.34 15.30
C GLY C 124 -36.31 8.14 16.73
N GLY C 125 -35.04 7.76 16.87
CA GLY C 125 -34.43 7.51 18.18
C GLY C 125 -32.98 7.95 18.27
N VAL C 126 -32.20 7.26 19.11
CA VAL C 126 -30.78 7.61 19.30
C VAL C 126 -29.83 6.51 18.83
N LEU C 127 -28.88 6.89 17.98
CA LEU C 127 -27.77 6.02 17.63
C LEU C 127 -26.62 6.27 18.61
N PHE C 128 -26.03 5.19 19.10
CA PHE C 128 -25.00 5.27 20.12
C PHE C 128 -23.73 4.57 19.69
N ILE C 129 -22.76 5.36 19.23
CA ILE C 129 -21.51 4.81 18.73
C ILE C 129 -20.46 4.74 19.84
N ASP C 130 -20.30 3.54 20.40
CA ASP C 130 -19.30 3.26 21.42
C ASP C 130 -17.91 3.32 20.82
N GLU C 131 -16.97 3.93 21.54
CA GLU C 131 -15.57 4.11 21.06
C GLU C 131 -15.48 4.56 19.60
N ALA C 132 -16.32 5.53 19.24
CA ALA C 132 -16.49 6.00 17.88
C ALA C 132 -15.19 6.24 17.13
N TYR C 133 -14.17 6.73 17.84
CA TYR C 133 -12.88 7.04 17.25
C TYR C 133 -12.23 5.87 16.49
N TYR C 134 -12.79 4.67 16.63
CA TYR C 134 -12.27 3.51 15.92
C TYR C 134 -12.73 3.46 14.46
N LEU C 135 -13.65 4.35 14.11
CA LEU C 135 -14.06 4.51 12.72
C LEU C 135 -12.93 5.14 11.89
N TYR C 136 -12.10 5.95 12.52
CA TYR C 136 -10.95 6.55 11.86
C TYR C 136 -9.70 5.69 12.08
N ARG C 137 -9.48 4.74 11.18
CA ARG C 137 -8.25 3.94 11.24
C ARG C 137 -7.39 4.08 9.96
N PRO C 138 -6.65 5.20 9.82
CA PRO C 138 -5.70 5.33 8.72
C PRO C 138 -4.42 4.58 9.05
N ASP C 139 -4.39 3.99 10.25
CA ASP C 139 -3.35 3.05 10.65
C ASP C 139 -3.46 1.81 9.75
N ASN C 140 -4.69 1.38 9.51
CA ASN C 140 -4.98 0.22 8.67
C ASN C 140 -5.28 0.58 7.23
N GLU C 141 -4.77 -0.22 6.31
CA GLU C 141 -5.22 -0.21 4.93
C GLU C 141 -6.33 -1.24 4.78
N ARG C 142 -7.21 -1.02 3.80
CA ARG C 142 -8.36 -1.91 3.54
C ARG C 142 -9.47 -1.87 4.62
N ASP C 143 -9.30 -1.00 5.63
CA ASP C 143 -10.41 -0.63 6.52
C ASP C 143 -11.11 0.58 5.88
N TYR C 144 -12.41 0.48 5.65
CA TYR C 144 -13.13 1.53 4.92
C TYR C 144 -13.98 2.44 5.80
N GLY C 145 -13.45 2.72 6.99
CA GLY C 145 -14.14 3.50 8.02
C GLY C 145 -14.37 4.98 7.73
N GLN C 146 -13.61 5.55 6.79
CA GLN C 146 -13.75 6.97 6.44
C GLN C 146 -15.08 7.28 5.75
N GLU C 147 -15.61 6.30 5.03
CA GLU C 147 -16.92 6.41 4.38
C GLU C 147 -18.05 6.50 5.40
N ALA C 148 -17.93 5.70 6.47
CA ALA C 148 -18.87 5.70 7.59
C ALA C 148 -18.86 7.04 8.31
N ILE C 149 -17.66 7.62 8.44
CA ILE C 149 -17.52 8.96 8.97
C ILE C 149 -18.26 9.95 8.07
N GLU C 150 -17.96 9.91 6.77
CA GLU C 150 -18.62 10.81 5.82
C GLU C 150 -20.14 10.75 5.90
N ILE C 151 -20.69 9.53 5.86
CA ILE C 151 -22.14 9.36 5.95
C ILE C 151 -22.69 9.82 7.31
N LEU C 152 -21.95 9.51 8.38
CA LEU C 152 -22.32 9.95 9.73
C LEU C 152 -22.36 11.47 9.80
N LEU C 153 -21.27 12.10 9.39
CA LEU C 153 -21.10 13.54 9.46
C LEU C 153 -22.18 14.26 8.68
N GLN C 154 -22.47 13.75 7.48
CA GLN C 154 -23.50 14.32 6.60
C GLN C 154 -24.87 14.27 7.28
N VAL C 155 -25.15 13.17 7.97
CA VAL C 155 -26.42 12.98 8.66
C VAL C 155 -26.60 13.95 9.83
N MET C 156 -25.53 14.17 10.59
CA MET C 156 -25.55 15.04 11.76
C MET C 156 -25.79 16.52 11.47
N GLU C 157 -25.57 16.94 10.22
CA GLU C 157 -25.87 18.29 9.76
C GLU C 157 -27.22 18.34 9.04
N ASN C 158 -27.34 17.54 7.97
CA ASN C 158 -28.53 17.58 7.10
C ASN C 158 -29.81 16.97 7.72
N ASN C 159 -29.93 15.64 7.70
CA ASN C 159 -31.12 14.93 8.15
C ASN C 159 -31.35 14.95 9.68
N ARG C 160 -31.63 16.14 10.21
CA ARG C 160 -31.55 16.40 11.66
C ARG C 160 -32.74 15.88 12.48
N ASP C 161 -33.92 16.44 12.23
CA ASP C 161 -35.09 16.29 13.12
C ASP C 161 -35.59 14.85 13.35
N ASP C 162 -34.90 13.87 12.79
CA ASP C 162 -35.28 12.47 12.95
C ASP C 162 -34.13 11.56 13.41
N LEU C 163 -33.17 12.13 14.17
CA LEU C 163 -32.04 11.35 14.73
C LEU C 163 -31.11 12.12 15.67
N VAL C 164 -30.73 11.45 16.75
CA VAL C 164 -29.71 11.96 17.68
C VAL C 164 -28.55 10.95 17.75
N VAL C 165 -27.33 11.45 17.74
CA VAL C 165 -26.12 10.62 17.79
C VAL C 165 -25.37 10.86 19.08
N ILE C 166 -24.94 9.77 19.72
CA ILE C 166 -24.07 9.86 20.89
C ILE C 166 -22.78 9.08 20.67
N LEU C 167 -21.68 9.82 20.53
CA LEU C 167 -20.35 9.22 20.47
C LEU C 167 -19.91 9.04 21.90
N ALA C 168 -19.26 7.91 22.18
CA ALA C 168 -18.83 7.64 23.56
C ALA C 168 -17.50 6.92 23.63
N GLY C 169 -16.88 6.98 24.81
CA GLY C 169 -15.61 6.30 25.03
C GLY C 169 -14.61 7.14 25.78
N TYR C 170 -13.37 6.68 25.79
CA TYR C 170 -12.28 7.40 26.45
C TYR C 170 -12.14 8.80 25.88
N ALA C 171 -11.85 9.77 26.76
CA ALA C 171 -11.73 11.18 26.37
C ALA C 171 -10.46 11.49 25.59
N ASP C 172 -9.32 10.98 26.05
CA ASP C 172 -8.09 11.23 25.32
C ASP C 172 -8.28 10.84 23.84
N ARG C 173 -8.89 9.69 23.60
CA ARG C 173 -9.07 9.17 22.25
C ARG C 173 -10.15 9.94 21.46
N MET C 174 -11.15 10.46 22.18
CA MET C 174 -12.20 11.22 21.52
C MET C 174 -11.72 12.58 21.04
N GLU C 175 -10.94 13.26 21.88
CA GLU C 175 -10.47 14.60 21.56
C GLU C 175 -9.50 14.58 20.39
N ASN C 176 -8.69 13.51 20.32
CA ASN C 176 -7.83 13.24 19.17
C ASN C 176 -8.63 13.01 17.88
N PHE C 177 -9.77 12.36 18.03
CA PHE C 177 -10.64 12.00 16.91
C PHE C 177 -11.26 13.26 16.28
N PHE C 178 -11.55 14.25 17.13
CA PHE C 178 -12.04 15.55 16.71
C PHE C 178 -10.95 16.38 16.01
N GLN C 179 -9.70 16.26 16.46
CA GLN C 179 -8.58 16.93 15.80
C GLN C 179 -8.55 16.53 14.35
N SER C 180 -8.54 15.22 14.14
CA SER C 180 -8.41 14.59 12.84
C SER C 180 -9.68 14.73 12.01
N ASN C 181 -10.83 14.65 12.66
CA ASN C 181 -12.11 14.81 12.01
C ASN C 181 -12.86 15.98 12.60
N PRO C 182 -12.54 17.21 12.17
CA PRO C 182 -13.29 18.34 12.71
C PRO C 182 -14.68 18.42 12.08
N GLY C 183 -15.54 19.26 12.62
CA GLY C 183 -16.90 19.34 12.13
C GLY C 183 -17.81 18.52 13.00
N PHE C 184 -17.19 17.70 13.86
CA PHE C 184 -17.92 17.00 14.92
C PHE C 184 -18.10 17.88 16.15
N ARG C 185 -17.06 18.62 16.51
CA ARG C 185 -17.10 19.53 17.66
C ARG C 185 -18.29 20.49 17.58
N SER C 186 -18.54 21.01 16.37
CA SER C 186 -19.63 21.95 16.15
C SER C 186 -20.98 21.24 16.11
N ARG C 187 -20.95 19.92 15.92
CA ARG C 187 -22.18 19.14 15.78
C ARG C 187 -22.61 18.50 17.08
N ILE C 188 -21.68 18.39 18.03
CA ILE C 188 -22.00 17.95 19.37
C ILE C 188 -22.30 19.18 20.22
N ALA C 189 -23.53 19.23 20.74
CA ALA C 189 -24.00 20.34 21.53
C ALA C 189 -23.83 20.01 23.00
N HIS C 190 -23.67 18.72 23.30
CA HIS C 190 -23.59 18.26 24.68
C HIS C 190 -22.36 17.38 24.93
N HIS C 191 -21.33 17.96 25.54
CA HIS C 191 -20.18 17.18 26.00
C HIS C 191 -20.41 16.82 27.46
N ILE C 192 -20.60 15.54 27.72
CA ILE C 192 -20.79 15.06 29.08
C ILE C 192 -19.60 14.22 29.48
N GLU C 193 -18.95 14.63 30.57
CA GLU C 193 -17.83 13.87 31.13
C GLU C 193 -18.37 12.91 32.17
N PHE C 194 -17.93 11.66 32.08
CA PHE C 194 -18.31 10.65 33.05
C PHE C 194 -17.08 10.33 33.89
N PRO C 195 -17.05 10.84 35.13
CA PRO C 195 -15.87 10.57 35.97
C PRO C 195 -16.00 9.21 36.64
N ASP C 196 -14.91 8.69 37.19
CA ASP C 196 -14.94 7.42 37.92
C ASP C 196 -15.73 7.54 39.21
N TYR C 197 -7.33 5.41 39.18
CA TYR C 197 -8.52 5.73 39.95
C TYR C 197 -8.17 5.76 41.43
N SER C 198 -8.83 6.64 42.18
CA SER C 198 -8.64 6.68 43.61
C SER C 198 -9.21 5.39 44.21
N ASP C 199 -8.67 4.99 45.36
CA ASP C 199 -9.14 3.80 46.06
C ASP C 199 -10.67 3.72 46.15
N GLU C 200 -11.30 4.79 46.64
CA GLU C 200 -12.76 4.82 46.76
C GLU C 200 -13.43 4.49 45.43
N GLU C 201 -12.92 5.05 44.34
CA GLU C 201 -13.48 4.79 43.00
C GLU C 201 -13.33 3.34 42.55
N LEU C 202 -12.13 2.79 42.71
CA LEU C 202 -11.87 1.38 42.47
C LEU C 202 -12.81 0.47 43.26
N PHE C 203 -13.12 0.89 44.48
CA PHE C 203 -14.01 0.14 45.36
C PHE C 203 -15.45 0.26 44.88
N GLU C 204 -15.81 1.45 44.40
CA GLU C 204 -17.14 1.65 43.84
C GLU C 204 -17.31 0.73 42.64
N ILE C 205 -16.32 0.74 41.76
CA ILE C 205 -16.29 -0.14 40.59
C ILE C 205 -16.47 -1.59 41.00
N ALA C 206 -15.61 -2.07 41.89
CA ALA C 206 -15.74 -3.42 42.44
C ALA C 206 -17.18 -3.69 42.85
N GLY C 207 -17.81 -2.69 43.46
CA GLY C 207 -19.15 -2.83 44.00
C GLY C 207 -20.18 -2.95 42.89
N HIS C 208 -20.05 -2.12 41.87
CA HIS C 208 -20.96 -2.15 40.74
C HIS C 208 -20.83 -3.47 39.98
N MET C 209 -19.59 -3.87 39.70
CA MET C 209 -19.33 -5.16 39.06
C MET C 209 -20.06 -6.29 39.79
N LEU C 210 -19.96 -6.31 41.12
CA LEU C 210 -20.61 -7.34 41.88
C LEU C 210 -22.14 -7.24 41.90
N ASP C 211 -22.66 -6.03 41.74
CA ASP C 211 -24.11 -5.87 41.68
C ASP C 211 -24.60 -6.44 40.38
N ASP C 212 -23.90 -6.11 39.30
CA ASP C 212 -24.24 -6.60 37.96
C ASP C 212 -24.23 -8.12 37.86
N GLN C 213 -23.46 -8.77 38.72
CA GLN C 213 -23.36 -10.23 38.75
C GLN C 213 -24.22 -10.89 39.86
N ASN C 214 -24.93 -10.08 40.62
CA ASN C 214 -25.62 -10.56 41.83
C ASN C 214 -24.69 -11.30 42.78
N TYR C 215 -23.69 -10.58 43.28
CA TYR C 215 -22.87 -11.04 44.40
C TYR C 215 -22.78 -9.88 45.38
N GLN C 216 -22.80 -10.22 46.66
CA GLN C 216 -22.59 -9.25 47.73
C GLN C 216 -21.32 -9.63 48.51
N MET C 217 -20.69 -8.64 49.13
CA MET C 217 -19.57 -8.92 50.04
C MET C 217 -20.05 -8.84 51.48
N THR C 218 -19.37 -9.54 52.39
CA THR C 218 -19.61 -9.35 53.81
C THR C 218 -18.76 -8.16 54.19
N PRO C 219 -19.26 -7.32 55.13
CA PRO C 219 -18.47 -6.17 55.59
C PRO C 219 -16.96 -6.48 55.75
N GLU C 220 -16.63 -7.61 56.38
CA GLU C 220 -15.25 -8.07 56.54
C GLU C 220 -14.52 -8.18 55.21
N ALA C 221 -15.23 -8.65 54.20
CA ALA C 221 -14.65 -8.81 52.86
C ALA C 221 -14.45 -7.46 52.17
N GLU C 222 -15.34 -6.51 52.47
CA GLU C 222 -15.21 -5.16 51.91
C GLU C 222 -13.89 -4.56 52.35
N THR C 223 -13.63 -4.61 53.66
CA THR C 223 -12.38 -4.07 54.17
C THR C 223 -11.22 -4.87 53.61
N ALA C 224 -11.43 -6.17 53.41
CA ALA C 224 -10.42 -7.03 52.78
C ALA C 224 -10.06 -6.58 51.35
N LEU C 225 -11.04 -6.03 50.63
CA LEU C 225 -10.84 -5.55 49.26
C LEU C 225 -10.10 -4.24 49.28
N ARG C 226 -10.46 -3.37 50.22
CA ARG C 226 -9.83 -2.05 50.38
C ARG C 226 -8.35 -2.21 50.65
N ALA C 227 -8.03 -3.20 51.48
CA ALA C 227 -6.66 -3.63 51.73
C ALA C 227 -6.04 -4.10 50.43
N TYR C 228 -6.75 -4.99 49.74
CA TYR C 228 -6.31 -5.57 48.48
C TYR C 228 -5.95 -4.48 47.47
N ILE C 229 -6.89 -3.58 47.23
CA ILE C 229 -6.72 -2.50 46.26
C ILE C 229 -5.43 -1.71 46.51
N GLY C 230 -5.28 -1.22 47.74
CA GLY C 230 -4.12 -0.43 48.13
C GLY C 230 -2.81 -1.13 47.84
N LEU C 231 -2.78 -2.44 48.09
CA LEU C 231 -1.60 -3.22 47.79
C LEU C 231 -1.44 -3.39 46.29
N ARG C 232 -2.52 -3.78 45.61
CA ARG C 232 -2.46 -4.06 44.17
C ARG C 232 -1.94 -2.89 43.36
N ARG C 233 -2.31 -1.67 43.73
CA ARG C 233 -1.93 -0.49 42.95
C ARG C 233 -0.44 -0.18 43.02
N ASN C 234 0.27 -0.81 43.97
CA ASN C 234 1.70 -0.63 44.11
C ASN C 234 2.51 -1.76 43.50
N GLN C 235 1.81 -2.79 43.03
CA GLN C 235 2.45 -3.85 42.28
C GLN C 235 2.42 -3.52 40.79
N PRO C 236 3.40 -4.05 40.03
CA PRO C 236 3.53 -3.74 38.59
C PRO C 236 2.29 -4.06 37.74
N HIS C 237 2.18 -3.39 36.60
CA HIS C 237 1.11 -3.63 35.63
C HIS C 237 -0.29 -3.57 36.25
N PHE C 238 -0.53 -2.54 37.05
CA PHE C 238 -1.85 -2.31 37.58
C PHE C 238 -2.71 -1.78 36.48
N ALA C 239 -3.85 -2.43 36.25
CA ALA C 239 -4.69 -2.11 35.10
C ALA C 239 -6.05 -1.57 35.52
N ASN C 240 -6.10 -0.96 36.71
CA ASN C 240 -7.32 -0.38 37.27
C ASN C 240 -8.50 -1.35 37.22
N ALA C 241 -9.54 -0.96 36.49
CA ALA C 241 -10.75 -1.77 36.37
C ALA C 241 -10.51 -3.23 35.99
N ARG C 242 -9.53 -3.49 35.12
CA ARG C 242 -9.22 -4.86 34.71
C ARG C 242 -8.72 -5.65 35.90
N SER C 243 -7.79 -5.06 36.65
CA SER C 243 -7.26 -5.69 37.85
C SER C 243 -8.39 -6.00 38.85
N ILE C 244 -9.39 -5.14 38.88
CA ILE C 244 -10.56 -5.33 39.72
C ILE C 244 -11.40 -6.51 39.24
N ARG C 245 -11.83 -6.50 37.97
CA ARG C 245 -12.52 -7.67 37.37
C ARG C 245 -11.73 -8.92 37.73
N ASN C 246 -10.43 -8.91 37.41
CA ASN C 246 -9.55 -10.04 37.63
C ASN C 246 -9.53 -10.56 39.07
N ALA C 247 -9.55 -9.64 40.03
CA ALA C 247 -9.55 -10.02 41.44
C ALA C 247 -10.90 -10.64 41.82
N LEU C 248 -11.97 -10.03 41.34
CA LEU C 248 -13.32 -10.49 41.56
C LEU C 248 -13.59 -11.85 40.90
N ASP C 249 -13.07 -12.02 39.69
CA ASP C 249 -13.11 -13.31 39.02
C ASP C 249 -12.45 -14.38 39.89
N ARG C 250 -11.26 -14.09 40.39
CA ARG C 250 -10.51 -15.06 41.19
C ARG C 250 -11.16 -15.28 42.55
N ALA C 251 -11.77 -14.21 43.07
CA ALA C 251 -12.54 -14.29 44.30
C ALA C 251 -13.75 -15.20 44.12
N ARG C 252 -14.49 -14.99 43.03
CA ARG C 252 -15.63 -15.82 42.64
C ARG C 252 -15.24 -17.28 42.51
N LEU C 253 -14.10 -17.55 41.88
CA LEU C 253 -13.57 -18.90 41.73
C LEU C 253 -13.27 -19.49 43.11
N ARG C 254 -12.65 -18.70 43.98
CA ARG C 254 -12.34 -19.13 45.34
C ARG C 254 -13.62 -19.33 46.17
N GLN C 255 -14.60 -18.47 45.98
CA GLN C 255 -15.86 -18.58 46.71
C GLN C 255 -16.58 -19.87 46.31
N ALA C 256 -16.55 -20.18 45.02
CA ALA C 256 -17.17 -21.38 44.50
C ALA C 256 -16.54 -22.64 45.10
N ASN C 257 -15.21 -22.64 45.19
CA ASN C 257 -14.46 -23.76 45.74
C ASN C 257 -14.55 -23.87 47.25
N ARG C 258 -14.68 -22.72 47.92
CA ARG C 258 -14.90 -22.68 49.36
C ARG C 258 -16.21 -23.38 49.67
N LEU C 259 -17.28 -22.99 48.96
CA LEU C 259 -18.61 -23.57 49.14
C LEU C 259 -18.70 -25.05 48.77
N PHE C 260 -18.12 -25.39 47.61
CA PHE C 260 -18.16 -26.78 47.16
C PHE C 260 -17.46 -27.71 48.14
N THR C 261 -16.39 -27.21 48.76
CA THR C 261 -15.58 -28.01 49.66
C THR C 261 -16.18 -28.11 51.06
N ALA C 262 -16.81 -27.04 51.53
CA ALA C 262 -17.52 -27.07 52.81
C ALA C 262 -18.65 -28.12 52.78
N SER C 263 -19.71 -27.81 52.04
CA SER C 263 -20.86 -28.71 51.84
C SER C 263 -21.53 -29.13 53.15
N SER C 264 -22.00 -28.14 53.92
CA SER C 264 -22.81 -28.41 55.12
C SER C 264 -24.08 -29.17 54.77
N GLY C 265 -24.63 -28.86 53.60
CA GLY C 265 -25.85 -29.47 53.09
C GLY C 265 -26.42 -28.57 52.00
N PRO C 266 -27.74 -28.30 52.06
CA PRO C 266 -28.27 -27.30 51.14
C PRO C 266 -27.81 -25.93 51.58
N LEU C 267 -27.66 -25.02 50.61
CA LEU C 267 -27.39 -23.62 50.93
C LEU C 267 -28.19 -22.69 50.03
N ASP C 268 -28.47 -21.50 50.55
CA ASP C 268 -29.43 -20.59 49.94
C ASP C 268 -28.74 -19.46 49.17
N ALA C 269 -29.56 -18.58 48.60
CA ALA C 269 -29.07 -17.47 47.77
C ALA C 269 -27.98 -16.62 48.43
N ARG C 270 -28.11 -16.35 49.72
CA ARG C 270 -27.13 -15.51 50.42
C ARG C 270 -25.76 -16.19 50.43
N ALA C 271 -25.74 -17.46 50.81
CA ALA C 271 -24.51 -18.26 50.82
C ALA C 271 -23.83 -18.29 49.45
N LEU C 272 -24.63 -18.35 48.40
CA LEU C 272 -24.16 -18.45 47.01
C LEU C 272 -23.86 -17.10 46.38
N SER C 273 -24.45 -16.04 46.92
CA SER C 273 -24.21 -14.69 46.43
C SER C 273 -23.10 -13.96 47.18
N THR C 274 -22.67 -14.52 48.31
CA THR C 274 -21.76 -13.83 49.18
C THR C 274 -20.31 -14.16 48.89
N ILE C 275 -19.49 -13.13 48.74
CA ILE C 275 -18.04 -13.27 48.74
C ILE C 275 -17.53 -12.95 50.14
N ALA C 276 -16.85 -13.92 50.74
CA ALA C 276 -16.36 -13.81 52.10
C ALA C 276 -14.90 -13.37 52.16
N GLU C 277 -14.49 -12.95 53.35
CA GLU C 277 -13.13 -12.49 53.62
C GLU C 277 -12.07 -13.48 53.14
N GLU C 278 -12.30 -14.77 53.34
CA GLU C 278 -11.41 -15.84 52.88
C GLU C 278 -11.11 -15.72 51.40
N ASP C 279 -12.15 -15.45 50.61
CA ASP C 279 -12.05 -15.48 49.15
C ASP C 279 -11.13 -14.42 48.59
N ILE C 280 -10.99 -13.31 49.31
CA ILE C 280 -10.11 -12.23 48.88
C ILE C 280 -8.75 -12.35 49.52
N ARG C 281 -8.71 -12.64 50.81
CA ARG C 281 -7.44 -12.68 51.55
C ARG C 281 -6.51 -13.81 51.14
N ALA C 282 -7.06 -14.84 50.50
CA ALA C 282 -6.29 -15.99 49.99
C ALA C 282 -5.37 -15.62 48.83
N SER C 283 -5.47 -14.38 48.36
CA SER C 283 -4.67 -13.92 47.23
C SER C 283 -3.19 -13.70 47.58
N ARG C 284 -2.31 -14.10 46.65
CA ARG C 284 -0.87 -13.92 46.79
C ARG C 284 -0.50 -12.44 46.80
N VAL C 285 -1.45 -11.59 46.42
CA VAL C 285 -1.30 -10.15 46.60
C VAL C 285 -1.03 -9.81 48.08
N PHE C 286 -1.53 -10.64 48.99
CA PHE C 286 -1.27 -10.47 50.42
C PHE C 286 0.02 -11.15 50.89
N LYS C 287 0.52 -12.08 50.08
CA LYS C 287 1.79 -12.73 50.36
C LYS C 287 2.95 -11.80 49.94
N GLY C 288 2.72 -11.02 48.88
CA GLY C 288 3.73 -10.10 48.35
C GLY C 288 3.71 -9.97 46.82
N GLY C 289 3.03 -10.92 46.16
CA GLY C 289 2.92 -10.92 44.69
C GLY C 289 1.51 -11.24 44.20
N PRO D 1 -38.06 -25.71 45.72
CA PRO D 1 -36.65 -25.46 45.97
C PRO D 1 -36.37 -24.09 46.61
N THR D 2 -35.47 -24.09 47.59
CA THR D 2 -35.12 -22.89 48.39
C THR D 2 -33.61 -22.78 48.61
N SER D 3 -33.01 -23.88 49.08
CA SER D 3 -31.56 -24.07 49.07
C SER D 3 -31.22 -24.98 47.89
N ILE D 4 -29.93 -25.26 47.68
CA ILE D 4 -29.48 -26.20 46.64
C ILE D 4 -28.32 -27.04 47.12
N ASP D 5 -28.46 -28.36 47.00
CA ASP D 5 -27.38 -29.29 47.26
C ASP D 5 -26.43 -29.30 46.05
N LEU D 6 -25.20 -28.84 46.26
CA LEU D 6 -24.22 -28.76 45.19
C LEU D 6 -23.77 -30.15 44.74
N ARG D 7 -23.45 -31.01 45.71
CA ARG D 7 -23.04 -32.39 45.44
C ARG D 7 -24.09 -33.17 44.65
N ALA D 8 -25.36 -32.80 44.82
CA ALA D 8 -26.46 -33.41 44.07
C ALA D 8 -26.32 -33.14 42.58
N GLU D 9 -26.00 -31.88 42.25
CA GLU D 9 -25.79 -31.47 40.86
C GLU D 9 -24.49 -32.06 40.34
N TYR D 10 -23.45 -31.99 41.15
CA TYR D 10 -22.13 -32.50 40.78
C TYR D 10 -22.19 -33.99 40.46
N GLU D 11 -22.98 -34.73 41.24
CA GLU D 11 -23.15 -36.16 41.02
C GLU D 11 -24.23 -36.49 39.98
N GLY D 12 -25.20 -35.60 39.86
CA GLY D 12 -26.29 -35.77 38.90
C GLY D 12 -25.94 -35.39 37.47
N SER D 13 -24.99 -34.46 37.33
CA SER D 13 -24.61 -33.93 36.02
C SER D 13 -23.74 -34.91 35.25
N GLY D 14 -22.96 -35.72 35.97
CA GLY D 14 -21.92 -36.52 35.36
C GLY D 14 -20.67 -35.69 35.13
N ALA D 15 -20.66 -34.50 35.73
CA ALA D 15 -19.53 -33.58 35.69
C ALA D 15 -18.29 -34.23 36.30
N LYS D 16 -18.49 -35.00 37.38
CA LYS D 16 -17.40 -35.75 37.99
C LYS D 16 -16.83 -36.78 37.01
N GLU D 17 -17.72 -37.42 36.25
CA GLU D 17 -17.34 -38.43 35.26
C GLU D 17 -16.50 -37.87 34.12
N VAL D 18 -16.64 -36.57 33.85
CA VAL D 18 -15.82 -35.89 32.85
C VAL D 18 -14.49 -35.43 33.47
N LEU D 19 -14.52 -35.09 34.75
CA LEU D 19 -13.29 -34.69 35.45
C LEU D 19 -12.37 -35.89 35.69
N GLU D 20 -12.96 -37.05 35.96
CA GLU D 20 -12.23 -38.31 36.00
C GLU D 20 -11.64 -38.60 34.64
N GLU D 21 -12.48 -38.49 33.61
CA GLU D 21 -12.06 -38.67 32.23
C GLU D 21 -10.84 -37.82 31.90
N LEU D 22 -10.73 -36.65 32.52
CA LEU D 22 -9.61 -35.72 32.30
C LEU D 22 -8.30 -36.20 32.95
N ASP D 23 -8.40 -36.68 34.19
CA ASP D 23 -7.24 -37.25 34.89
C ASP D 23 -6.68 -38.45 34.14
N ARG D 24 -7.58 -39.33 33.70
CA ARG D 24 -7.19 -40.53 32.98
C ARG D 24 -6.63 -40.24 31.59
N GLU D 25 -7.13 -39.18 30.95
CA GLU D 25 -6.77 -38.90 29.56
C GLU D 25 -5.79 -37.73 29.36
N LEU D 26 -5.06 -37.37 30.41
CA LEU D 26 -4.04 -36.35 30.32
C LEU D 26 -2.89 -36.74 31.24
N ILE D 27 -1.74 -37.11 30.66
CA ILE D 27 -0.59 -37.49 31.47
C ILE D 27 -0.33 -36.37 32.46
N GLY D 28 -0.34 -36.74 33.75
CA GLY D 28 -0.32 -35.81 34.87
C GLY D 28 0.16 -34.39 34.61
N LEU D 29 -0.77 -33.45 34.61
CA LEU D 29 -0.45 -32.04 34.72
C LEU D 29 -1.38 -31.46 35.78
N LYS D 30 -1.20 -31.97 37.00
CA LYS D 30 -2.04 -31.68 38.16
C LYS D 30 -2.31 -30.18 38.33
N PRO D 31 -1.28 -29.31 38.22
CA PRO D 31 -1.50 -27.87 38.13
C PRO D 31 -2.74 -27.48 37.32
N VAL D 32 -2.76 -27.82 36.02
CA VAL D 32 -3.89 -27.48 35.15
C VAL D 32 -5.16 -28.17 35.62
N LYS D 33 -5.10 -29.48 35.83
CA LYS D 33 -6.25 -30.28 36.24
C LYS D 33 -6.97 -29.73 37.47
N ASP D 34 -6.22 -29.18 38.42
CA ASP D 34 -6.81 -28.54 39.59
C ASP D 34 -7.54 -27.26 39.21
N ARG D 35 -6.96 -26.50 38.28
CA ARG D 35 -7.55 -25.26 37.77
C ARG D 35 -8.87 -25.55 37.06
N ILE D 36 -8.94 -26.70 36.39
CA ILE D 36 -10.17 -27.13 35.72
C ILE D 36 -11.17 -27.69 36.73
N ARG D 37 -10.64 -28.35 37.78
CA ARG D 37 -11.46 -28.80 38.89
C ARG D 37 -12.15 -27.58 39.51
N GLU D 38 -11.36 -26.52 39.71
CA GLU D 38 -11.85 -25.30 40.35
C GLU D 38 -12.89 -24.57 39.49
N THR D 39 -12.60 -24.44 38.20
CA THR D 39 -13.54 -23.81 37.28
C THR D 39 -14.85 -24.60 37.24
N ALA D 40 -14.75 -25.93 37.37
CA ALA D 40 -15.92 -26.78 37.40
C ALA D 40 -16.80 -26.38 38.55
N ALA D 41 -16.18 -26.18 39.72
CA ALA D 41 -16.87 -25.77 40.95
C ALA D 41 -17.65 -24.47 40.74
N LEU D 42 -16.98 -23.45 40.19
CA LEU D 42 -17.60 -22.16 39.89
C LEU D 42 -18.72 -22.30 38.88
N LEU D 43 -18.46 -23.06 37.80
CA LEU D 43 -19.48 -23.35 36.80
C LEU D 43 -20.69 -24.03 37.42
N LEU D 44 -20.44 -24.89 38.40
CA LEU D 44 -21.49 -25.54 39.15
C LEU D 44 -22.30 -24.49 39.91
N VAL D 45 -21.63 -23.73 40.75
CA VAL D 45 -22.25 -22.72 41.61
C VAL D 45 -23.04 -21.69 40.80
N GLU D 46 -22.39 -21.04 39.85
CA GLU D 46 -23.08 -20.13 38.93
C GLU D 46 -24.38 -20.72 38.38
N ARG D 47 -24.38 -22.02 38.03
CA ARG D 47 -25.58 -22.71 37.52
C ARG D 47 -26.65 -22.81 38.59
N ALA D 48 -26.25 -23.23 39.79
CA ALA D 48 -27.16 -23.30 40.93
C ALA D 48 -27.75 -21.93 41.26
N ARG D 49 -26.97 -20.87 41.00
CA ARG D 49 -27.42 -19.51 41.19
C ARG D 49 -28.42 -19.09 40.11
N GLN D 50 -28.15 -19.51 38.87
CA GLN D 50 -29.06 -19.25 37.76
C GLN D 50 -30.39 -20.02 37.95
N LYS D 51 -30.32 -21.14 38.67
CA LYS D 51 -31.52 -21.93 38.97
C LYS D 51 -32.34 -21.40 40.15
N LEU D 52 -31.91 -20.27 40.71
CA LEU D 52 -32.66 -19.62 41.79
C LEU D 52 -32.97 -18.16 41.43
N GLY D 53 -32.85 -17.85 40.14
CA GLY D 53 -33.19 -16.52 39.62
C GLY D 53 -32.26 -15.46 40.16
N LEU D 54 -31.00 -15.53 39.76
CA LEU D 54 -29.99 -14.51 40.05
C LEU D 54 -29.06 -14.36 38.85
N THR D 58 -29.02 -15.76 31.46
CA THR D 58 -27.78 -15.69 30.70
C THR D 58 -26.54 -15.62 31.60
N PRO D 59 -25.61 -16.58 31.44
CA PRO D 59 -24.30 -16.56 32.11
C PRO D 59 -23.28 -15.72 31.34
N THR D 60 -22.00 -16.12 31.39
CA THR D 60 -20.92 -15.48 30.63
C THR D 60 -19.72 -16.43 30.58
N LEU D 61 -19.49 -17.03 29.42
CA LEU D 61 -18.78 -18.32 29.40
C LEU D 61 -17.43 -18.39 28.70
N HIS D 62 -17.15 -17.48 27.78
CA HIS D 62 -15.99 -17.63 26.91
C HIS D 62 -14.69 -17.65 27.67
N MET D 63 -13.72 -18.36 27.13
CA MET D 63 -12.46 -18.54 27.83
C MET D 63 -11.25 -18.49 26.92
N SER D 64 -10.09 -18.30 27.53
CA SER D 64 -8.83 -18.27 26.83
C SER D 64 -7.87 -19.29 27.42
N PHE D 65 -7.22 -20.06 26.56
CA PHE D 65 -6.29 -21.07 27.01
C PHE D 65 -4.91 -20.67 26.51
N THR D 66 -4.02 -20.32 27.43
CA THR D 66 -2.67 -19.87 27.04
C THR D 66 -1.56 -20.76 27.58
N GLY D 67 -0.57 -20.98 26.73
CA GLY D 67 0.57 -21.80 27.08
C GLY D 67 1.29 -22.27 25.84
N ASN D 68 2.21 -23.20 26.03
CA ASN D 68 2.99 -23.74 24.93
C ASN D 68 2.33 -24.94 24.26
N PRO D 69 2.80 -25.31 23.06
CA PRO D 69 2.38 -26.59 22.50
C PRO D 69 2.67 -27.73 23.48
N GLY D 70 1.67 -28.60 23.68
CA GLY D 70 1.86 -29.83 24.41
C GLY D 70 1.62 -29.69 25.89
N THR D 71 0.62 -28.90 26.25
CA THR D 71 0.30 -28.67 27.66
C THR D 71 -1.13 -29.06 27.98
N GLY D 72 -1.84 -29.59 26.99
CA GLY D 72 -3.19 -30.11 27.20
C GLY D 72 -4.33 -29.18 26.82
N LYS D 73 -4.03 -28.11 26.07
CA LYS D 73 -5.04 -27.14 25.67
C LYS D 73 -6.22 -27.79 24.96
N THR D 74 -5.93 -28.56 23.92
CA THR D 74 -6.98 -29.19 23.12
C THR D 74 -7.74 -30.26 23.93
N THR D 75 -7.00 -31.18 24.53
CA THR D 75 -7.62 -32.25 25.28
C THR D 75 -8.40 -31.78 26.53
N VAL D 76 -8.05 -30.61 27.07
CA VAL D 76 -8.86 -30.00 28.14
C VAL D 76 -10.08 -29.31 27.54
N ALA D 77 -9.91 -28.70 26.38
CA ALA D 77 -11.01 -27.98 25.73
C ALA D 77 -12.13 -28.94 25.39
N LEU D 78 -11.75 -30.15 24.98
CA LEU D 78 -12.70 -31.20 24.64
C LEU D 78 -13.52 -31.56 25.86
N LYS D 79 -12.85 -31.70 26.99
CA LYS D 79 -13.49 -32.04 28.25
C LYS D 79 -14.34 -30.90 28.75
N MET D 80 -13.95 -29.67 28.44
CA MET D 80 -14.74 -28.51 28.80
C MET D 80 -16.10 -28.57 28.14
N ALA D 81 -16.10 -28.77 26.81
CA ALA D 81 -17.32 -28.94 26.03
C ALA D 81 -18.21 -30.00 26.66
N GLY D 82 -17.58 -31.07 27.13
CA GLY D 82 -18.26 -32.10 27.90
C GLY D 82 -18.89 -31.47 29.13
N LEU D 83 -18.03 -31.02 30.04
CA LEU D 83 -18.46 -30.40 31.29
C LEU D 83 -19.57 -29.39 31.07
N LEU D 84 -19.37 -28.47 30.12
CA LEU D 84 -20.37 -27.46 29.81
C LEU D 84 -21.71 -28.04 29.36
N HIS D 85 -21.67 -29.15 28.63
CA HIS D 85 -22.90 -29.82 28.20
C HIS D 85 -23.56 -30.50 29.38
N ARG D 86 -22.75 -31.02 30.30
CA ARG D 86 -23.27 -31.67 31.51
C ARG D 86 -23.86 -30.68 32.55
N LEU D 87 -23.49 -29.42 32.46
CA LEU D 87 -24.01 -28.45 33.43
C LEU D 87 -25.07 -27.57 32.77
N GLY D 88 -25.61 -28.05 31.65
CA GLY D 88 -26.69 -27.37 30.95
C GLY D 88 -26.36 -25.98 30.43
N TYR D 89 -25.10 -25.69 30.20
CA TYR D 89 -24.71 -24.40 29.63
C TYR D 89 -24.75 -24.48 28.11
N VAL D 90 -24.49 -25.69 27.61
CA VAL D 90 -24.42 -25.95 26.18
C VAL D 90 -25.40 -27.08 25.80
N ARG D 91 -26.04 -26.96 24.62
CA ARG D 91 -27.07 -27.92 24.22
C ARG D 91 -26.49 -29.24 23.67
N LYS D 92 -25.67 -29.16 22.62
CA LYS D 92 -24.96 -30.32 22.05
C LYS D 92 -23.49 -30.20 22.43
N GLY D 93 -23.06 -30.92 23.47
CA GLY D 93 -21.69 -30.73 23.97
C GLY D 93 -20.57 -31.21 23.07
N HIS D 94 -20.31 -30.46 22.00
CA HIS D 94 -19.37 -30.85 20.97
C HIS D 94 -18.40 -29.73 20.63
N LEU D 95 -17.17 -30.12 20.34
CA LEU D 95 -16.10 -29.15 20.17
C LEU D 95 -15.72 -29.03 18.70
N VAL D 96 -15.84 -27.81 18.18
CA VAL D 96 -15.44 -27.48 16.81
C VAL D 96 -14.11 -26.75 16.89
N SER D 97 -13.05 -27.43 16.46
CA SER D 97 -11.67 -26.91 16.51
C SER D 97 -11.24 -26.38 15.16
N VAL D 98 -10.79 -25.14 15.14
CA VAL D 98 -10.56 -24.39 13.91
C VAL D 98 -9.30 -23.55 14.06
N THR D 99 -8.58 -23.33 12.95
CA THR D 99 -7.50 -22.34 12.91
C THR D 99 -7.98 -21.10 12.17
N ARG D 100 -7.08 -20.14 11.94
CA ARG D 100 -7.46 -18.91 11.25
C ARG D 100 -7.77 -19.19 9.77
N ASP D 101 -7.17 -20.25 9.24
CA ASP D 101 -7.37 -20.64 7.85
C ASP D 101 -8.72 -21.34 7.58
N ASP D 102 -9.56 -21.45 8.62
CA ASP D 102 -10.91 -21.98 8.45
C ASP D 102 -11.96 -20.88 8.51
N LEU D 103 -11.54 -19.67 8.87
CA LEU D 103 -12.45 -18.54 9.08
C LEU D 103 -12.26 -17.42 8.06
N VAL D 104 -11.03 -17.29 7.57
CA VAL D 104 -10.68 -16.22 6.64
C VAL D 104 -10.41 -16.80 5.25
N GLY D 105 -11.11 -16.26 4.26
CA GLY D 105 -10.93 -16.68 2.87
C GLY D 105 -10.07 -15.68 2.12
N GLN D 106 -9.38 -16.16 1.09
CA GLN D 106 -8.51 -15.31 0.28
C GLN D 106 -9.30 -14.21 -0.45
N TYR D 107 -10.36 -14.61 -1.15
CA TYR D 107 -11.19 -13.70 -1.94
C TYR D 107 -11.87 -12.59 -1.10
N ILE D 108 -12.08 -11.44 -1.74
CA ILE D 108 -12.63 -10.25 -1.08
C ILE D 108 -14.15 -10.35 -0.84
N GLY D 109 -14.52 -10.94 0.29
CA GLY D 109 -15.93 -11.09 0.65
C GLY D 109 -16.31 -12.53 0.92
N HIS D 110 -15.37 -13.44 0.65
CA HIS D 110 -15.57 -14.86 0.91
C HIS D 110 -15.01 -15.25 2.29
N THR D 111 -15.22 -14.38 3.27
CA THR D 111 -14.77 -14.60 4.64
C THR D 111 -15.97 -14.64 5.57
N ALA D 112 -16.85 -13.66 5.41
CA ALA D 112 -18.09 -13.54 6.19
C ALA D 112 -19.06 -14.73 6.07
N PRO D 113 -19.23 -15.30 4.86
CA PRO D 113 -20.01 -16.54 4.84
C PRO D 113 -19.27 -17.71 5.48
N LYS D 114 -17.93 -17.69 5.40
CA LYS D 114 -17.11 -18.80 5.89
C LYS D 114 -17.03 -18.86 7.42
N THR D 115 -16.79 -17.71 8.05
CA THR D 115 -16.86 -17.58 9.50
C THR D 115 -18.26 -18.00 9.97
N LYS D 116 -19.29 -17.40 9.36
CA LYS D 116 -20.70 -17.65 9.70
C LYS D 116 -21.12 -19.10 9.64
N GLU D 117 -20.67 -19.81 8.61
CA GLU D 117 -21.01 -21.22 8.45
C GLU D 117 -20.27 -22.10 9.46
N VAL D 118 -18.99 -21.79 9.69
CA VAL D 118 -18.23 -22.45 10.75
C VAL D 118 -18.97 -22.28 12.08
N LEU D 119 -19.43 -21.05 12.33
CA LEU D 119 -20.22 -20.72 13.52
C LEU D 119 -21.51 -21.53 13.60
N LYS D 120 -22.17 -21.73 12.46
CA LYS D 120 -23.37 -22.56 12.40
C LYS D 120 -23.04 -23.98 12.90
N ARG D 121 -21.91 -24.51 12.44
CA ARG D 121 -21.47 -25.83 12.88
C ARG D 121 -21.10 -25.84 14.36
N ALA D 122 -20.71 -24.68 14.87
CA ALA D 122 -20.30 -24.55 16.27
C ALA D 122 -21.47 -24.49 17.23
N MET D 123 -22.62 -24.02 16.75
CA MET D 123 -23.80 -23.73 17.59
C MET D 123 -24.27 -24.89 18.45
N GLY D 124 -24.59 -24.59 19.70
CA GLY D 124 -24.96 -25.61 20.68
C GLY D 124 -23.76 -26.27 21.34
N GLY D 125 -22.55 -25.86 20.96
CA GLY D 125 -21.31 -26.41 21.49
C GLY D 125 -20.21 -25.38 21.67
N VAL D 126 -18.95 -25.83 21.54
CA VAL D 126 -17.80 -24.93 21.71
C VAL D 126 -16.98 -24.78 20.43
N LEU D 127 -16.76 -23.53 20.04
CA LEU D 127 -15.80 -23.20 18.98
C LEU D 127 -14.43 -22.98 19.61
N PHE D 128 -13.40 -23.56 19.00
CA PHE D 128 -12.06 -23.54 19.56
C PHE D 128 -11.07 -22.97 18.55
N ILE D 129 -10.73 -21.69 18.72
CA ILE D 129 -9.82 -21.03 17.80
C ILE D 129 -8.38 -21.12 18.28
N ASP D 130 -7.64 -22.06 17.69
CA ASP D 130 -6.23 -22.24 17.97
C ASP D 130 -5.42 -21.07 17.42
N GLU D 131 -4.45 -20.59 18.19
CA GLU D 131 -3.61 -19.43 17.82
C GLU D 131 -4.43 -18.27 17.22
N ALA D 132 -5.55 -17.96 17.86
CA ALA D 132 -6.53 -17.00 17.38
C ALA D 132 -5.93 -15.68 16.89
N TYR D 133 -4.87 -15.24 17.55
CA TYR D 133 -4.21 -13.97 17.21
C TYR D 133 -3.76 -13.86 15.74
N TYR D 134 -3.82 -14.97 15.02
CA TYR D 134 -3.46 -14.95 13.59
C TYR D 134 -4.58 -14.41 12.72
N LEU D 135 -5.75 -14.21 13.31
CA LEU D 135 -6.85 -13.54 12.61
C LEU D 135 -6.54 -12.06 12.39
N TYR D 136 -5.75 -11.47 13.28
CA TYR D 136 -5.32 -10.09 13.14
C TYR D 136 -3.96 -10.01 12.43
N ARG D 137 -3.99 -9.93 11.11
CA ARG D 137 -2.76 -9.75 10.34
C ARG D 137 -2.76 -8.45 9.51
N PRO D 138 -2.53 -7.28 10.17
CA PRO D 138 -2.37 -6.03 9.43
C PRO D 138 -0.96 -5.95 8.86
N ASP D 139 -0.16 -6.96 9.17
CA ASP D 139 1.14 -7.16 8.54
C ASP D 139 0.92 -7.43 7.06
N ASN D 140 -0.08 -8.25 6.77
CA ASN D 140 -0.44 -8.63 5.40
C ASN D 140 -1.54 -7.75 4.81
N GLU D 141 -1.38 -7.41 3.54
CA GLU D 141 -2.47 -6.86 2.75
C GLU D 141 -3.17 -8.02 2.04
N ARG D 142 -4.45 -7.82 1.72
CA ARG D 142 -5.28 -8.85 1.07
C ARG D 142 -5.63 -10.07 1.95
N ASP D 143 -5.21 -10.04 3.22
CA ASP D 143 -5.74 -10.96 4.24
C ASP D 143 -6.96 -10.27 4.85
N TYR D 144 -8.11 -10.93 4.84
CA TYR D 144 -9.36 -10.30 5.28
C TYR D 144 -9.83 -10.75 6.66
N GLY D 145 -8.85 -10.97 7.55
CA GLY D 145 -9.09 -11.47 8.89
C GLY D 145 -9.83 -10.57 9.86
N GLN D 146 -9.84 -9.27 9.59
CA GLN D 146 -10.53 -8.31 10.47
C GLN D 146 -12.05 -8.47 10.48
N GLU D 147 -12.59 -8.94 9.36
CA GLU D 147 -14.02 -9.24 9.24
C GLU D 147 -14.41 -10.41 10.13
N ALA D 148 -13.56 -11.44 10.17
CA ALA D 148 -13.74 -12.61 11.02
C ALA D 148 -13.71 -12.21 12.49
N ILE D 149 -12.83 -11.28 12.83
CA ILE D 149 -12.79 -10.71 14.17
C ILE D 149 -14.12 -10.02 14.47
N GLU D 150 -14.55 -9.14 13.57
CA GLU D 150 -15.82 -8.43 13.75
C GLU D 150 -16.99 -9.37 14.00
N ILE D 151 -17.13 -10.38 13.14
CA ILE D 151 -18.22 -11.35 13.27
C ILE D 151 -18.08 -12.16 14.57
N LEU D 152 -16.84 -12.54 14.89
CA LEU D 152 -16.57 -13.27 16.13
C LEU D 152 -16.97 -12.44 17.35
N LEU D 153 -16.45 -11.21 17.40
CA LEU D 153 -16.67 -10.30 18.51
C LEU D 153 -18.15 -10.03 18.73
N GLN D 154 -18.88 -9.81 17.63
CA GLN D 154 -20.31 -9.55 17.67
C GLN D 154 -21.06 -10.74 18.27
N VAL D 155 -20.63 -11.95 17.91
CA VAL D 155 -21.26 -13.18 18.40
C VAL D 155 -21.04 -13.38 19.91
N MET D 156 -19.85 -13.07 20.38
CA MET D 156 -19.48 -13.24 21.80
C MET D 156 -20.23 -12.34 22.77
N GLU D 157 -20.81 -11.25 22.26
CA GLU D 157 -21.66 -10.35 23.05
C GLU D 157 -23.13 -10.68 22.83
N ASN D 158 -23.58 -10.60 21.58
CA ASN D 158 -25.00 -10.76 21.24
C ASN D 158 -25.56 -12.18 21.37
N ASN D 159 -25.31 -13.03 20.36
CA ASN D 159 -25.85 -14.40 20.29
C ASN D 159 -25.24 -15.38 21.31
N ARG D 160 -25.51 -15.14 22.58
CA ARG D 160 -24.77 -15.78 23.68
C ARG D 160 -25.15 -17.23 23.99
N ASP D 161 -26.40 -17.43 24.44
CA ASP D 161 -26.83 -18.69 25.07
C ASP D 161 -26.74 -19.96 24.20
N ASP D 162 -26.19 -19.81 22.99
CA ASP D 162 -26.05 -20.96 22.09
C ASP D 162 -24.64 -21.11 21.51
N LEU D 163 -23.62 -20.67 22.27
CA LEU D 163 -22.21 -20.81 21.87
C LEU D 163 -21.17 -20.37 22.89
N VAL D 164 -20.11 -21.17 23.01
CA VAL D 164 -18.95 -20.82 23.82
C VAL D 164 -17.69 -20.82 22.93
N VAL D 165 -16.84 -19.82 23.11
CA VAL D 165 -15.62 -19.65 22.32
C VAL D 165 -14.40 -19.83 23.20
N ILE D 166 -13.43 -20.60 22.72
CA ILE D 166 -12.14 -20.72 23.38
C ILE D 166 -10.99 -20.33 22.45
N LEU D 167 -10.37 -19.19 22.76
CA LEU D 167 -9.17 -18.76 22.06
C LEU D 167 -8.01 -19.43 22.75
N ALA D 168 -7.05 -19.90 21.98
CA ALA D 168 -5.91 -20.61 22.58
C ALA D 168 -4.59 -20.33 21.87
N GLY D 169 -3.50 -20.61 22.56
CA GLY D 169 -2.17 -20.43 21.99
C GLY D 169 -1.20 -19.80 22.95
N TYR D 170 -0.05 -19.37 22.41
CA TYR D 170 0.97 -18.72 23.20
C TYR D 170 0.42 -17.47 23.89
N ALA D 171 0.85 -17.24 25.14
CA ALA D 171 0.36 -16.13 25.94
C ALA D 171 0.91 -14.76 25.50
N ASP D 172 2.20 -14.69 25.23
CA ASP D 172 2.76 -13.42 24.76
C ASP D 172 1.94 -12.90 23.56
N ARG D 173 1.63 -13.80 22.62
CA ARG D 173 0.90 -13.44 21.41
C ARG D 173 -0.57 -13.15 21.65
N MET D 174 -1.16 -13.80 22.66
CA MET D 174 -2.56 -13.58 22.99
C MET D 174 -2.78 -12.22 23.64
N GLU D 175 -1.90 -11.87 24.58
CA GLU D 175 -2.03 -10.61 25.32
C GLU D 175 -1.86 -9.40 24.40
N ASN D 176 -0.95 -9.53 23.43
CA ASN D 176 -0.78 -8.56 22.36
C ASN D 176 -2.02 -8.40 21.50
N PHE D 177 -2.72 -9.52 21.27
CA PHE D 177 -3.91 -9.57 20.43
C PHE D 177 -5.07 -8.82 21.09
N PHE D 178 -5.12 -8.89 22.42
CA PHE D 178 -6.08 -8.15 23.21
C PHE D 178 -5.80 -6.65 23.24
N GLN D 179 -4.52 -6.27 23.24
CA GLN D 179 -4.13 -4.86 23.16
C GLN D 179 -4.76 -4.24 21.92
N SER D 180 -4.51 -4.90 20.80
CA SER D 180 -4.91 -4.45 19.49
C SER D 180 -6.40 -4.60 19.25
N ASN D 181 -6.97 -5.67 19.79
CA ASN D 181 -8.39 -5.93 19.69
C ASN D 181 -9.01 -6.01 21.07
N PRO D 182 -9.30 -4.84 21.69
CA PRO D 182 -9.93 -4.91 23.01
C PRO D 182 -11.41 -5.29 22.87
N GLY D 183 -12.06 -5.58 23.99
CA GLY D 183 -13.44 -6.02 23.96
C GLY D 183 -13.49 -7.53 24.02
N PHE D 184 -12.32 -8.16 23.85
CA PHE D 184 -12.18 -9.60 24.09
C PHE D 184 -11.93 -9.88 25.56
N ARG D 185 -11.10 -9.06 26.20
CA ARG D 185 -10.77 -9.21 27.62
C ARG D 185 -12.03 -9.26 28.48
N SER D 186 -13.00 -8.40 28.14
CA SER D 186 -14.25 -8.33 28.88
C SER D 186 -15.17 -9.50 28.54
N ARG D 187 -14.90 -10.15 27.41
CA ARG D 187 -15.76 -11.23 26.92
C ARG D 187 -15.25 -12.60 27.33
N ILE D 188 -13.98 -12.67 27.70
CA ILE D 188 -13.42 -13.90 28.26
C ILE D 188 -13.55 -13.82 29.78
N ALA D 189 -14.30 -14.78 30.33
CA ALA D 189 -14.55 -14.85 31.75
C ALA D 189 -13.56 -15.79 32.40
N HIS D 190 -12.94 -16.64 31.58
CA HIS D 190 -12.02 -17.65 32.09
C HIS D 190 -10.66 -17.63 31.39
N HIS D 191 -9.66 -17.05 32.05
CA HIS D 191 -8.29 -17.13 31.58
C HIS D 191 -7.61 -18.31 32.26
N ILE D 192 -7.28 -19.33 31.47
CA ILE D 192 -6.60 -20.50 32.01
C ILE D 192 -5.20 -20.55 31.44
N GLU D 193 -4.22 -20.57 32.33
CA GLU D 193 -2.82 -20.71 31.93
C GLU D 193 -2.45 -22.18 31.94
N PHE D 194 -1.81 -22.62 30.87
CA PHE D 194 -1.34 -23.98 30.77
C PHE D 194 0.18 -23.96 30.87
N PRO D 195 0.72 -24.36 32.04
CA PRO D 195 2.17 -24.33 32.18
C PRO D 195 2.78 -25.60 31.59
N ASP D 196 4.09 -25.60 31.38
CA ASP D 196 4.79 -26.79 30.89
C ASP D 196 4.79 -27.91 31.91
N TYR D 197 12.91 -23.26 30.13
CA TYR D 197 12.25 -24.23 31.01
C TYR D 197 13.28 -24.85 31.95
N SER D 198 12.86 -25.16 33.17
CA SER D 198 13.74 -25.84 34.11
C SER D 198 14.01 -27.24 33.58
N ASP D 199 15.15 -27.82 33.95
CA ASP D 199 15.51 -29.17 33.56
C ASP D 199 14.37 -30.17 33.72
N GLU D 200 13.77 -30.21 34.92
CA GLU D 200 12.66 -31.13 35.19
C GLU D 200 11.55 -30.96 34.16
N GLU D 201 11.22 -29.71 33.82
CA GLU D 201 10.17 -29.44 32.83
C GLU D 201 10.51 -29.93 31.43
N LEU D 202 11.73 -29.61 30.98
CA LEU D 202 12.27 -30.13 29.72
C LEU D 202 12.20 -31.65 29.65
N PHE D 203 12.45 -32.30 30.78
CA PHE D 203 12.42 -33.75 30.89
C PHE D 203 11.00 -34.26 30.83
N GLU D 204 10.09 -33.53 31.46
CA GLU D 204 8.68 -33.88 31.41
C GLU D 204 8.21 -33.82 29.97
N ILE D 205 8.54 -32.73 29.30
CA ILE D 205 8.25 -32.55 27.88
C ILE D 205 8.77 -33.72 27.05
N ALA D 206 10.07 -33.98 27.17
CA ALA D 206 10.66 -35.14 26.51
C ALA D 206 9.83 -36.39 26.74
N GLY D 207 9.32 -36.54 27.96
CA GLY D 207 8.56 -37.71 28.35
C GLY D 207 7.23 -37.77 27.66
N HIS D 208 6.53 -36.63 27.62
CA HIS D 208 5.24 -36.56 26.97
C HIS D 208 5.37 -36.80 25.47
N MET D 209 6.33 -36.14 24.84
CA MET D 209 6.63 -36.35 23.43
C MET D 209 6.78 -37.84 23.13
N LEU D 210 7.54 -38.54 23.96
CA LEU D 210 7.75 -39.96 23.73
C LEU D 210 6.51 -40.82 24.00
N ASP D 211 5.62 -40.35 24.87
CA ASP D 211 4.38 -41.08 25.12
C ASP D 211 3.50 -40.96 23.90
N ASP D 212 3.40 -39.74 23.38
CA ASP D 212 2.60 -39.45 22.20
C ASP D 212 3.04 -40.26 20.97
N GLN D 213 4.31 -40.67 20.94
CA GLN D 213 4.86 -41.47 19.84
C GLN D 213 4.95 -42.96 20.16
N ASN D 214 4.52 -43.37 21.35
CA ASN D 214 4.75 -44.73 21.84
C ASN D 214 6.21 -45.15 21.77
N TYR D 215 7.04 -44.43 22.53
CA TYR D 215 8.40 -44.84 22.81
C TYR D 215 8.62 -44.68 24.30
N GLN D 216 9.37 -45.62 24.88
CA GLN D 216 9.78 -45.54 26.28
C GLN D 216 11.30 -45.45 26.34
N MET D 217 11.82 -44.86 27.41
CA MET D 217 13.26 -44.88 27.66
C MET D 217 13.61 -45.94 28.71
N THR D 218 14.84 -46.45 28.68
CA THR D 218 15.30 -47.29 29.78
C THR D 218 15.81 -46.33 30.82
N PRO D 219 15.62 -46.66 32.12
CA PRO D 219 16.13 -45.80 33.20
C PRO D 219 17.52 -45.17 32.89
N GLU D 220 18.45 -45.99 32.39
CA GLU D 220 19.79 -45.52 32.00
C GLU D 220 19.71 -44.40 30.98
N ALA D 221 18.78 -44.51 30.05
CA ALA D 221 18.61 -43.51 29.01
C ALA D 221 17.98 -42.22 29.56
N GLU D 222 17.12 -42.36 30.57
CA GLU D 222 16.52 -41.21 31.22
C GLU D 222 17.60 -40.33 31.81
N THR D 223 18.50 -40.95 32.58
CA THR D 223 19.58 -40.19 33.18
C THR D 223 20.48 -39.64 32.08
N ALA D 224 20.62 -40.40 30.98
CA ALA D 224 21.37 -39.93 29.82
C ALA D 224 20.78 -38.65 29.21
N LEU D 225 19.46 -38.50 29.26
CA LEU D 225 18.77 -37.34 28.73
C LEU D 225 18.94 -36.15 29.65
N ARG D 226 18.87 -36.41 30.96
CA ARG D 226 19.03 -35.38 31.97
C ARG D 226 20.40 -34.74 31.85
N ALA D 227 21.40 -35.59 31.61
CA ALA D 227 22.75 -35.16 31.29
C ALA D 227 22.73 -34.32 30.03
N TYR D 228 22.09 -34.86 28.99
CA TYR D 228 21.98 -34.22 27.70
C TYR D 228 21.40 -32.80 27.83
N ILE D 229 20.25 -32.71 28.47
CA ILE D 229 19.54 -31.45 28.63
C ILE D 229 20.44 -30.38 29.25
N GLY D 230 21.04 -30.70 30.40
CA GLY D 230 21.92 -29.78 31.11
C GLY D 230 23.04 -29.24 30.24
N LEU D 231 23.60 -30.10 29.41
CA LEU D 231 24.63 -29.69 28.49
C LEU D 231 24.04 -28.84 27.39
N ARG D 232 22.96 -29.33 26.77
CA ARG D 232 22.36 -28.64 25.63
C ARG D 232 21.98 -27.19 25.93
N ARG D 233 21.48 -26.92 27.14
CA ARG D 233 21.02 -25.59 27.48
C ARG D 233 22.15 -24.55 27.59
N ASN D 234 23.39 -25.04 27.65
CA ASN D 234 24.56 -24.18 27.72
C ASN D 234 25.24 -23.98 26.37
N GLN D 235 24.77 -24.72 25.37
CA GLN D 235 25.23 -24.52 24.01
C GLN D 235 24.34 -23.50 23.31
N PRO D 236 24.89 -22.79 22.30
CA PRO D 236 24.17 -21.72 21.60
C PRO D 236 22.84 -22.17 20.96
N HIS D 237 21.95 -21.20 20.73
CA HIS D 237 20.68 -21.41 20.05
C HIS D 237 19.87 -22.56 20.64
N PHE D 238 19.75 -22.57 21.98
CA PHE D 238 18.91 -23.52 22.65
C PHE D 238 17.48 -23.10 22.43
N ALA D 239 16.66 -24.01 21.93
CA ALA D 239 15.30 -23.69 21.53
C ALA D 239 14.25 -24.43 22.36
N ASN D 240 14.64 -24.78 23.59
CA ASN D 240 13.76 -25.48 24.53
C ASN D 240 13.11 -26.71 23.90
N ALA D 241 11.79 -26.70 23.84
CA ALA D 241 11.01 -27.79 23.28
C ALA D 241 11.47 -28.28 21.91
N ARG D 242 11.89 -27.35 21.04
CA ARG D 242 12.35 -27.72 19.70
C ARG D 242 13.62 -28.56 19.82
N SER D 243 14.56 -28.09 20.64
CA SER D 243 15.79 -28.81 20.87
C SER D 243 15.51 -30.22 21.41
N ILE D 244 14.45 -30.34 22.21
CA ILE D 244 14.01 -31.63 22.73
C ILE D 244 13.46 -32.53 21.62
N ARG D 245 12.47 -32.05 20.86
CA ARG D 245 11.99 -32.80 19.67
C ARG D 245 13.19 -33.24 18.86
N ASN D 246 14.06 -32.28 18.52
CA ASN D 246 15.23 -32.54 17.70
C ASN D 246 16.15 -33.63 18.24
N ALA D 247 16.34 -33.66 19.54
CA ALA D 247 17.18 -34.69 20.16
C ALA D 247 16.51 -36.06 20.09
N LEU D 248 15.21 -36.06 20.37
CA LEU D 248 14.39 -37.26 20.32
C LEU D 248 14.26 -37.82 18.89
N ASP D 249 14.12 -36.92 17.92
CA ASP D 249 14.15 -37.29 16.51
C ASP D 249 15.45 -38.01 16.19
N ARG D 250 16.58 -37.43 16.60
CA ARG D 250 17.88 -37.99 16.29
C ARG D 250 18.13 -39.26 17.07
N ALA D 251 17.58 -39.32 18.29
CA ALA D 251 17.62 -40.52 19.11
C ALA D 251 16.85 -41.65 18.44
N ARG D 252 15.64 -41.34 17.98
CA ARG D 252 14.79 -42.28 17.23
C ARG D 252 15.50 -42.82 16.00
N LEU D 253 16.17 -41.92 15.27
CA LEU D 253 16.94 -42.31 14.09
C LEU D 253 18.08 -43.25 14.48
N ARG D 254 18.77 -42.92 15.57
CA ARG D 254 19.85 -43.76 16.09
C ARG D 254 19.32 -45.10 16.61
N GLN D 255 18.16 -45.07 17.26
CA GLN D 255 17.57 -46.31 17.78
C GLN D 255 17.20 -47.24 16.64
N ALA D 256 16.65 -46.66 15.57
CA ALA D 256 16.27 -47.43 14.39
C ALA D 256 17.48 -48.11 13.76
N ASN D 257 18.58 -47.37 13.66
CA ASN D 257 19.82 -47.88 13.08
C ASN D 257 20.57 -48.85 13.98
N ARG D 258 20.44 -48.65 15.29
CA ARG D 258 21.00 -49.58 16.28
C ARG D 258 20.33 -50.94 16.09
N LEU D 259 19.00 -50.95 16.06
CA LEU D 259 18.21 -52.17 15.88
C LEU D 259 18.41 -52.85 14.53
N PHE D 260 18.38 -52.05 13.46
CA PHE D 260 18.56 -52.61 12.13
C PHE D 260 19.92 -53.28 11.98
N THR D 261 20.93 -52.71 12.64
CA THR D 261 22.30 -53.20 12.50
C THR D 261 22.56 -54.41 13.39
N ALA D 262 21.97 -54.43 14.58
CA ALA D 262 22.07 -55.61 15.47
C ALA D 262 21.48 -56.86 14.78
N SER D 263 20.16 -56.89 14.66
CA SER D 263 19.42 -57.97 13.99
C SER D 263 19.71 -59.35 14.59
N SER D 264 19.41 -59.50 15.88
CA SER D 264 19.47 -60.81 16.55
C SER D 264 18.51 -61.80 15.88
N GLY D 265 17.37 -61.28 15.43
CA GLY D 265 16.33 -62.06 14.78
C GLY D 265 15.02 -61.27 14.82
N PRO D 266 13.92 -61.94 15.22
CA PRO D 266 12.71 -61.15 15.44
C PRO D 266 12.87 -60.35 16.71
N LEU D 267 12.21 -59.20 16.76
CA LEU D 267 12.14 -58.41 18.00
C LEU D 267 10.74 -57.85 18.21
N ASP D 268 10.41 -57.63 19.48
CA ASP D 268 9.05 -57.33 19.89
C ASP D 268 8.84 -55.84 20.16
N ALA D 269 7.62 -55.49 20.57
CA ALA D 269 7.23 -54.10 20.81
C ALA D 269 8.16 -53.34 21.76
N ARG D 270 8.64 -54.00 22.81
CA ARG D 270 9.51 -53.33 23.78
C ARG D 270 10.83 -52.92 23.13
N ALA D 271 11.44 -53.85 22.39
CA ALA D 271 12.69 -53.58 21.66
C ALA D 271 12.54 -52.42 20.68
N LEU D 272 11.37 -52.33 20.05
CA LEU D 272 11.08 -51.33 19.02
C LEU D 272 10.56 -50.01 19.61
N SER D 273 10.02 -50.06 20.82
CA SER D 273 9.53 -48.87 21.50
C SER D 273 10.58 -48.23 22.42
N THR D 274 11.67 -48.93 22.65
CA THR D 274 12.63 -48.48 23.65
C THR D 274 13.74 -47.65 23.04
N ILE D 275 14.00 -46.49 23.64
CA ILE D 275 15.19 -45.72 23.37
C ILE D 275 16.22 -46.03 24.44
N ALA D 276 17.37 -46.52 24.01
CA ALA D 276 18.43 -46.94 24.92
C ALA D 276 19.48 -45.85 25.13
N GLU D 277 20.30 -46.05 26.17
CA GLU D 277 21.37 -45.13 26.54
C GLU D 277 22.28 -44.79 25.35
N GLU D 278 22.61 -45.79 24.53
CA GLU D 278 23.43 -45.61 23.33
C GLU D 278 22.86 -44.51 22.43
N ASP D 279 21.54 -44.53 22.25
CA ASP D 279 20.88 -43.67 21.27
C ASP D 279 20.99 -42.18 21.62
N ILE D 280 21.12 -41.89 22.90
CA ILE D 280 21.26 -40.51 23.34
C ILE D 280 22.72 -40.12 23.50
N ARG D 281 23.50 -41.01 24.11
CA ARG D 281 24.90 -40.68 24.41
C ARG D 281 25.80 -40.56 23.18
N ALA D 282 25.34 -41.11 22.06
CA ALA D 282 26.06 -41.02 20.77
C ALA D 282 26.08 -39.60 20.20
N SER D 283 25.38 -38.68 20.85
CA SER D 283 25.28 -37.30 20.38
C SER D 283 26.58 -36.51 20.60
N ARG D 284 26.93 -35.68 19.60
CA ARG D 284 28.10 -34.81 19.66
C ARG D 284 27.93 -33.74 20.74
N VAL D 285 26.71 -33.61 21.26
CA VAL D 285 26.45 -32.80 22.45
C VAL D 285 27.32 -33.28 23.63
N PHE D 286 27.66 -34.56 23.64
CA PHE D 286 28.53 -35.13 24.66
C PHE D 286 30.02 -35.02 24.29
N LYS D 287 30.30 -34.80 23.01
CA LYS D 287 31.67 -34.56 22.55
C LYS D 287 32.08 -33.12 22.85
N GLY D 288 31.10 -32.20 22.79
CA GLY D 288 31.34 -30.78 23.03
C GLY D 288 30.51 -29.86 22.15
N GLY D 289 29.93 -30.41 21.08
CA GLY D 289 29.07 -29.65 20.16
C GLY D 289 27.81 -30.40 19.75
N PRO E 1 1.61 -62.98 14.28
CA PRO E 1 2.79 -62.14 14.46
C PRO E 1 2.92 -61.54 15.88
N THR E 2 4.13 -61.57 16.41
CA THR E 2 4.44 -61.13 17.78
C THR E 2 5.73 -60.30 17.85
N SER E 3 6.79 -60.84 17.25
CA SER E 3 8.00 -60.09 16.94
C SER E 3 7.96 -59.73 15.45
N ILE E 4 8.97 -59.02 14.96
CA ILE E 4 9.08 -58.70 13.53
C ILE E 4 10.53 -58.75 13.06
N ASP E 5 10.77 -59.52 12.00
CA ASP E 5 12.06 -59.56 11.34
C ASP E 5 12.19 -58.32 10.45
N LEU E 6 13.14 -57.45 10.79
CA LEU E 6 13.34 -56.21 10.05
C LEU E 6 13.92 -56.48 8.66
N ARG E 7 14.94 -57.34 8.60
CA ARG E 7 15.57 -57.72 7.33
C ARG E 7 14.57 -58.34 6.35
N ALA E 8 13.53 -58.98 6.88
CA ALA E 8 12.46 -59.56 6.06
C ALA E 8 11.72 -58.46 5.30
N GLU E 9 11.41 -57.38 6.00
CA GLU E 9 10.72 -56.24 5.39
C GLU E 9 11.68 -55.50 4.46
N TYR E 10 12.91 -55.30 4.92
CA TYR E 10 13.93 -54.61 4.15
C TYR E 10 14.18 -55.31 2.83
N GLU E 11 14.19 -56.64 2.85
CA GLU E 11 14.40 -57.44 1.64
C GLU E 11 13.11 -57.67 0.85
N GLY E 12 11.99 -57.67 1.56
CA GLY E 12 10.68 -57.87 0.93
C GLY E 12 10.11 -56.63 0.26
N SER E 13 10.49 -55.46 0.77
CA SER E 13 9.97 -54.19 0.28
C SER E 13 10.57 -53.79 -1.05
N GLY E 14 11.80 -54.20 -1.29
CA GLY E 14 12.59 -53.69 -2.42
C GLY E 14 13.20 -52.34 -2.07
N ALA E 15 13.14 -52.01 -0.78
CA ALA E 15 13.73 -50.79 -0.25
C ALA E 15 15.23 -50.78 -0.48
N LYS E 16 15.87 -51.94 -0.35
CA LYS E 16 17.30 -52.07 -0.64
C LYS E 16 17.57 -51.75 -2.12
N GLU E 17 16.68 -52.23 -3.00
CA GLU E 17 16.79 -52.02 -4.45
C GLU E 17 16.69 -50.54 -4.85
N VAL E 18 16.04 -49.73 -4.02
CA VAL E 18 15.96 -48.29 -4.24
C VAL E 18 17.18 -47.59 -3.64
N LEU E 19 17.73 -48.15 -2.55
CA LEU E 19 18.94 -47.59 -1.94
C LEU E 19 20.16 -47.86 -2.80
N GLU E 20 20.20 -49.03 -3.45
CA GLU E 20 21.21 -49.34 -4.45
C GLU E 20 21.06 -48.38 -5.63
N GLU E 21 19.83 -48.23 -6.10
CA GLU E 21 19.52 -47.30 -7.17
C GLU E 21 20.05 -45.90 -6.88
N LEU E 22 20.08 -45.52 -5.60
CA LEU E 22 20.57 -44.21 -5.18
C LEU E 22 22.10 -44.08 -5.26
N ASP E 23 22.81 -45.11 -4.82
CA ASP E 23 24.28 -45.14 -4.92
C ASP E 23 24.71 -45.07 -6.39
N ARG E 24 24.05 -45.86 -7.23
CA ARG E 24 24.38 -45.90 -8.65
C ARG E 24 24.02 -44.62 -9.39
N GLU E 25 22.96 -43.95 -8.94
CA GLU E 25 22.43 -42.77 -9.66
C GLU E 25 22.74 -41.42 -9.02
N LEU E 26 23.75 -41.38 -8.15
CA LEU E 26 24.20 -40.13 -7.55
C LEU E 26 25.71 -40.19 -7.39
N ILE E 27 26.44 -39.40 -8.17
CA ILE E 27 27.91 -39.40 -8.08
C ILE E 27 28.27 -39.17 -6.62
N GLY E 28 29.03 -40.12 -6.07
CA GLY E 28 29.33 -40.22 -4.64
C GLY E 28 29.14 -38.98 -3.80
N LEU E 29 28.09 -38.99 -2.97
CA LEU E 29 27.96 -38.05 -1.88
C LEU E 29 27.58 -38.88 -0.65
N LYS E 30 28.51 -39.75 -0.27
CA LYS E 30 28.34 -40.74 0.80
C LYS E 30 27.73 -40.15 2.07
N PRO E 31 28.24 -38.97 2.54
CA PRO E 31 27.55 -38.22 3.60
C PRO E 31 26.02 -38.28 3.50
N VAL E 32 25.45 -37.74 2.43
CA VAL E 32 24.00 -37.73 2.25
C VAL E 32 23.44 -39.15 2.19
N LYS E 33 24.02 -39.97 1.31
CA LYS E 33 23.55 -41.35 1.10
C LYS E 33 23.43 -42.16 2.39
N ASP E 34 24.34 -41.93 3.33
CA ASP E 34 24.28 -42.58 4.64
C ASP E 34 23.09 -42.08 5.45
N ARG E 35 22.84 -40.77 5.35
CA ARG E 35 21.72 -40.12 6.03
C ARG E 35 20.39 -40.66 5.51
N ILE E 36 20.36 -40.98 4.22
CA ILE E 36 19.16 -41.57 3.59
C ILE E 36 19.07 -43.06 3.94
N ARG E 37 20.23 -43.72 4.05
CA ARG E 37 20.29 -45.10 4.51
C ARG E 37 19.68 -45.15 5.91
N GLU E 38 20.07 -44.20 6.77
CA GLU E 38 19.63 -44.16 8.15
C GLU E 38 18.13 -43.86 8.27
N THR E 39 17.66 -42.88 7.51
CA THR E 39 16.23 -42.56 7.49
C THR E 39 15.42 -43.76 7.03
N ALA E 40 15.98 -44.53 6.09
CA ALA E 40 15.33 -45.74 5.59
C ALA E 40 15.09 -46.69 6.74
N ALA E 41 16.13 -46.86 7.57
CA ALA E 41 16.08 -47.73 8.75
C ALA E 41 14.94 -47.33 9.69
N LEU E 42 14.88 -46.05 10.03
CA LEU E 42 13.81 -45.51 10.88
C LEU E 42 12.44 -45.68 10.25
N LEU E 43 12.34 -45.34 8.97
CA LEU E 43 11.11 -45.54 8.21
C LEU E 43 10.66 -47.00 8.24
N LEU E 44 11.65 -47.91 8.19
CA LEU E 44 11.40 -49.33 8.30
C LEU E 44 10.80 -49.64 9.67
N VAL E 45 11.54 -49.28 10.71
CA VAL E 45 11.16 -49.56 12.10
C VAL E 45 9.79 -48.99 12.45
N GLU E 46 9.61 -47.68 12.25
CA GLU E 46 8.31 -47.04 12.43
C GLU E 46 7.18 -47.85 11.79
N ARG E 47 7.41 -48.38 10.57
CA ARG E 47 6.41 -49.20 9.86
C ARG E 47 6.13 -50.51 10.60
N ALA E 48 7.20 -51.19 10.99
CA ALA E 48 7.08 -52.41 11.79
C ALA E 48 6.35 -52.17 13.10
N ARG E 49 6.51 -50.96 13.64
CA ARG E 49 5.80 -50.55 14.86
C ARG E 49 4.33 -50.29 14.58
N GLN E 50 4.04 -49.66 13.44
CA GLN E 50 2.66 -49.44 13.02
C GLN E 50 1.94 -50.76 12.72
N LYS E 51 2.72 -51.77 12.33
CA LYS E 51 2.18 -53.10 12.05
C LYS E 51 1.95 -53.95 13.31
N LEU E 52 2.23 -53.38 14.48
CA LEU E 52 1.98 -54.07 15.75
C LEU E 52 1.08 -53.20 16.65
N GLY E 53 0.41 -52.22 16.05
CA GLY E 53 -0.54 -51.38 16.75
C GLY E 53 0.13 -50.52 17.81
N LEU E 54 0.96 -49.60 17.35
CA LEU E 54 1.60 -48.58 18.20
C LEU E 54 1.68 -47.25 17.44
N THR E 58 -1.66 -43.84 11.63
CA THR E 58 -1.08 -42.63 11.03
C THR E 58 0.35 -42.36 11.53
N PRO E 59 1.32 -42.27 10.59
CA PRO E 59 2.70 -41.86 10.90
C PRO E 59 2.86 -40.33 10.91
N THR E 60 4.01 -39.84 10.50
CA THR E 60 4.28 -38.39 10.36
C THR E 60 5.52 -38.20 9.48
N LEU E 61 5.30 -37.75 8.25
CA LEU E 61 6.26 -38.05 7.19
C LEU E 61 7.01 -36.91 6.53
N HIS E 62 6.46 -35.69 6.59
CA HIS E 62 6.99 -34.59 5.80
C HIS E 62 8.43 -34.27 6.11
N MET E 63 9.14 -33.79 5.12
CA MET E 63 10.56 -33.54 5.29
C MET E 63 11.04 -32.29 4.60
N SER E 64 12.23 -31.84 5.02
CA SER E 64 12.86 -30.68 4.44
C SER E 64 14.26 -31.02 3.94
N PHE E 65 14.57 -30.59 2.72
CA PHE E 65 15.87 -30.87 2.14
C PHE E 65 16.58 -29.54 1.97
N THR E 66 17.65 -29.33 2.72
CA THR E 66 18.38 -28.06 2.66
C THR E 66 19.82 -28.21 2.21
N GLY E 67 20.25 -27.27 1.38
CA GLY E 67 21.61 -27.26 0.85
C GLY E 67 21.68 -26.40 -0.38
N ASN E 68 22.81 -26.49 -1.07
CA ASN E 68 23.04 -25.72 -2.28
C ASN E 68 22.54 -26.41 -3.54
N PRO E 69 22.42 -25.65 -4.64
CA PRO E 69 22.21 -26.31 -5.92
C PRO E 69 23.30 -27.36 -6.19
N GLY E 70 22.88 -28.55 -6.61
CA GLY E 70 23.80 -29.57 -7.09
C GLY E 70 24.32 -30.47 -6.01
N THR E 71 23.46 -30.81 -5.06
CA THR E 71 23.86 -31.67 -3.94
C THR E 71 23.00 -32.92 -3.87
N GLY E 72 22.10 -33.09 -4.82
CA GLY E 72 21.30 -34.30 -4.93
C GLY E 72 19.89 -34.22 -4.34
N LYS E 73 19.41 -33.02 -4.05
CA LYS E 73 18.09 -32.83 -3.46
C LYS E 73 16.99 -33.49 -4.26
N THR E 74 16.94 -33.18 -5.56
CA THR E 74 15.89 -33.71 -6.43
C THR E 74 16.04 -35.22 -6.63
N THR E 75 17.23 -35.65 -7.03
CA THR E 75 17.44 -37.07 -7.28
C THR E 75 17.32 -37.96 -6.03
N VAL E 76 17.51 -37.40 -4.84
CA VAL E 76 17.23 -38.13 -3.60
C VAL E 76 15.72 -38.13 -3.32
N ALA E 77 15.06 -37.02 -3.62
CA ALA E 77 13.63 -36.88 -3.38
C ALA E 77 12.87 -37.91 -4.20
N LEU E 78 13.34 -38.13 -5.42
CA LEU E 78 12.74 -39.11 -6.32
C LEU E 78 12.83 -40.49 -5.71
N LYS E 79 13.99 -40.81 -5.18
CA LYS E 79 14.24 -42.10 -4.54
C LYS E 79 13.44 -42.25 -3.26
N MET E 80 13.23 -41.13 -2.58
CA MET E 80 12.40 -41.13 -1.37
C MET E 80 11.00 -41.60 -1.70
N ALA E 81 10.38 -40.97 -2.70
CA ALA E 81 9.06 -41.34 -3.19
C ALA E 81 9.01 -42.84 -3.49
N GLY E 82 10.09 -43.34 -4.07
CA GLY E 82 10.27 -44.76 -4.27
C GLY E 82 10.20 -45.48 -2.94
N LEU E 83 11.21 -45.23 -2.10
CA LEU E 83 11.31 -45.84 -0.78
C LEU E 83 10.00 -45.80 -0.03
N LEU E 84 9.38 -44.61 0.03
CA LEU E 84 8.11 -44.45 0.70
C LEU E 84 6.98 -45.32 0.13
N HIS E 85 6.99 -45.52 -1.19
CA HIS E 85 6.00 -46.38 -1.83
C HIS E 85 6.30 -47.83 -1.51
N ARG E 86 7.58 -48.17 -1.41
CA ARG E 86 7.99 -49.54 -1.05
C ARG E 86 7.75 -49.91 0.42
N LEU E 87 7.60 -48.92 1.30
CA LEU E 87 7.37 -49.23 2.70
C LEU E 87 5.90 -48.98 3.07
N GLY E 88 5.06 -48.93 2.05
CA GLY E 88 3.62 -48.79 2.23
C GLY E 88 3.16 -47.52 2.91
N TYR E 89 3.96 -46.46 2.83
CA TYR E 89 3.58 -45.17 3.40
C TYR E 89 2.79 -44.39 2.37
N VAL E 90 3.12 -44.63 1.10
CA VAL E 90 2.53 -43.93 -0.02
C VAL E 90 1.91 -44.94 -1.02
N ARG E 91 0.76 -44.58 -1.60
CA ARG E 91 0.03 -45.51 -2.48
C ARG E 91 0.63 -45.61 -3.89
N LYS E 92 0.71 -44.48 -4.59
CA LYS E 92 1.37 -44.41 -5.92
C LYS E 92 2.68 -43.68 -5.76
N GLY E 93 3.80 -44.41 -5.68
CA GLY E 93 5.08 -43.79 -5.37
C GLY E 93 5.67 -42.88 -6.44
N HIS E 94 5.08 -41.69 -6.59
CA HIS E 94 5.43 -40.77 -7.66
C HIS E 94 5.67 -39.37 -7.15
N LEU E 95 6.64 -38.69 -7.77
CA LEU E 95 7.09 -37.41 -7.26
C LEU E 95 6.60 -36.28 -8.15
N VAL E 96 5.85 -35.36 -7.55
CA VAL E 96 5.36 -34.16 -8.23
C VAL E 96 6.23 -33.00 -7.78
N SER E 97 7.07 -32.52 -8.70
CA SER E 97 8.03 -31.44 -8.41
C SER E 97 7.51 -30.11 -8.95
N VAL E 98 7.47 -29.11 -8.06
CA VAL E 98 6.78 -27.87 -8.31
C VAL E 98 7.59 -26.71 -7.72
N THR E 99 7.53 -25.53 -8.34
CA THR E 99 8.06 -24.31 -7.75
C THR E 99 6.91 -23.46 -7.22
N ARG E 100 7.19 -22.25 -6.75
CA ARG E 100 6.15 -21.37 -6.22
C ARG E 100 5.23 -20.88 -7.35
N ASP E 101 5.77 -20.83 -8.55
CA ASP E 101 5.02 -20.39 -9.73
C ASP E 101 4.04 -21.44 -10.27
N ASP E 102 3.92 -22.58 -9.60
CA ASP E 102 2.93 -23.59 -9.95
C ASP E 102 1.77 -23.61 -8.96
N LEU E 103 1.92 -22.88 -7.86
CA LEU E 103 0.94 -22.89 -6.77
C LEU E 103 0.22 -21.56 -6.60
N VAL E 104 0.90 -20.47 -6.94
CA VAL E 104 0.35 -19.13 -6.78
C VAL E 104 0.04 -18.51 -8.14
N GLY E 105 -1.19 -18.06 -8.29
CA GLY E 105 -1.63 -17.40 -9.53
C GLY E 105 -1.65 -15.90 -9.35
N GLN E 106 -1.47 -15.18 -10.45
CA GLN E 106 -1.46 -13.72 -10.43
C GLN E 106 -2.81 -13.14 -9.98
N TYR E 107 -3.90 -13.60 -10.61
CA TYR E 107 -5.26 -13.13 -10.32
C TYR E 107 -5.72 -13.37 -8.87
N ILE E 108 -6.58 -12.48 -8.39
CA ILE E 108 -7.05 -12.49 -7.01
C ILE E 108 -8.10 -13.58 -6.74
N GLY E 109 -7.63 -14.79 -6.43
CA GLY E 109 -8.53 -15.91 -6.14
C GLY E 109 -8.23 -17.11 -7.02
N HIS E 110 -7.34 -16.93 -8.00
CA HIS E 110 -6.91 -17.99 -8.88
C HIS E 110 -5.63 -18.67 -8.36
N THR E 111 -5.57 -18.85 -7.04
CA THR E 111 -4.44 -19.49 -6.38
C THR E 111 -4.90 -20.76 -5.67
N ALA E 112 -6.01 -20.63 -4.92
CA ALA E 112 -6.63 -21.73 -4.19
C ALA E 112 -7.08 -22.92 -5.06
N PRO E 113 -7.66 -22.67 -6.27
CA PRO E 113 -7.90 -23.82 -7.12
C PRO E 113 -6.61 -24.42 -7.67
N LYS E 114 -5.59 -23.57 -7.87
CA LYS E 114 -4.33 -23.99 -8.49
C LYS E 114 -3.46 -24.85 -7.56
N THR E 115 -3.32 -24.40 -6.31
CA THR E 115 -2.67 -25.19 -5.27
C THR E 115 -3.40 -26.53 -5.13
N LYS E 116 -4.73 -26.45 -4.94
CA LYS E 116 -5.60 -27.62 -4.75
C LYS E 116 -5.50 -28.67 -5.85
N GLU E 117 -5.45 -28.22 -7.10
CA GLU E 117 -5.36 -29.14 -8.24
C GLU E 117 -3.98 -29.77 -8.32
N VAL E 118 -2.93 -28.97 -8.09
CA VAL E 118 -1.58 -29.50 -7.99
C VAL E 118 -1.54 -30.59 -6.94
N LEU E 119 -2.17 -30.31 -5.79
CA LEU E 119 -2.29 -31.26 -4.69
C LEU E 119 -3.01 -32.53 -5.09
N LYS E 120 -4.06 -32.39 -5.91
CA LYS E 120 -4.79 -33.55 -6.43
C LYS E 120 -3.82 -34.44 -7.22
N ARG E 121 -2.98 -33.82 -8.05
CA ARG E 121 -2.00 -34.55 -8.83
C ARG E 121 -0.94 -35.19 -7.92
N ALA E 122 -0.72 -34.58 -6.75
CA ALA E 122 0.28 -35.06 -5.80
C ALA E 122 -0.18 -36.27 -5.00
N MET E 123 -1.49 -36.40 -4.83
CA MET E 123 -2.09 -37.41 -3.92
C MET E 123 -1.65 -38.84 -4.22
N GLY E 124 -1.36 -39.58 -3.14
CA GLY E 124 -0.84 -40.93 -3.25
C GLY E 124 0.67 -40.97 -3.45
N GLY E 125 1.30 -39.80 -3.53
CA GLY E 125 2.74 -39.69 -3.74
C GLY E 125 3.39 -38.54 -2.98
N VAL E 126 4.46 -37.99 -3.53
CA VAL E 126 5.19 -36.89 -2.88
C VAL E 126 5.14 -35.58 -3.68
N LEU E 127 4.72 -34.51 -3.02
CA LEU E 127 4.84 -33.17 -3.55
C LEU E 127 6.18 -32.58 -3.13
N PHE E 128 6.87 -31.97 -4.09
CA PHE E 128 8.22 -31.46 -3.86
C PHE E 128 8.31 -29.98 -4.18
N ILE E 129 8.27 -29.15 -3.16
CA ILE E 129 8.30 -27.71 -3.34
C ILE E 129 9.72 -27.18 -3.26
N ASP E 130 10.31 -26.94 -4.44
CA ASP E 130 11.64 -26.37 -4.57
C ASP E 130 11.63 -24.90 -4.12
N GLU E 131 12.65 -24.48 -3.37
CA GLU E 131 12.75 -23.12 -2.82
C GLU E 131 11.43 -22.61 -2.23
N ALA E 132 10.77 -23.46 -1.46
CA ALA E 132 9.44 -23.21 -0.93
C ALA E 132 9.25 -21.83 -0.32
N TYR E 133 10.29 -21.32 0.32
CA TYR E 133 10.25 -20.02 0.98
C TYR E 133 9.81 -18.86 0.07
N TYR E 134 9.74 -19.10 -1.23
CA TYR E 134 9.29 -18.08 -2.17
C TYR E 134 7.77 -17.93 -2.20
N LEU E 135 7.08 -18.85 -1.53
CA LEU E 135 5.64 -18.72 -1.34
C LEU E 135 5.30 -17.57 -0.40
N TYR E 136 6.21 -17.27 0.52
CA TYR E 136 6.05 -16.14 1.44
C TYR E 136 6.73 -14.90 0.88
N ARG E 137 6.00 -14.11 0.10
CA ARG E 137 6.54 -12.84 -0.40
C ARG E 137 5.69 -11.63 0.05
N PRO E 138 5.84 -11.21 1.33
CA PRO E 138 5.19 -9.97 1.78
C PRO E 138 6.00 -8.76 1.32
N ASP E 139 7.13 -9.03 0.66
CA ASP E 139 7.90 -8.03 -0.04
C ASP E 139 7.05 -7.46 -1.18
N ASN E 140 6.36 -8.37 -1.87
CA ASN E 140 5.48 -8.02 -2.99
C ASN E 140 4.03 -7.84 -2.58
N GLU E 141 3.39 -6.83 -3.16
CA GLU E 141 1.94 -6.71 -3.12
C GLU E 141 1.38 -7.38 -4.38
N ARG E 142 0.14 -7.86 -4.29
CA ARG E 142 -0.53 -8.56 -5.39
C ARG E 142 0.03 -9.96 -5.70
N ASP E 143 1.01 -10.41 -4.92
CA ASP E 143 1.40 -11.83 -4.90
C ASP E 143 0.53 -12.51 -3.84
N TYR E 144 -0.19 -13.56 -4.23
CA TYR E 144 -1.16 -14.20 -3.32
C TYR E 144 -0.68 -15.51 -2.73
N GLY E 145 0.63 -15.56 -2.42
CA GLY E 145 1.29 -16.75 -1.92
C GLY E 145 0.92 -17.23 -0.53
N GLN E 146 0.35 -16.34 0.30
CA GLN E 146 -0.05 -16.70 1.67
C GLN E 146 -1.20 -17.70 1.72
N GLU E 147 -2.07 -17.65 0.69
CA GLU E 147 -3.17 -18.60 0.55
C GLU E 147 -2.66 -20.01 0.28
N ALA E 148 -1.64 -20.11 -0.56
CA ALA E 148 -0.97 -21.37 -0.88
C ALA E 148 -0.31 -21.97 0.37
N ILE E 149 0.27 -21.10 1.19
CA ILE E 149 0.80 -21.52 2.48
C ILE E 149 -0.33 -22.08 3.34
N GLU E 150 -1.41 -21.31 3.48
CA GLU E 150 -2.55 -21.76 4.28
C GLU E 150 -3.06 -23.14 3.85
N ILE E 151 -3.29 -23.31 2.55
CA ILE E 151 -3.78 -24.58 2.03
C ILE E 151 -2.75 -25.70 2.23
N LEU E 152 -1.47 -25.37 2.01
CA LEU E 152 -0.38 -26.32 2.23
C LEU E 152 -0.34 -26.77 3.69
N LEU E 153 -0.30 -25.80 4.59
CA LEU E 153 -0.18 -26.04 6.02
C LEU E 153 -1.34 -26.89 6.53
N GLN E 154 -2.55 -26.57 6.07
CA GLN E 154 -3.77 -27.29 6.46
C GLN E 154 -3.67 -28.75 6.03
N VAL E 155 -3.13 -28.99 4.83
CA VAL E 155 -2.99 -30.34 4.28
C VAL E 155 -1.99 -31.19 5.08
N MET E 156 -0.88 -30.57 5.48
CA MET E 156 0.20 -31.25 6.21
C MET E 156 -0.20 -31.74 7.62
N GLU E 157 -1.26 -31.16 8.17
CA GLU E 157 -1.81 -31.60 9.46
C GLU E 157 -3.00 -32.54 9.25
N ASN E 158 -4.03 -32.05 8.54
CA ASN E 158 -5.29 -32.79 8.37
C ASN E 158 -5.21 -34.01 7.43
N ASN E 159 -5.26 -33.77 6.12
CA ASN E 159 -5.30 -34.83 5.10
C ASN E 159 -3.98 -35.61 4.94
N ARG E 160 -3.61 -36.36 5.98
CA ARG E 160 -2.25 -36.90 6.11
C ARG E 160 -1.94 -38.14 5.26
N ASP E 161 -2.63 -39.24 5.54
CA ASP E 161 -2.27 -40.58 5.04
C ASP E 161 -2.24 -40.75 3.51
N ASP E 162 -2.47 -39.66 2.78
CA ASP E 162 -2.46 -39.72 1.33
C ASP E 162 -1.57 -38.64 0.67
N LEU E 163 -0.52 -38.21 1.37
CA LEU E 163 0.45 -37.23 0.84
C LEU E 163 1.67 -36.95 1.73
N VAL E 164 2.83 -36.85 1.08
CA VAL E 164 4.06 -36.42 1.71
C VAL E 164 4.60 -35.16 1.01
N VAL E 165 5.05 -34.19 1.80
CA VAL E 165 5.57 -32.93 1.27
C VAL E 165 7.06 -32.79 1.56
N ILE E 166 7.81 -32.38 0.55
CA ILE E 166 9.23 -32.08 0.74
C ILE E 166 9.54 -30.64 0.31
N LEU E 167 9.83 -29.80 1.30
CA LEU E 167 10.29 -28.45 1.04
C LEU E 167 11.78 -28.53 0.84
N ALA E 168 12.31 -27.79 -0.11
CA ALA E 168 13.74 -27.86 -0.39
C ALA E 168 14.34 -26.52 -0.79
N GLY E 169 15.66 -26.41 -0.69
CA GLY E 169 16.36 -25.20 -1.07
C GLY E 169 17.44 -24.81 -0.08
N TYR E 170 17.94 -23.59 -0.24
CA TYR E 170 18.96 -23.06 0.65
C TYR E 170 18.47 -23.06 2.10
N ALA E 171 19.39 -23.38 3.02
CA ALA E 171 19.06 -23.49 4.45
C ALA E 171 18.83 -22.14 5.12
N ASP E 172 19.70 -21.17 4.86
CA ASP E 172 19.49 -19.86 5.46
C ASP E 172 18.08 -19.37 5.17
N ARG E 173 17.62 -19.53 3.93
CA ARG E 173 16.31 -19.06 3.50
C ARG E 173 15.16 -19.91 4.05
N MET E 174 15.42 -21.20 4.26
CA MET E 174 14.40 -22.09 4.81
C MET E 174 14.13 -21.82 6.27
N GLU E 175 15.20 -21.62 7.05
CA GLU E 175 15.07 -21.41 8.49
C GLU E 175 14.36 -20.10 8.80
N ASN E 176 14.64 -19.08 7.97
CA ASN E 176 13.91 -17.81 8.02
C ASN E 176 12.42 -17.98 7.72
N PHE E 177 12.11 -18.89 6.80
CA PHE E 177 10.75 -19.15 6.35
C PHE E 177 9.92 -19.78 7.47
N PHE E 178 10.59 -20.60 8.29
CA PHE E 178 9.99 -21.21 9.46
C PHE E 178 9.76 -20.19 10.59
N GLN E 179 10.65 -19.22 10.73
CA GLN E 179 10.48 -18.14 11.70
C GLN E 179 9.14 -17.46 11.45
N SER E 180 8.97 -17.05 10.19
CA SER E 180 7.83 -16.28 9.74
C SER E 180 6.58 -17.12 9.64
N ASN E 181 6.74 -18.38 9.23
CA ASN E 181 5.63 -19.31 9.15
C ASN E 181 5.88 -20.51 10.05
N PRO E 182 5.59 -20.36 11.35
CA PRO E 182 5.79 -21.52 12.23
C PRO E 182 4.65 -22.53 12.03
N GLY E 183 4.82 -23.72 12.59
CA GLY E 183 3.84 -24.78 12.39
C GLY E 183 4.31 -25.70 11.30
N PHE E 184 5.34 -25.27 10.58
CA PHE E 184 6.03 -26.14 9.62
C PHE E 184 7.08 -26.99 10.33
N ARG E 185 7.82 -26.39 11.27
CA ARG E 185 8.85 -27.09 12.04
C ARG E 185 8.30 -28.36 12.69
N SER E 186 7.09 -28.25 13.23
CA SER E 186 6.45 -29.38 13.90
C SER E 186 5.91 -30.39 12.90
N ARG E 187 5.75 -29.97 11.65
CA ARG E 187 5.15 -30.81 10.62
C ARG E 187 6.20 -31.52 9.79
N ILE E 188 7.43 -31.01 9.82
CA ILE E 188 8.55 -31.70 9.20
C ILE E 188 9.20 -32.61 10.24
N ALA E 189 9.20 -33.90 9.96
CA ALA E 189 9.74 -34.89 10.84
C ALA E 189 11.16 -35.22 10.44
N HIS E 190 11.51 -34.86 9.20
CA HIS E 190 12.83 -35.19 8.65
C HIS E 190 13.54 -33.97 8.07
N HIS E 191 14.49 -33.43 8.82
CA HIS E 191 15.37 -32.40 8.30
C HIS E 191 16.64 -33.05 7.77
N ILE E 192 16.81 -33.01 6.45
CA ILE E 192 18.00 -33.56 5.83
C ILE E 192 18.84 -32.44 5.26
N GLU E 193 20.09 -32.38 5.70
CA GLU E 193 21.05 -31.41 5.19
C GLU E 193 21.81 -32.03 4.04
N PHE E 194 21.91 -31.29 2.94
CA PHE E 194 22.66 -31.73 1.79
C PHE E 194 23.92 -30.88 1.70
N PRO E 195 25.08 -31.44 2.09
CA PRO E 195 26.30 -30.65 2.04
C PRO E 195 26.89 -30.68 0.63
N ASP E 196 27.82 -29.78 0.34
CA ASP E 196 28.50 -29.77 -0.96
C ASP E 196 29.39 -31.00 -1.14
N TYR E 197 33.23 -24.33 -1.00
CA TYR E 197 33.40 -25.77 -1.18
C TYR E 197 34.88 -26.10 -1.22
N SER E 198 35.24 -27.28 -0.69
CA SER E 198 36.62 -27.72 -0.77
C SER E 198 36.96 -28.00 -2.22
N ASP E 199 38.24 -27.89 -2.57
CA ASP E 199 38.71 -28.16 -3.93
C ASP E 199 38.13 -29.45 -4.51
N GLU E 200 38.27 -30.55 -3.78
CA GLU E 200 37.74 -31.85 -4.24
C GLU E 200 36.27 -31.75 -4.61
N GLU E 201 35.48 -31.05 -3.78
CA GLU E 201 34.05 -30.87 -4.05
C GLU E 201 33.77 -30.07 -5.31
N LEU E 202 34.44 -28.93 -5.44
CA LEU E 202 34.38 -28.12 -6.65
C LEU E 202 34.72 -28.92 -7.91
N PHE E 203 35.67 -29.84 -7.77
CA PHE E 203 36.10 -30.69 -8.87
C PHE E 203 35.05 -31.75 -9.17
N GLU E 204 34.42 -32.26 -8.12
CA GLU E 204 33.34 -33.22 -8.29
C GLU E 204 32.22 -32.55 -9.07
N ILE E 205 31.84 -31.35 -8.63
CA ILE E 205 30.84 -30.52 -9.29
C ILE E 205 31.17 -30.34 -10.77
N ALA E 206 32.36 -29.83 -11.04
CA ALA E 206 32.85 -29.70 -12.41
C ALA E 206 32.62 -30.98 -13.20
N GLY E 207 32.86 -32.12 -12.54
CA GLY E 207 32.76 -33.41 -13.17
C GLY E 207 31.33 -33.77 -13.49
N HIS E 208 30.44 -33.53 -12.53
CA HIS E 208 29.03 -33.82 -12.74
C HIS E 208 28.45 -32.93 -13.84
N MET E 209 28.73 -31.64 -13.77
CA MET E 209 28.32 -30.70 -14.82
C MET E 209 28.70 -31.22 -16.20
N LEU E 210 29.94 -31.69 -16.34
CA LEU E 210 30.39 -32.19 -17.63
C LEU E 210 29.75 -33.52 -18.03
N ASP E 211 29.32 -34.31 -17.05
CA ASP E 211 28.64 -35.56 -17.36
C ASP E 211 27.28 -35.24 -17.91
N ASP E 212 26.60 -34.32 -17.23
CA ASP E 212 25.27 -33.88 -17.64
C ASP E 212 25.22 -33.30 -19.06
N GLN E 213 26.36 -32.78 -19.52
CA GLN E 213 26.48 -32.20 -20.86
C GLN E 213 27.13 -33.15 -21.87
N ASN E 214 27.49 -34.35 -21.45
CA ASN E 214 28.30 -35.27 -22.26
C ASN E 214 29.57 -34.62 -22.78
N TYR E 215 30.44 -34.24 -21.84
CA TYR E 215 31.81 -33.86 -22.13
C TYR E 215 32.69 -34.59 -21.14
N GLN E 216 33.86 -35.02 -21.61
CA GLN E 216 34.87 -35.63 -20.76
C GLN E 216 36.13 -34.75 -20.79
N MET E 217 36.93 -34.82 -19.74
CA MET E 217 38.24 -34.16 -19.74
C MET E 217 39.35 -35.18 -19.99
N THR E 218 40.47 -34.75 -20.55
CA THR E 218 41.64 -35.61 -20.61
C THR E 218 42.31 -35.47 -19.27
N PRO E 219 42.91 -36.57 -18.75
CA PRO E 219 43.63 -36.50 -17.47
C PRO E 219 44.43 -35.19 -17.29
N GLU E 220 45.18 -34.77 -18.32
CA GLU E 220 45.94 -33.52 -18.31
C GLU E 220 45.06 -32.32 -18.01
N ALA E 221 43.85 -32.33 -18.57
CA ALA E 221 42.91 -31.23 -18.37
C ALA E 221 42.33 -31.25 -16.96
N GLU E 222 42.17 -32.45 -16.39
CA GLU E 222 41.67 -32.57 -15.01
C GLU E 222 42.64 -31.86 -14.07
N THR E 223 43.92 -32.17 -14.20
CA THR E 223 44.90 -31.52 -13.34
C THR E 223 44.92 -30.02 -13.64
N ALA E 224 44.70 -29.67 -14.90
CA ALA E 224 44.60 -28.26 -15.30
C ALA E 224 43.45 -27.53 -14.58
N LEU E 225 42.35 -28.24 -14.30
CA LEU E 225 41.19 -27.67 -13.64
C LEU E 225 41.48 -27.51 -12.15
N ARG E 226 42.14 -28.51 -11.57
CA ARG E 226 42.52 -28.51 -10.15
C ARG E 226 43.39 -27.31 -9.85
N ALA E 227 44.31 -27.04 -10.78
CA ALA E 227 45.15 -25.84 -10.75
C ALA E 227 44.26 -24.62 -10.84
N TYR E 228 43.37 -24.62 -11.82
CA TYR E 228 42.44 -23.52 -12.06
C TYR E 228 41.65 -23.19 -10.81
N ILE E 229 41.00 -24.19 -10.24
CA ILE E 229 40.15 -24.01 -9.07
C ILE E 229 40.91 -23.31 -7.93
N GLY E 230 42.06 -23.86 -7.56
CA GLY E 230 42.89 -23.34 -6.49
C GLY E 230 43.22 -21.87 -6.68
N LEU E 231 43.50 -21.49 -7.93
CA LEU E 231 43.77 -20.09 -8.24
C LEU E 231 42.49 -19.29 -8.16
N ARG E 232 41.43 -19.78 -8.80
CA ARG E 232 40.17 -19.03 -8.88
C ARG E 232 39.61 -18.66 -7.50
N ARG E 233 39.75 -19.55 -6.53
CA ARG E 233 39.16 -19.32 -5.21
C ARG E 233 39.86 -18.19 -4.43
N ASN E 234 41.04 -17.79 -4.91
CA ASN E 234 41.79 -16.69 -4.29
C ASN E 234 41.62 -15.37 -5.00
N GLN E 235 40.94 -15.40 -6.14
CA GLN E 235 40.56 -14.19 -6.84
C GLN E 235 39.20 -13.71 -6.35
N PRO E 236 38.95 -12.39 -6.44
CA PRO E 236 37.70 -11.78 -5.93
C PRO E 236 36.41 -12.38 -6.54
N HIS E 237 35.31 -12.21 -5.82
CA HIS E 237 33.97 -12.62 -6.27
C HIS E 237 33.94 -14.08 -6.75
N PHE E 238 34.51 -14.96 -5.95
CA PHE E 238 34.43 -16.38 -6.24
C PHE E 238 33.04 -16.83 -5.89
N ALA E 239 32.36 -17.47 -6.84
CA ALA E 239 30.95 -17.82 -6.69
C ALA E 239 30.73 -19.32 -6.67
N ASN E 240 31.76 -20.06 -6.27
CA ASN E 240 31.72 -21.53 -6.18
C ASN E 240 31.20 -22.17 -7.48
N ALA E 241 30.08 -22.87 -7.37
CA ALA E 241 29.47 -23.55 -8.51
C ALA E 241 29.29 -22.68 -9.75
N ARG E 242 28.93 -21.41 -9.57
CA ARG E 242 28.74 -20.50 -10.70
C ARG E 242 30.07 -20.30 -11.42
N SER E 243 31.12 -20.04 -10.65
CA SER E 243 32.45 -19.87 -11.21
C SER E 243 32.88 -21.12 -12.00
N ILE E 244 32.44 -22.28 -11.51
CA ILE E 244 32.70 -23.55 -12.18
C ILE E 244 31.95 -23.64 -13.50
N ARG E 245 30.61 -23.48 -13.48
CA ARG E 245 29.83 -23.40 -14.74
C ARG E 245 30.52 -22.45 -15.70
N ASN E 246 30.80 -21.24 -15.22
CA ASN E 246 31.42 -20.20 -16.02
C ASN E 246 32.74 -20.59 -16.66
N ALA E 247 33.57 -21.33 -15.92
CA ALA E 247 34.85 -21.79 -16.45
C ALA E 247 34.64 -22.86 -17.53
N LEU E 248 33.72 -23.77 -17.24
CA LEU E 248 33.35 -24.84 -18.14
C LEU E 248 32.68 -24.32 -19.43
N ASP E 249 31.83 -23.32 -19.27
CA ASP E 249 31.26 -22.62 -20.41
C ASP E 249 32.35 -22.06 -21.31
N ARG E 250 33.30 -21.36 -20.71
CA ARG E 250 34.39 -20.73 -21.46
C ARG E 250 35.34 -21.77 -22.04
N ALA E 251 35.51 -22.87 -21.30
CA ALA E 251 36.29 -24.01 -21.79
C ALA E 251 35.64 -24.63 -23.01
N ARG E 252 34.33 -24.86 -22.91
CA ARG E 252 33.52 -25.37 -24.02
C ARG E 252 33.62 -24.48 -25.26
N LEU E 253 33.55 -23.18 -25.05
CA LEU E 253 33.69 -22.20 -26.12
C LEU E 253 35.08 -22.30 -26.76
N ARG E 254 36.11 -22.43 -25.91
CA ARG E 254 37.48 -22.59 -26.38
C ARG E 254 37.69 -23.93 -27.09
N GLN E 255 37.06 -24.99 -26.57
CA GLN E 255 37.18 -26.30 -27.18
C GLN E 255 36.55 -26.30 -28.57
N ALA E 256 35.42 -25.62 -28.69
CA ALA E 256 34.72 -25.51 -29.96
C ALA E 256 35.58 -24.80 -31.00
N ASN E 257 36.23 -23.71 -30.58
CA ASN E 257 37.09 -22.92 -31.46
C ASN E 257 38.42 -23.59 -31.76
N ARG E 258 38.93 -24.37 -30.82
CA ARG E 258 40.13 -25.17 -31.02
C ARG E 258 39.87 -26.16 -32.15
N LEU E 259 38.75 -26.90 -32.05
CA LEU E 259 38.36 -27.89 -33.05
C LEU E 259 38.04 -27.29 -34.42
N PHE E 260 37.26 -26.21 -34.42
CA PHE E 260 36.88 -25.57 -35.67
C PHE E 260 38.10 -25.06 -36.42
N THR E 261 39.10 -24.59 -35.68
CA THR E 261 40.28 -24.01 -36.27
C THR E 261 41.29 -25.06 -36.75
N ALA E 262 41.41 -26.16 -35.99
CA ALA E 262 42.26 -27.29 -36.42
C ALA E 262 41.78 -27.86 -37.76
N SER E 263 40.64 -28.54 -37.74
CA SER E 263 40.01 -29.11 -38.93
C SER E 263 40.92 -30.07 -39.70
N SER E 264 41.36 -31.13 -39.02
CA SER E 264 42.12 -32.23 -39.67
C SER E 264 41.27 -32.88 -40.76
N GLY E 265 39.97 -32.96 -40.51
CA GLY E 265 39.01 -33.56 -41.42
C GLY E 265 37.75 -33.90 -40.64
N PRO E 266 37.22 -35.13 -40.82
CA PRO E 266 36.13 -35.54 -39.95
C PRO E 266 36.67 -35.81 -38.57
N LEU E 267 35.84 -35.60 -37.55
CA LEU E 267 36.19 -36.00 -36.19
C LEU E 267 35.00 -36.62 -35.48
N ASP E 268 35.30 -37.48 -34.52
CA ASP E 268 34.32 -38.34 -33.90
C ASP E 268 33.87 -37.84 -32.53
N ALA E 269 32.98 -38.60 -31.89
CA ALA E 269 32.41 -38.23 -30.60
C ALA E 269 33.43 -37.89 -29.52
N ARG E 270 34.54 -38.63 -29.46
CA ARG E 270 35.56 -38.38 -28.44
C ARG E 270 36.19 -37.01 -28.63
N ALA E 271 36.57 -36.70 -29.87
CA ALA E 271 37.16 -35.39 -30.20
C ALA E 271 36.21 -34.24 -29.84
N LEU E 272 34.91 -34.46 -30.03
CA LEU E 272 33.87 -33.45 -29.82
C LEU E 272 33.39 -33.41 -28.37
N SER E 273 33.57 -34.49 -27.63
CA SER E 273 33.19 -34.56 -26.23
C SER E 273 34.33 -34.19 -25.28
N THR E 274 35.54 -34.10 -25.79
CA THR E 274 36.70 -33.93 -24.95
C THR E 274 37.07 -32.48 -24.76
N ILE E 275 37.26 -32.09 -23.50
CA ILE E 275 37.89 -30.82 -23.17
C ILE E 275 39.36 -31.09 -22.87
N ALA E 276 40.22 -30.42 -23.63
CA ALA E 276 41.66 -30.62 -23.52
C ALA E 276 42.32 -29.57 -22.63
N GLU E 277 43.56 -29.86 -22.26
CA GLU E 277 44.38 -28.99 -21.41
C GLU E 277 44.44 -27.55 -21.93
N GLU E 278 44.56 -27.39 -23.24
CA GLU E 278 44.57 -26.08 -23.90
C GLU E 278 43.35 -25.25 -23.51
N ASP E 279 42.19 -25.88 -23.50
CA ASP E 279 40.92 -25.19 -23.32
C ASP E 279 40.77 -24.55 -21.95
N ILE E 280 41.45 -25.12 -20.96
CA ILE E 280 41.39 -24.58 -19.61
C ILE E 280 42.57 -23.65 -19.35
N ARG E 281 43.76 -24.06 -19.76
CA ARG E 281 44.97 -23.29 -19.46
C ARG E 281 45.03 -21.94 -20.18
N ALA E 282 44.25 -21.78 -21.25
CA ALA E 282 44.18 -20.53 -22.00
C ALA E 282 43.52 -19.39 -21.22
N SER E 283 43.01 -19.71 -20.03
CA SER E 283 42.31 -18.73 -19.19
C SER E 283 43.26 -17.71 -18.56
N ARG E 284 42.81 -16.45 -18.52
CA ARG E 284 43.56 -15.35 -17.91
C ARG E 284 43.68 -15.55 -16.40
N VAL E 285 42.90 -16.50 -15.87
CA VAL E 285 43.07 -16.95 -14.49
C VAL E 285 44.50 -17.45 -14.26
N PHE E 286 45.14 -17.95 -15.31
CA PHE E 286 46.53 -18.39 -15.24
C PHE E 286 47.53 -17.27 -15.51
N LYS E 287 47.05 -16.20 -16.12
CA LYS E 287 47.87 -15.01 -16.34
C LYS E 287 47.96 -14.19 -15.06
N GLY E 288 46.89 -14.21 -14.26
CA GLY E 288 46.81 -13.46 -13.01
C GLY E 288 45.42 -12.88 -12.71
N GLY E 289 44.56 -12.85 -13.73
CA GLY E 289 43.19 -12.35 -13.60
C GLY E 289 42.15 -13.21 -14.31
N PRO F 1 26.97 -42.08 -41.02
CA PRO F 1 27.78 -41.08 -40.36
C PRO F 1 28.44 -41.57 -39.05
N THR F 2 29.72 -41.23 -38.87
CA THR F 2 30.54 -41.69 -37.74
C THR F 2 31.39 -40.54 -37.16
N SER F 3 32.11 -39.86 -38.04
CA SER F 3 32.73 -38.57 -37.75
C SER F 3 31.85 -37.48 -38.35
N ILE F 4 32.23 -36.22 -38.17
CA ILE F 4 31.51 -35.09 -38.77
C ILE F 4 32.47 -34.00 -39.23
N ASP F 5 32.35 -33.61 -40.50
CA ASP F 5 33.09 -32.49 -41.05
C ASP F 5 32.41 -31.19 -40.61
N LEU F 6 33.11 -30.41 -39.80
CA LEU F 6 32.55 -29.16 -39.28
C LEU F 6 32.40 -28.10 -40.37
N ARG F 7 33.45 -27.95 -41.19
CA ARG F 7 33.42 -27.00 -42.31
C ARG F 7 32.28 -27.29 -43.30
N ALA F 8 31.87 -28.56 -43.39
CA ALA F 8 30.76 -28.95 -44.23
C ALA F 8 29.47 -28.32 -43.74
N GLU F 9 29.25 -28.34 -42.43
CA GLU F 9 28.07 -27.74 -41.81
C GLU F 9 28.19 -26.22 -41.87
N TYR F 10 29.37 -25.71 -41.56
CA TYR F 10 29.62 -24.28 -41.56
C TYR F 10 29.35 -23.68 -42.93
N GLU F 11 29.74 -24.40 -43.98
CA GLU F 11 29.52 -23.95 -45.36
C GLU F 11 28.14 -24.31 -45.89
N GLY F 12 27.57 -25.39 -45.36
CA GLY F 12 26.23 -25.85 -45.76
C GLY F 12 25.10 -25.08 -45.11
N SER F 13 25.33 -24.57 -43.91
CA SER F 13 24.32 -23.87 -43.14
C SER F 13 24.02 -22.48 -43.67
N GLY F 14 25.03 -21.86 -44.27
CA GLY F 14 24.96 -20.44 -44.61
C GLY F 14 25.27 -19.58 -43.39
N ALA F 15 25.77 -20.25 -42.34
CA ALA F 15 26.18 -19.59 -41.11
C ALA F 15 27.30 -18.59 -41.39
N LYS F 16 28.21 -18.93 -42.31
CA LYS F 16 29.26 -18.00 -42.72
C LYS F 16 28.65 -16.76 -43.38
N GLU F 17 27.60 -16.96 -44.18
CA GLU F 17 26.91 -15.88 -44.89
C GLU F 17 26.22 -14.90 -43.94
N VAL F 18 25.89 -15.36 -42.74
CA VAL F 18 25.30 -14.49 -41.71
C VAL F 18 26.42 -13.79 -40.91
N LEU F 19 27.56 -14.46 -40.77
CA LEU F 19 28.70 -13.86 -40.07
C LEU F 19 29.35 -12.77 -40.92
N GLU F 20 29.37 -12.98 -42.23
CA GLU F 20 29.79 -11.93 -43.19
C GLU F 20 28.81 -10.77 -43.09
N GLU F 21 27.52 -11.10 -43.14
CA GLU F 21 26.46 -10.10 -43.01
C GLU F 21 26.66 -9.23 -41.77
N LEU F 22 27.23 -9.82 -40.71
CA LEU F 22 27.48 -9.10 -39.45
C LEU F 22 28.65 -8.11 -39.55
N ASP F 23 29.75 -8.54 -40.18
CA ASP F 23 30.89 -7.66 -40.41
C ASP F 23 30.50 -6.46 -41.27
N ARG F 24 29.74 -6.72 -42.33
CA ARG F 24 29.30 -5.68 -43.24
C ARG F 24 28.29 -4.74 -42.62
N GLU F 25 27.46 -5.24 -41.71
CA GLU F 25 26.35 -4.47 -41.16
C GLU F 25 26.55 -3.97 -39.73
N LEU F 26 27.79 -3.93 -39.28
CA LEU F 26 28.12 -3.38 -37.97
C LEU F 26 29.45 -2.65 -38.07
N ILE F 27 29.45 -1.33 -37.97
CA ILE F 27 30.68 -0.56 -38.06
C ILE F 27 31.65 -1.15 -37.04
N GLY F 28 32.81 -1.56 -37.55
CA GLY F 28 33.81 -2.33 -36.80
C GLY F 28 33.74 -2.30 -35.29
N LEU F 29 33.30 -3.42 -34.71
CA LEU F 29 33.48 -3.68 -33.29
C LEU F 29 34.02 -5.11 -33.19
N LYS F 30 35.22 -5.29 -33.75
CA LYS F 30 35.89 -6.58 -33.88
C LYS F 30 35.86 -7.41 -32.59
N PRO F 31 36.19 -6.79 -31.43
CA PRO F 31 35.96 -7.43 -30.14
C PRO F 31 34.67 -8.27 -30.09
N VAL F 32 33.52 -7.63 -30.24
CA VAL F 32 32.23 -8.33 -30.20
C VAL F 32 32.14 -9.37 -31.32
N LYS F 33 32.40 -8.94 -32.55
CA LYS F 33 32.29 -9.81 -33.73
C LYS F 33 33.07 -11.12 -33.60
N ASP F 34 34.23 -11.06 -32.94
CA ASP F 34 35.02 -12.28 -32.68
C ASP F 34 34.31 -13.18 -31.68
N ARG F 35 33.69 -12.56 -30.66
CA ARG F 35 32.94 -13.28 -29.64
C ARG F 35 31.74 -13.99 -30.25
N ILE F 36 31.14 -13.38 -31.27
CA ILE F 36 30.02 -13.98 -32.00
C ILE F 36 30.53 -15.04 -32.98
N ARG F 37 31.71 -14.80 -33.55
CA ARG F 37 32.39 -15.80 -34.38
C ARG F 37 32.61 -17.06 -33.52
N GLU F 38 33.09 -16.86 -32.30
CA GLU F 38 33.41 -17.96 -31.39
C GLU F 38 32.16 -18.72 -30.94
N THR F 39 31.13 -17.99 -30.56
CA THR F 39 29.86 -18.61 -30.18
C THR F 39 29.29 -19.42 -31.34
N ALA F 40 29.49 -18.93 -32.56
CA ALA F 40 29.04 -19.63 -33.76
C ALA F 40 29.70 -21.00 -33.81
N ALA F 41 31.01 -21.01 -33.56
CA ALA F 41 31.80 -22.25 -33.54
C ALA F 41 31.24 -23.28 -32.56
N LEU F 42 31.00 -22.84 -31.33
CA LEU F 42 30.40 -23.68 -30.29
C LEU F 42 29.01 -24.15 -30.67
N LEU F 43 28.19 -23.23 -31.15
CA LEU F 43 26.85 -23.57 -31.64
C LEU F 43 26.91 -24.61 -32.74
N LEU F 44 27.94 -24.51 -33.59
CA LEU F 44 28.19 -25.48 -34.63
C LEU F 44 28.47 -26.84 -34.01
N VAL F 45 29.50 -26.88 -33.17
CA VAL F 45 29.97 -28.12 -32.55
C VAL F 45 28.87 -28.81 -31.73
N GLU F 46 28.26 -28.08 -30.80
CA GLU F 46 27.11 -28.60 -30.06
C GLU F 46 26.07 -29.26 -30.98
N ARG F 47 25.80 -28.67 -32.14
CA ARG F 47 24.84 -29.21 -33.12
C ARG F 47 25.36 -30.53 -33.70
N ALA F 48 26.62 -30.55 -34.11
CA ALA F 48 27.26 -31.76 -34.60
C ALA F 48 27.26 -32.86 -33.55
N ARG F 49 27.33 -32.47 -32.28
CA ARG F 49 27.26 -33.40 -31.17
C ARG F 49 25.83 -33.94 -30.98
N GLN F 50 24.85 -33.05 -31.12
CA GLN F 50 23.45 -33.45 -31.06
C GLN F 50 23.07 -34.37 -32.24
N LYS F 51 23.79 -34.23 -33.35
CA LYS F 51 23.57 -35.07 -34.53
C LYS F 51 24.26 -36.44 -34.42
N LEU F 52 24.93 -36.71 -33.30
CA LEU F 52 25.54 -38.02 -33.07
C LEU F 52 25.03 -38.64 -31.76
N GLY F 53 23.90 -38.11 -31.26
CA GLY F 53 23.25 -38.64 -30.08
C GLY F 53 24.09 -38.45 -28.84
N LEU F 54 24.28 -37.20 -28.45
CA LEU F 54 24.95 -36.82 -27.19
C LEU F 54 24.26 -35.60 -26.59
N THR F 58 17.66 -32.02 -27.01
CA THR F 58 17.51 -30.68 -26.45
C THR F 58 18.85 -30.04 -26.07
N PRO F 59 19.14 -28.85 -26.66
CA PRO F 59 20.31 -28.03 -26.29
C PRO F 59 20.02 -27.14 -25.08
N THR F 60 20.63 -25.95 -25.04
CA THR F 60 20.38 -24.95 -23.99
C THR F 60 20.89 -23.59 -24.48
N LEU F 61 19.96 -22.71 -24.83
CA LEU F 61 20.30 -21.66 -25.81
C LEU F 61 20.26 -20.20 -25.35
N HIS F 62 19.51 -19.91 -24.30
CA HIS F 62 19.23 -18.52 -23.94
C HIS F 62 20.49 -17.74 -23.64
N MET F 63 20.44 -16.45 -23.90
CA MET F 63 21.62 -15.62 -23.76
C MET F 63 21.32 -14.24 -23.20
N SER F 64 22.37 -13.58 -22.71
CA SER F 64 22.27 -12.24 -22.19
C SER F 64 23.26 -11.32 -22.90
N PHE F 65 22.79 -10.16 -23.30
CA PHE F 65 23.64 -9.21 -23.99
C PHE F 65 23.76 -7.98 -23.11
N THR F 66 24.96 -7.74 -22.60
CA THR F 66 25.18 -6.60 -21.69
C THR F 66 26.17 -5.58 -22.22
N GLY F 67 25.84 -4.31 -22.01
CA GLY F 67 26.67 -3.22 -22.45
C GLY F 67 25.88 -1.94 -22.50
N ASN F 68 26.48 -0.91 -23.09
CA ASN F 68 25.84 0.39 -23.21
C ASN F 68 25.00 0.52 -24.47
N PRO F 69 24.14 1.55 -24.51
CA PRO F 69 23.50 1.88 -25.78
C PRO F 69 24.54 2.10 -26.88
N GLY F 70 24.32 1.49 -28.03
CA GLY F 70 25.10 1.77 -29.22
C GLY F 70 26.33 0.90 -29.35
N THR F 71 26.20 -0.37 -28.98
CA THR F 71 27.33 -1.30 -29.04
C THR F 71 27.01 -2.50 -29.90
N GLY F 72 25.83 -2.50 -30.52
CA GLY F 72 25.45 -3.54 -31.47
C GLY F 72 24.59 -4.66 -30.93
N LYS F 73 24.00 -4.47 -29.75
CA LYS F 73 23.17 -5.49 -29.11
C LYS F 73 22.05 -5.96 -30.02
N THR F 74 21.26 -5.02 -30.53
CA THR F 74 20.11 -5.34 -31.37
C THR F 74 20.55 -5.95 -32.71
N THR F 75 21.44 -5.26 -33.40
CA THR F 75 21.89 -5.73 -34.71
C THR F 75 22.66 -7.06 -34.67
N VAL F 76 23.26 -7.39 -33.52
CA VAL F 76 23.85 -8.73 -33.34
C VAL F 76 22.77 -9.75 -33.03
N ALA F 77 21.77 -9.33 -32.26
CA ALA F 77 20.68 -10.24 -31.87
C ALA F 77 19.93 -10.70 -33.10
N LEU F 78 19.76 -9.80 -34.05
CA LEU F 78 19.08 -10.09 -35.30
C LEU F 78 19.84 -11.17 -36.06
N LYS F 79 21.16 -11.02 -36.11
CA LYS F 79 22.04 -11.96 -36.78
C LYS F 79 22.07 -13.29 -36.06
N MET F 80 21.92 -13.25 -34.74
CA MET F 80 21.86 -14.46 -33.94
C MET F 80 20.68 -15.31 -34.38
N ALA F 81 19.50 -14.69 -34.40
CA ALA F 81 18.27 -15.33 -34.87
C ALA F 81 18.49 -15.98 -36.23
N GLY F 82 19.22 -15.28 -37.09
CA GLY F 82 19.66 -15.81 -38.36
C GLY F 82 20.48 -17.06 -38.13
N LEU F 83 21.65 -16.87 -37.54
CA LEU F 83 22.57 -17.98 -37.25
C LEU F 83 21.86 -19.17 -36.64
N LEU F 84 21.06 -18.92 -35.61
CA LEU F 84 20.31 -19.98 -34.94
C LEU F 84 19.35 -20.72 -35.87
N HIS F 85 18.74 -20.00 -36.81
CA HIS F 85 17.85 -20.62 -37.78
C HIS F 85 18.66 -21.43 -38.78
N ARG F 86 19.85 -20.95 -39.11
CA ARG F 86 20.74 -21.67 -40.04
C ARG F 86 21.39 -22.92 -39.43
N LEU F 87 21.43 -23.03 -38.12
CA LEU F 87 22.03 -24.20 -37.49
C LEU F 87 20.95 -25.13 -36.93
N GLY F 88 19.73 -24.96 -37.42
CA GLY F 88 18.60 -25.80 -37.06
C GLY F 88 18.23 -25.80 -35.59
N TYR F 89 18.55 -24.74 -34.87
CA TYR F 89 18.16 -24.61 -33.47
C TYR F 89 16.79 -24.00 -33.38
N VAL F 90 16.48 -23.16 -34.36
CA VAL F 90 15.23 -22.40 -34.41
C VAL F 90 14.50 -22.68 -35.75
N ARG F 91 13.18 -22.76 -35.71
CA ARG F 91 12.40 -23.13 -36.90
C ARG F 91 12.20 -21.96 -37.88
N LYS F 92 11.60 -20.86 -37.41
CA LYS F 92 11.44 -19.63 -38.20
C LYS F 92 12.41 -18.59 -37.65
N GLY F 93 13.55 -18.40 -38.30
CA GLY F 93 14.60 -17.53 -37.73
C GLY F 93 14.28 -16.05 -37.70
N HIS F 94 13.40 -15.66 -36.78
CA HIS F 94 12.89 -14.29 -36.73
C HIS F 94 12.96 -13.72 -35.32
N LEU F 95 13.25 -12.43 -35.23
CA LEU F 95 13.51 -11.80 -33.96
C LEU F 95 12.35 -10.92 -33.54
N VAL F 96 11.79 -11.22 -32.38
CA VAL F 96 10.72 -10.44 -31.78
C VAL F 96 11.34 -9.60 -30.67
N SER F 97 11.43 -8.29 -30.91
CA SER F 97 12.05 -7.35 -29.98
C SER F 97 10.99 -6.60 -29.17
N VAL F 98 11.14 -6.64 -27.86
CA VAL F 98 10.10 -6.20 -26.94
C VAL F 98 10.74 -5.49 -25.75
N THR F 99 10.04 -4.51 -25.18
CA THR F 99 10.45 -3.92 -23.89
C THR F 99 9.53 -4.45 -22.79
N ARG F 100 9.67 -3.94 -21.57
CA ARG F 100 8.84 -4.39 -20.45
C ARG F 100 7.38 -3.95 -20.64
N ASP F 101 7.20 -2.85 -21.38
CA ASP F 101 5.87 -2.31 -21.65
C ASP F 101 5.08 -3.09 -22.71
N ASP F 102 5.65 -4.19 -23.21
CA ASP F 102 4.94 -5.07 -24.14
C ASP F 102 4.49 -6.36 -23.46
N LEU F 103 4.97 -6.57 -22.23
CA LEU F 103 4.72 -7.81 -21.49
C LEU F 103 3.85 -7.62 -20.25
N VAL F 104 3.93 -6.43 -19.66
CA VAL F 104 3.20 -6.13 -18.44
C VAL F 104 2.09 -5.12 -18.72
N GLY F 105 0.87 -5.48 -18.33
CA GLY F 105 -0.29 -4.60 -18.50
C GLY F 105 -0.63 -3.93 -17.19
N GLN F 106 -1.24 -2.75 -17.28
CA GLN F 106 -1.62 -1.97 -16.11
C GLN F 106 -2.66 -2.72 -15.26
N TYR F 107 -3.74 -3.18 -15.89
CA TYR F 107 -4.84 -3.88 -15.22
C TYR F 107 -4.42 -5.17 -14.50
N ILE F 108 -5.13 -5.48 -13.41
CA ILE F 108 -4.82 -6.63 -12.56
C ILE F 108 -5.24 -7.97 -13.17
N GLY F 109 -4.37 -8.54 -13.99
CA GLY F 109 -4.64 -9.83 -14.63
C GLY F 109 -4.51 -9.76 -16.13
N HIS F 110 -4.31 -8.54 -16.65
CA HIS F 110 -4.13 -8.32 -18.08
C HIS F 110 -2.63 -8.29 -18.43
N THR F 111 -1.86 -9.18 -17.80
CA THR F 111 -0.41 -9.28 -18.02
C THR F 111 -0.09 -10.68 -18.57
N ALA F 112 -0.66 -11.69 -17.91
CA ALA F 112 -0.50 -13.10 -18.30
C ALA F 112 -0.98 -13.45 -19.72
N PRO F 113 -2.12 -12.89 -20.18
CA PRO F 113 -2.43 -13.11 -21.59
C PRO F 113 -1.48 -12.35 -22.50
N LYS F 114 -0.99 -11.19 -22.05
CA LYS F 114 -0.14 -10.32 -22.88
C LYS F 114 1.25 -10.87 -23.09
N THR F 115 1.89 -11.32 -22.00
CA THR F 115 3.16 -12.02 -22.09
C THR F 115 3.00 -13.25 -22.99
N LYS F 116 1.98 -14.08 -22.69
CA LYS F 116 1.70 -15.32 -23.43
C LYS F 116 1.51 -15.14 -24.93
N GLU F 117 0.80 -14.08 -25.32
CA GLU F 117 0.55 -13.82 -26.73
C GLU F 117 1.82 -13.31 -27.43
N VAL F 118 2.57 -12.44 -26.75
CA VAL F 118 3.87 -12.01 -27.24
C VAL F 118 4.74 -13.24 -27.49
N LEU F 119 4.73 -14.16 -26.52
CA LEU F 119 5.44 -15.43 -26.61
C LEU F 119 5.00 -16.27 -27.80
N LYS F 120 3.70 -16.28 -28.07
CA LYS F 120 3.14 -16.98 -29.24
C LYS F 120 3.79 -16.42 -30.51
N ARG F 121 3.89 -15.10 -30.59
CA ARG F 121 4.51 -14.44 -31.73
C ARG F 121 6.01 -14.75 -31.80
N ALA F 122 6.60 -15.03 -30.64
CA ALA F 122 8.03 -15.30 -30.55
C ALA F 122 8.39 -16.72 -31.01
N MET F 123 7.44 -17.65 -30.87
CA MET F 123 7.69 -19.08 -31.09
C MET F 123 8.29 -19.43 -32.44
N GLY F 124 9.27 -20.32 -32.42
CA GLY F 124 10.02 -20.69 -33.61
C GLY F 124 11.17 -19.74 -33.92
N GLY F 125 11.33 -18.70 -33.09
CA GLY F 125 12.37 -17.69 -33.27
C GLY F 125 12.96 -17.19 -31.96
N VAL F 126 13.41 -15.93 -31.95
CA VAL F 126 14.02 -15.34 -30.76
C VAL F 126 13.22 -14.17 -30.19
N LEU F 127 12.92 -14.25 -28.90
CA LEU F 127 12.37 -13.12 -28.16
C LEU F 127 13.52 -12.32 -27.57
N PHE F 128 13.43 -10.99 -27.71
CA PHE F 128 14.51 -10.11 -27.30
C PHE F 128 14.02 -9.05 -26.33
N ILE F 129 14.26 -9.28 -25.05
CA ILE F 129 13.80 -8.37 -24.01
C ILE F 129 14.86 -7.32 -23.68
N ASP F 130 14.69 -6.13 -24.24
CA ASP F 130 15.56 -4.99 -23.99
C ASP F 130 15.36 -4.49 -22.56
N GLU F 131 16.46 -4.16 -21.88
CA GLU F 131 16.44 -3.71 -20.47
C GLU F 131 15.51 -4.55 -19.58
N ALA F 132 15.59 -5.87 -19.74
CA ALA F 132 14.70 -6.83 -19.10
C ALA F 132 14.48 -6.57 -17.61
N TYR F 133 15.52 -6.11 -16.92
CA TYR F 133 15.45 -5.86 -15.49
C TYR F 133 14.32 -4.91 -15.06
N TYR F 134 13.67 -4.27 -16.03
CA TYR F 134 12.55 -3.39 -15.73
C TYR F 134 11.25 -4.14 -15.47
N LEU F 135 11.27 -5.45 -15.74
CA LEU F 135 10.14 -6.32 -15.39
C LEU F 135 10.03 -6.47 -13.87
N TYR F 136 11.16 -6.38 -13.17
CA TYR F 136 11.17 -6.45 -11.72
C TYR F 136 11.11 -5.04 -11.12
N ARG F 137 9.90 -4.54 -10.89
CA ARG F 137 9.74 -3.25 -10.22
C ARG F 137 8.94 -3.37 -8.90
N PRO F 138 9.59 -3.85 -7.82
CA PRO F 138 8.94 -3.84 -6.51
C PRO F 138 9.04 -2.45 -5.89
N ASP F 139 9.70 -1.54 -6.62
CA ASP F 139 9.71 -0.12 -6.30
C ASP F 139 8.27 0.41 -6.45
N ASN F 140 7.61 -0.03 -7.52
CA ASN F 140 6.23 0.36 -7.82
C ASN F 140 5.21 -0.63 -7.29
N GLU F 141 4.10 -0.08 -6.76
CA GLU F 141 2.90 -0.87 -6.50
C GLU F 141 2.01 -0.76 -7.73
N ARG F 142 1.16 -1.77 -7.94
CA ARG F 142 0.24 -1.83 -9.09
C ARG F 142 0.94 -2.07 -10.45
N ASP F 143 2.26 -2.25 -10.44
CA ASP F 143 2.98 -2.80 -11.59
C ASP F 143 2.99 -4.32 -11.43
N TYR F 144 2.51 -5.05 -12.43
CA TYR F 144 2.34 -6.50 -12.30
C TYR F 144 3.39 -7.31 -13.04
N GLY F 145 4.62 -6.79 -13.03
CA GLY F 145 5.75 -7.36 -13.74
C GLY F 145 6.28 -8.70 -13.25
N GLN F 146 5.99 -9.07 -12.00
CA GLN F 146 6.45 -10.34 -11.43
C GLN F 146 5.81 -11.55 -12.09
N GLU F 147 4.58 -11.38 -12.58
CA GLU F 147 3.86 -12.43 -13.30
C GLU F 147 4.53 -12.74 -14.65
N ALA F 148 4.98 -11.67 -15.32
CA ALA F 148 5.71 -11.77 -16.59
C ALA F 148 7.04 -12.50 -16.38
N ILE F 149 7.69 -12.22 -15.26
CA ILE F 149 8.89 -12.94 -14.87
C ILE F 149 8.55 -14.42 -14.71
N GLU F 150 7.53 -14.72 -13.90
CA GLU F 150 7.13 -16.11 -13.68
C GLU F 150 6.87 -16.87 -14.97
N ILE F 151 6.07 -16.28 -15.87
CA ILE F 151 5.76 -16.90 -17.14
C ILE F 151 7.02 -17.04 -18.02
N LEU F 152 7.86 -16.01 -18.00
CA LEU F 152 9.13 -16.04 -18.74
C LEU F 152 10.02 -17.16 -18.24
N LEU F 153 10.23 -17.19 -16.93
CA LEU F 153 11.11 -18.14 -16.28
C LEU F 153 10.67 -19.58 -16.54
N GLN F 154 9.36 -19.80 -16.44
CA GLN F 154 8.76 -21.12 -16.68
C GLN F 154 9.02 -21.58 -18.11
N VAL F 155 8.92 -20.65 -19.07
CA VAL F 155 9.14 -20.95 -20.47
C VAL F 155 10.60 -21.33 -20.77
N MET F 156 11.54 -20.63 -20.15
CA MET F 156 12.97 -20.84 -20.36
C MET F 156 13.49 -22.20 -19.88
N GLU F 157 12.75 -22.85 -18.99
CA GLU F 157 13.07 -24.20 -18.52
C GLU F 157 12.24 -25.24 -19.28
N ASN F 158 10.91 -25.12 -19.21
CA ASN F 158 10.00 -26.13 -19.77
C ASN F 158 9.93 -26.15 -21.32
N ASN F 159 9.16 -25.23 -21.89
CA ASN F 159 8.90 -25.18 -23.35
C ASN F 159 10.12 -24.74 -24.19
N ARG F 160 11.16 -25.58 -24.21
CA ARG F 160 12.48 -25.20 -24.69
C ARG F 160 12.65 -25.14 -26.22
N ASP F 161 12.52 -26.31 -26.87
CA ASP F 161 12.94 -26.51 -28.27
C ASP F 161 12.24 -25.62 -29.32
N ASP F 162 11.38 -24.71 -28.86
CA ASP F 162 10.67 -23.82 -29.78
C ASP F 162 10.76 -22.32 -29.38
N LEU F 163 11.87 -21.94 -28.73
CA LEU F 163 12.12 -20.54 -28.36
C LEU F 163 13.48 -20.24 -27.72
N VAL F 164 14.08 -19.13 -28.14
CA VAL F 164 15.29 -18.60 -27.53
C VAL F 164 15.02 -17.19 -27.01
N VAL F 165 15.52 -16.90 -25.81
CA VAL F 165 15.33 -15.60 -25.17
C VAL F 165 16.66 -14.87 -25.03
N ILE F 166 16.67 -13.59 -25.37
CA ILE F 166 17.83 -12.74 -25.16
C ILE F 166 17.47 -11.52 -24.30
N LEU F 167 17.98 -11.53 -23.07
CA LEU F 167 17.85 -10.37 -22.18
C LEU F 167 19.00 -9.46 -22.52
N ALA F 168 18.73 -8.15 -22.54
CA ALA F 168 19.78 -7.20 -22.91
C ALA F 168 19.71 -5.91 -22.12
N GLY F 169 20.81 -5.16 -22.11
CA GLY F 169 20.86 -3.88 -21.44
C GLY F 169 22.11 -3.68 -20.65
N TYR F 170 22.12 -2.65 -19.81
CA TYR F 170 23.24 -2.34 -18.95
C TYR F 170 23.59 -3.52 -18.05
N ALA F 171 24.88 -3.76 -17.85
CA ALA F 171 25.36 -4.89 -17.05
C ALA F 171 25.15 -4.71 -15.56
N ASP F 172 25.46 -3.54 -15.02
CA ASP F 172 25.23 -3.33 -13.59
C ASP F 172 23.78 -3.69 -13.24
N ARG F 173 22.84 -3.26 -14.06
CA ARG F 173 21.42 -3.48 -13.81
C ARG F 173 20.99 -4.94 -14.05
N MET F 174 21.66 -5.60 -14.98
CA MET F 174 21.36 -7.00 -15.26
C MET F 174 21.80 -7.93 -14.15
N GLU F 175 23.00 -7.70 -13.64
CA GLU F 175 23.57 -8.56 -12.60
C GLU F 175 22.79 -8.45 -11.30
N ASN F 176 22.30 -7.24 -11.01
CA ASN F 176 21.38 -6.99 -9.91
C ASN F 176 20.06 -7.74 -10.07
N PHE F 177 19.60 -7.84 -11.32
CA PHE F 177 18.32 -8.47 -11.65
C PHE F 177 18.39 -9.97 -11.41
N PHE F 178 19.57 -10.55 -11.65
CA PHE F 178 19.84 -11.95 -11.38
C PHE F 178 19.94 -12.24 -9.87
N GLN F 179 20.47 -11.29 -9.10
CA GLN F 179 20.52 -11.42 -7.63
C GLN F 179 19.12 -11.65 -7.11
N SER F 180 18.23 -10.75 -7.52
CA SER F 180 16.86 -10.69 -7.06
C SER F 180 16.00 -11.80 -7.67
N ASN F 181 16.29 -12.13 -8.93
CA ASN F 181 15.60 -13.20 -9.62
C ASN F 181 16.58 -14.27 -10.06
N PRO F 182 16.97 -15.17 -9.14
CA PRO F 182 17.89 -16.22 -9.57
C PRO F 182 17.15 -17.28 -10.39
N GLY F 183 17.89 -18.18 -11.01
CA GLY F 183 17.27 -19.17 -11.87
C GLY F 183 17.36 -18.72 -13.31
N PHE F 184 17.73 -17.45 -13.49
CA PHE F 184 18.06 -16.93 -14.82
C PHE F 184 19.50 -17.23 -15.19
N ARG F 185 20.41 -17.08 -14.22
CA ARG F 185 21.83 -17.35 -14.43
C ARG F 185 22.07 -18.75 -14.99
N SER F 186 21.32 -19.72 -14.47
CA SER F 186 21.45 -21.10 -14.90
C SER F 186 20.77 -21.33 -16.25
N ARG F 187 19.91 -20.40 -16.64
CA ARG F 187 19.13 -20.55 -17.87
C ARG F 187 19.76 -19.82 -19.04
N ILE F 188 20.64 -18.87 -18.73
CA ILE F 188 21.44 -18.21 -19.76
C ILE F 188 22.74 -18.98 -19.92
N ALA F 189 22.96 -19.49 -21.13
CA ALA F 189 24.12 -20.29 -21.44
C ALA F 189 25.17 -19.39 -22.08
N HIS F 190 24.74 -18.23 -22.57
CA HIS F 190 25.62 -17.32 -23.28
C HIS F 190 25.57 -15.90 -22.72
N HIS F 191 26.58 -15.54 -21.95
CA HIS F 191 26.75 -14.16 -21.51
C HIS F 191 27.70 -13.46 -22.48
N ILE F 192 27.17 -12.51 -23.23
CA ILE F 192 27.98 -11.74 -24.17
C ILE F 192 28.07 -10.32 -23.69
N GLU F 193 29.30 -9.84 -23.49
CA GLU F 193 29.55 -8.47 -23.12
C GLU F 193 29.78 -7.65 -24.38
N PHE F 194 29.09 -6.51 -24.45
CA PHE F 194 29.25 -5.60 -25.56
C PHE F 194 30.01 -4.37 -25.05
N PRO F 195 31.30 -4.26 -25.39
CA PRO F 195 32.05 -3.11 -24.91
C PRO F 195 31.83 -1.91 -25.82
N ASP F 196 32.20 -0.71 -25.36
CA ASP F 196 32.10 0.49 -26.19
C ASP F 196 33.06 0.45 -27.37
N TYR F 197 33.46 6.64 -21.31
CA TYR F 197 34.03 6.03 -22.50
C TYR F 197 35.32 6.76 -22.87
N SER F 198 36.29 6.03 -23.40
CA SER F 198 37.52 6.64 -23.86
C SER F 198 37.20 7.51 -25.07
N ASP F 199 38.00 8.54 -25.30
CA ASP F 199 37.83 9.43 -26.45
C ASP F 199 37.57 8.69 -27.76
N GLU F 200 38.44 7.72 -28.09
CA GLU F 200 38.28 6.95 -29.31
C GLU F 200 36.89 6.33 -29.39
N GLU F 201 36.39 5.78 -28.28
CA GLU F 201 35.06 5.16 -28.24
C GLU F 201 33.93 6.17 -28.47
N LEU F 202 33.99 7.29 -27.76
CA LEU F 202 33.07 8.40 -27.98
C LEU F 202 33.02 8.86 -29.43
N PHE F 203 34.19 8.83 -30.08
CA PHE F 203 34.33 9.23 -31.47
C PHE F 203 33.73 8.17 -32.38
N GLU F 204 33.92 6.90 -32.02
CA GLU F 204 33.33 5.81 -32.78
C GLU F 204 31.82 5.96 -32.73
N ILE F 205 31.29 6.16 -31.52
CA ILE F 205 29.87 6.39 -31.30
C ILE F 205 29.36 7.54 -32.19
N ALA F 206 29.99 8.70 -32.05
CA ALA F 206 29.66 9.84 -32.92
C ALA F 206 29.58 9.41 -34.37
N GLY F 207 30.51 8.55 -34.78
CA GLY F 207 30.61 8.12 -36.16
C GLY F 207 29.45 7.23 -36.55
N HIS F 208 29.10 6.29 -35.68
CA HIS F 208 27.98 5.40 -35.93
C HIS F 208 26.68 6.17 -35.98
N MET F 209 26.45 7.04 -35.00
CA MET F 209 25.27 7.91 -34.99
C MET F 209 25.12 8.62 -36.33
N LEU F 210 26.20 9.18 -36.85
CA LEU F 210 26.14 9.89 -38.11
C LEU F 210 25.92 8.98 -39.32
N ASP F 211 26.35 7.73 -39.22
CA ASP F 211 26.11 6.79 -40.31
C ASP F 211 24.65 6.47 -40.35
N ASP F 212 24.08 6.19 -39.18
CA ASP F 212 22.67 5.87 -39.04
C ASP F 212 21.74 6.97 -39.56
N GLN F 213 22.23 8.21 -39.56
CA GLN F 213 21.47 9.36 -40.05
C GLN F 213 21.86 9.80 -41.47
N ASN F 214 22.79 9.09 -42.09
CA ASN F 214 23.38 9.53 -43.36
C ASN F 214 23.92 10.94 -43.31
N TYR F 215 24.91 11.14 -42.44
CA TYR F 215 25.72 12.35 -42.46
C TYR F 215 27.17 11.91 -42.38
N GLN F 216 28.04 12.63 -43.09
CA GLN F 216 29.47 12.42 -43.03
C GLN F 216 30.13 13.69 -42.49
N MET F 217 31.31 13.54 -41.87
CA MET F 217 32.10 14.70 -41.47
C MET F 217 33.24 14.92 -42.46
N THR F 218 33.71 16.16 -42.58
CA THR F 218 34.94 16.40 -43.33
C THR F 218 36.06 16.14 -42.37
N PRO F 219 37.19 15.58 -42.87
CA PRO F 219 38.35 15.33 -42.00
C PRO F 219 38.59 16.45 -40.96
N GLU F 220 38.54 17.71 -41.39
CA GLU F 220 38.69 18.88 -40.51
C GLU F 220 37.68 18.86 -39.37
N ALA F 221 36.46 18.45 -39.68
CA ALA F 221 35.40 18.38 -38.67
C ALA F 221 35.61 17.22 -37.70
N GLU F 222 36.21 16.13 -38.20
CA GLU F 222 36.52 14.99 -37.34
C GLU F 222 37.47 15.43 -36.23
N THR F 223 38.54 16.10 -36.62
CA THR F 223 39.50 16.57 -35.63
C THR F 223 38.82 17.60 -34.73
N ALA F 224 37.91 18.38 -35.31
CA ALA F 224 37.12 19.34 -34.53
C ALA F 224 36.27 18.66 -33.43
N LEU F 225 35.80 17.45 -33.70
CA LEU F 225 34.99 16.69 -32.75
C LEU F 225 35.86 16.12 -31.67
N ARG F 226 37.04 15.62 -32.06
CA ARG F 226 38.01 15.04 -31.11
C ARG F 226 38.41 16.08 -30.09
N ALA F 227 38.61 17.31 -30.57
CA ALA F 227 38.84 18.48 -29.72
C ALA F 227 37.64 18.67 -28.82
N TYR F 228 36.47 18.69 -29.42
CA TYR F 228 35.20 18.89 -28.73
C TYR F 228 35.04 17.90 -27.58
N ILE F 229 35.17 16.62 -27.89
CA ILE F 229 34.99 15.54 -26.92
C ILE F 229 35.88 15.76 -25.69
N GLY F 230 37.18 15.93 -25.93
CA GLY F 230 38.16 16.12 -24.86
C GLY F 230 37.79 17.26 -23.93
N LEU F 231 37.28 18.35 -24.50
CA LEU F 231 36.82 19.47 -23.70
C LEU F 231 35.55 19.11 -22.98
N ARG F 232 34.57 18.56 -23.70
CA ARG F 232 33.26 18.27 -23.12
C ARG F 232 33.33 17.37 -21.89
N ARG F 233 34.24 16.39 -21.90
CA ARG F 233 34.32 15.43 -20.81
C ARG F 233 34.83 16.04 -19.50
N ASN F 234 35.40 17.25 -19.59
CA ASN F 234 35.89 17.97 -18.42
C ASN F 234 34.92 19.02 -17.90
N GLN F 235 33.84 19.24 -18.66
CA GLN F 235 32.76 20.09 -18.20
C GLN F 235 31.73 19.26 -17.44
N PRO F 236 31.00 19.91 -16.50
CA PRO F 236 30.03 19.22 -15.64
C PRO F 236 28.93 18.45 -16.40
N HIS F 237 28.34 17.47 -15.73
CA HIS F 237 27.21 16.69 -16.26
C HIS F 237 27.49 16.12 -17.65
N PHE F 238 28.66 15.51 -17.81
CA PHE F 238 28.97 14.82 -19.03
C PHE F 238 28.19 13.53 -19.05
N ALA F 239 27.44 13.31 -20.12
CA ALA F 239 26.51 12.18 -20.18
C ALA F 239 26.90 11.18 -21.27
N ASN F 240 28.19 11.16 -21.61
CA ASN F 240 28.73 10.26 -22.63
C ASN F 240 27.94 10.31 -23.93
N ALA F 241 27.36 9.18 -24.31
CA ALA F 241 26.58 9.07 -25.54
C ALA F 241 25.51 10.15 -25.73
N ARG F 242 24.85 10.56 -24.64
CA ARG F 242 23.82 11.59 -24.72
C ARG F 242 24.46 12.91 -25.14
N SER F 243 25.57 13.26 -24.49
CA SER F 243 26.30 14.48 -24.83
C SER F 243 26.73 14.46 -26.31
N ILE F 244 27.04 13.28 -26.81
CA ILE F 244 27.40 13.09 -28.21
C ILE F 244 26.19 13.33 -29.13
N ARG F 245 25.08 12.61 -28.90
CA ARG F 245 23.83 12.89 -29.64
C ARG F 245 23.58 14.39 -29.63
N ASN F 246 23.58 14.97 -28.43
CA ASN F 246 23.29 16.38 -28.24
C ASN F 246 24.19 17.32 -29.05
N ALA F 247 25.47 16.99 -29.14
CA ALA F 247 26.41 17.79 -29.92
C ALA F 247 26.13 17.67 -31.41
N LEU F 248 25.87 16.44 -31.84
CA LEU F 248 25.53 16.13 -33.22
C LEU F 248 24.19 16.74 -33.65
N ASP F 249 23.22 16.70 -32.76
CA ASP F 249 21.96 17.40 -32.96
C ASP F 249 22.20 18.88 -33.23
N ARG F 250 22.99 19.51 -32.37
CA ARG F 250 23.25 20.94 -32.47
C ARG F 250 24.12 21.25 -33.69
N ALA F 251 25.01 20.32 -34.01
CA ALA F 251 25.82 20.42 -35.22
C ALA F 251 24.94 20.36 -36.47
N ARG F 252 24.04 19.39 -36.49
CA ARG F 252 23.05 19.24 -37.57
C ARG F 252 22.21 20.49 -37.75
N LEU F 253 21.77 21.08 -36.64
CA LEU F 253 21.01 22.32 -36.64
C LEU F 253 21.86 23.45 -37.24
N ARG F 254 23.12 23.53 -36.82
CA ARG F 254 24.05 24.53 -37.34
C ARG F 254 24.37 24.29 -38.83
N GLN F 255 24.50 23.03 -39.21
CA GLN F 255 24.80 22.70 -40.60
C GLN F 255 23.63 23.12 -41.49
N ALA F 256 22.41 22.89 -41.01
CA ALA F 256 21.21 23.25 -41.73
C ALA F 256 21.14 24.76 -41.96
N ASN F 257 21.45 25.51 -40.92
CA ASN F 257 21.43 26.98 -40.98
C ASN F 257 22.59 27.57 -41.75
N ARG F 258 23.74 26.90 -41.72
CA ARG F 258 24.89 27.29 -42.53
C ARG F 258 24.51 27.20 -44.00
N LEU F 259 23.94 26.07 -44.40
CA LEU F 259 23.52 25.84 -45.79
C LEU F 259 22.37 26.74 -46.24
N PHE F 260 21.36 26.88 -45.40
CA PHE F 260 20.23 27.74 -45.75
C PHE F 260 20.65 29.18 -45.96
N THR F 261 21.63 29.62 -45.18
CA THR F 261 22.07 31.00 -45.22
C THR F 261 23.04 31.28 -46.37
N ALA F 262 23.90 30.31 -46.68
CA ALA F 262 24.78 30.42 -47.85
C ALA F 262 23.97 30.57 -49.15
N SER F 263 23.33 29.48 -49.56
CA SER F 263 22.45 29.45 -50.75
C SER F 263 23.18 29.89 -52.03
N SER F 264 24.25 29.18 -52.39
CA SER F 264 24.94 29.39 -53.67
C SER F 264 23.98 29.13 -54.84
N GLY F 265 23.10 28.15 -54.65
CA GLY F 265 22.11 27.75 -55.65
C GLY F 265 21.61 26.35 -55.29
N PRO F 266 21.56 25.45 -56.29
CA PRO F 266 21.26 24.07 -55.94
C PRO F 266 22.45 23.46 -55.24
N LEU F 267 22.20 22.51 -54.35
CA LEU F 267 23.27 21.73 -53.74
C LEU F 267 22.89 20.25 -53.65
N ASP F 268 23.92 19.40 -53.67
CA ASP F 268 23.74 17.97 -53.83
C ASP F 268 23.86 17.21 -52.50
N ALA F 269 23.74 15.89 -52.58
CA ALA F 269 23.75 15.02 -51.41
C ALA F 269 24.97 15.22 -50.49
N ARG F 270 26.15 15.44 -51.06
CA ARG F 270 27.36 15.62 -50.26
C ARG F 270 27.26 16.88 -49.41
N ALA F 271 26.86 17.99 -50.04
CA ALA F 271 26.68 19.26 -49.34
C ALA F 271 25.68 19.14 -48.19
N LEU F 272 24.63 18.35 -48.40
CA LEU F 272 23.54 18.17 -47.44
C LEU F 272 23.83 17.08 -46.41
N SER F 273 24.73 16.17 -46.73
CA SER F 273 25.12 15.11 -45.81
C SER F 273 26.35 15.45 -44.97
N THR F 274 27.03 16.53 -45.33
CA THR F 274 28.30 16.84 -44.71
C THR F 274 28.15 17.78 -43.53
N ILE F 275 28.76 17.40 -42.40
CA ILE F 275 28.95 18.30 -41.28
C ILE F 275 30.37 18.87 -41.36
N ALA F 276 30.45 20.19 -41.44
CA ALA F 276 31.71 20.89 -41.61
C ALA F 276 32.28 21.38 -40.28
N GLU F 277 33.55 21.74 -40.32
CA GLU F 277 34.29 22.25 -39.15
C GLU F 277 33.56 23.39 -38.44
N GLU F 278 32.96 24.30 -39.22
CA GLU F 278 32.17 25.42 -38.69
C GLU F 278 31.09 24.93 -37.74
N ASP F 279 30.39 23.87 -38.13
CA ASP F 279 29.21 23.39 -37.42
C ASP F 279 29.52 22.90 -36.01
N ILE F 280 30.74 22.42 -35.81
CA ILE F 280 31.15 21.93 -34.50
C ILE F 280 31.86 23.01 -33.71
N ARG F 281 32.76 23.73 -34.37
CA ARG F 281 33.58 24.73 -33.67
C ARG F 281 32.80 25.94 -33.16
N ALA F 282 31.60 26.16 -33.72
CA ALA F 282 30.71 27.25 -33.30
C ALA F 282 30.15 27.05 -31.89
N SER F 283 30.42 25.89 -31.30
CA SER F 283 29.91 25.56 -29.97
C SER F 283 30.60 26.34 -28.85
N ARG F 284 29.79 26.77 -27.86
CA ARG F 284 30.28 27.48 -26.68
C ARG F 284 31.17 26.59 -25.83
N VAL F 285 31.15 25.29 -26.11
CA VAL F 285 32.11 24.35 -25.54
C VAL F 285 33.56 24.81 -25.84
N PHE F 286 33.74 25.50 -26.96
CA PHE F 286 35.05 26.05 -27.32
C PHE F 286 35.29 27.44 -26.74
N LYS F 287 34.22 28.11 -26.33
CA LYS F 287 34.34 29.39 -25.65
C LYS F 287 34.72 29.18 -24.18
N GLY F 288 34.25 28.07 -23.60
CA GLY F 288 34.51 27.74 -22.20
C GLY F 288 33.34 27.06 -21.49
N GLY F 289 32.15 27.14 -22.10
CA GLY F 289 30.94 26.53 -21.54
C GLY F 289 30.09 25.82 -22.59
#